data_2N9G
#
_entry.id   2N9G
#
_entity_poly.entity_id   1
_entity_poly.type   'polypeptide(L)'
_entity_poly.pdbx_seq_one_letter_code
;MSKNERDTSFNKNGCLVFVSRLWDLDKLGMFHHPVSAEELPDYHTVIKRPVDLSSIRDGIEKGTYATDVDVQNDVARMIT
NALEYNAKGSTWYQEAMSFRKTYLDLARQSG
;
_entity_poly.pdbx_strand_id   A
#
# COMPACT_ATOMS: atom_id res chain seq x y z
N MET A 1 11.14 3.03 20.80
CA MET A 1 10.08 2.15 20.31
C MET A 1 8.72 2.86 20.34
N SER A 2 8.05 2.88 19.20
CA SER A 2 6.75 3.52 19.09
C SER A 2 6.83 4.97 19.54
N LYS A 3 5.67 5.61 19.68
CA LYS A 3 5.60 7.00 20.11
C LYS A 3 4.32 7.27 20.89
N ASN A 4 3.19 6.82 20.33
CA ASN A 4 1.90 7.02 20.98
C ASN A 4 0.78 6.39 20.14
N GLU A 5 -0.32 6.03 20.81
CA GLU A 5 -1.46 5.43 20.13
C GLU A 5 -1.95 6.33 19.00
N ARG A 6 -1.71 7.63 19.14
CA ARG A 6 -2.14 8.60 18.14
C ARG A 6 -1.72 10.02 18.53
N ASP A 7 -0.86 10.61 17.73
CA ASP A 7 -0.37 11.96 17.99
C ASP A 7 -0.77 12.91 16.86
N THR A 8 -1.88 12.59 16.20
CA THR A 8 -2.37 13.41 15.10
C THR A 8 -1.26 13.72 14.10
N SER A 9 -0.47 12.71 13.77
CA SER A 9 0.63 12.86 12.82
C SER A 9 1.07 11.52 12.27
N PHE A 10 1.37 10.58 13.17
CA PHE A 10 1.81 9.24 12.77
C PHE A 10 0.71 8.22 13.03
N ASN A 11 0.24 7.59 11.96
CA ASN A 11 -0.81 6.58 12.07
C ASN A 11 -0.23 5.17 11.93
N LYS A 12 0.38 4.68 13.01
CA LYS A 12 0.97 3.35 13.00
C LYS A 12 -0.04 2.30 12.56
N ASN A 13 -1.31 2.51 12.90
CA ASN A 13 -2.37 1.60 12.53
C ASN A 13 -2.43 1.40 11.02
N GLY A 14 -2.28 2.50 10.28
CA GLY A 14 -2.31 2.44 8.83
C GLY A 14 -1.18 1.61 8.26
N CYS A 15 0.00 1.72 8.86
CA CYS A 15 1.16 0.98 8.41
C CYS A 15 1.00 -0.52 8.68
N LEU A 16 0.43 -0.84 9.84
CA LEU A 16 0.21 -2.23 10.23
C LEU A 16 -0.80 -2.90 9.31
N VAL A 17 -1.90 -2.21 9.06
CA VAL A 17 -2.95 -2.73 8.19
C VAL A 17 -2.48 -2.82 6.75
N PHE A 18 -1.67 -1.85 6.33
CA PHE A 18 -1.15 -1.82 4.98
C PHE A 18 -0.24 -3.00 4.71
N VAL A 19 0.82 -3.13 5.51
CA VAL A 19 1.76 -4.23 5.35
C VAL A 19 1.07 -5.57 5.56
N SER A 20 0.15 -5.62 6.51
CA SER A 20 -0.58 -6.85 6.81
C SER A 20 -1.39 -7.31 5.61
N ARG A 21 -2.15 -6.39 5.03
CA ARG A 21 -2.97 -6.71 3.86
C ARG A 21 -2.11 -6.97 2.64
N LEU A 22 -1.03 -6.19 2.50
CA LEU A 22 -0.12 -6.35 1.38
C LEU A 22 0.48 -7.75 1.34
N TRP A 23 0.85 -8.25 2.51
CA TRP A 23 1.43 -9.59 2.62
C TRP A 23 0.45 -10.65 2.15
N ASP A 24 -0.83 -10.45 2.45
CA ASP A 24 -1.87 -11.39 2.06
C ASP A 24 -2.07 -11.37 0.55
N LEU A 25 -2.22 -10.17 -0.01
CA LEU A 25 -2.42 -10.02 -1.44
C LEU A 25 -1.28 -10.64 -2.23
N ASP A 26 -0.05 -10.27 -1.88
CA ASP A 26 1.13 -10.80 -2.55
C ASP A 26 1.40 -12.24 -2.14
N LYS A 27 0.81 -13.18 -2.87
CA LYS A 27 0.98 -14.60 -2.59
C LYS A 27 2.46 -14.96 -2.48
N LEU A 28 3.28 -14.31 -3.28
CA LEU A 28 4.72 -14.56 -3.28
C LEU A 28 5.30 -14.34 -1.89
N GLY A 29 4.67 -13.45 -1.13
CA GLY A 29 5.14 -13.16 0.22
C GLY A 29 6.41 -12.33 0.23
N MET A 30 6.47 -11.36 1.14
CA MET A 30 7.64 -10.49 1.23
C MET A 30 7.82 -9.66 -0.04
N PHE A 31 6.71 -9.31 -0.67
CA PHE A 31 6.74 -8.53 -1.90
C PHE A 31 6.64 -7.04 -1.60
N HIS A 32 7.67 -6.29 -1.97
CA HIS A 32 7.69 -4.85 -1.74
C HIS A 32 8.78 -4.18 -2.57
N HIS A 33 8.61 -4.19 -3.89
CA HIS A 33 9.58 -3.58 -4.79
C HIS A 33 8.91 -3.13 -6.08
N PRO A 34 9.53 -2.15 -6.76
CA PRO A 34 9.01 -1.61 -8.02
C PRO A 34 9.13 -2.60 -9.17
N VAL A 35 8.18 -2.53 -10.10
CA VAL A 35 8.17 -3.43 -11.25
C VAL A 35 9.26 -3.05 -12.24
N SER A 36 9.84 -4.06 -12.90
CA SER A 36 10.91 -3.83 -13.87
C SER A 36 10.32 -3.37 -15.20
N ALA A 37 11.00 -2.40 -15.83
CA ALA A 37 10.55 -1.88 -17.11
C ALA A 37 10.61 -2.94 -18.21
N GLU A 38 11.61 -3.81 -18.12
CA GLU A 38 11.78 -4.88 -19.09
C GLU A 38 10.48 -5.67 -19.28
N GLU A 39 9.82 -5.96 -18.16
CA GLU A 39 8.57 -6.71 -18.19
C GLU A 39 7.38 -5.76 -18.25
N LEU A 40 7.56 -4.56 -17.72
CA LEU A 40 6.49 -3.56 -17.72
C LEU A 40 6.91 -2.31 -18.47
N PRO A 41 6.79 -2.34 -19.80
CA PRO A 41 7.15 -1.22 -20.66
C PRO A 41 6.20 -0.04 -20.51
N ASP A 42 5.04 -0.30 -19.91
CA ASP A 42 4.03 0.74 -19.71
C ASP A 42 3.85 1.03 -18.22
N TYR A 43 4.87 0.71 -17.44
CA TYR A 43 4.82 0.93 -15.99
C TYR A 43 4.43 2.37 -15.67
N HIS A 44 4.84 3.29 -16.54
CA HIS A 44 4.52 4.71 -16.35
C HIS A 44 3.03 4.95 -16.46
N THR A 45 2.36 4.19 -17.32
CA THR A 45 0.93 4.31 -17.53
C THR A 45 0.15 3.48 -16.53
N VAL A 46 0.60 2.24 -16.33
CA VAL A 46 -0.06 1.33 -15.39
C VAL A 46 0.14 1.78 -13.96
N ILE A 47 1.40 2.01 -13.58
CA ILE A 47 1.72 2.46 -12.22
C ILE A 47 2.46 3.80 -12.25
N LYS A 48 1.72 4.86 -12.50
CA LYS A 48 2.30 6.21 -12.55
C LYS A 48 3.10 6.50 -11.28
N ARG A 49 2.70 5.86 -10.18
CA ARG A 49 3.39 6.06 -8.91
C ARG A 49 3.81 4.71 -8.32
N PRO A 50 5.06 4.33 -8.57
CA PRO A 50 5.63 3.06 -8.06
C PRO A 50 5.83 3.08 -6.56
N VAL A 51 5.92 1.90 -5.96
CA VAL A 51 6.12 1.77 -4.52
C VAL A 51 7.25 0.80 -4.21
N ASP A 52 8.17 1.23 -3.35
CA ASP A 52 9.30 0.40 -2.96
C ASP A 52 9.43 0.33 -1.44
N LEU A 53 10.03 -0.75 -0.94
CA LEU A 53 10.21 -0.94 0.49
C LEU A 53 11.06 0.18 1.08
N SER A 54 12.13 0.53 0.39
CA SER A 54 13.03 1.59 0.84
C SER A 54 12.33 2.94 0.82
N SER A 55 11.48 3.15 -0.18
CA SER A 55 10.75 4.40 -0.32
C SER A 55 9.67 4.52 0.75
N ILE A 56 8.96 3.42 0.99
CA ILE A 56 7.90 3.40 1.99
C ILE A 56 8.46 3.46 3.40
N ARG A 57 9.44 2.61 3.67
CA ARG A 57 10.07 2.56 4.98
C ARG A 57 10.72 3.90 5.32
N ASP A 58 11.31 4.54 4.32
CA ASP A 58 11.96 5.83 4.52
C ASP A 58 10.93 6.94 4.69
N GLY A 59 9.79 6.80 4.01
CA GLY A 59 8.74 7.80 4.10
C GLY A 59 8.13 7.85 5.48
N ILE A 60 7.75 6.70 6.02
CA ILE A 60 7.14 6.62 7.34
C ILE A 60 8.15 6.99 8.43
N GLU A 61 9.37 6.53 8.27
CA GLU A 61 10.42 6.81 9.24
C GLU A 61 10.72 8.31 9.30
N LYS A 62 10.76 8.95 8.14
CA LYS A 62 11.03 10.38 8.07
C LYS A 62 9.78 11.19 8.42
N GLY A 63 8.61 10.59 8.20
CA GLY A 63 7.37 11.27 8.49
C GLY A 63 6.82 12.02 7.30
N THR A 64 7.13 11.55 6.10
CA THR A 64 6.67 12.18 4.87
C THR A 64 5.19 12.54 4.97
N TYR A 65 4.42 11.69 5.64
CA TYR A 65 2.99 11.92 5.81
C TYR A 65 2.72 13.20 6.59
N ALA A 66 1.45 13.45 6.88
CA ALA A 66 1.07 14.64 7.63
C ALA A 66 0.06 14.30 8.72
N THR A 67 -0.84 13.37 8.42
CA THR A 67 -1.86 12.96 9.39
C THR A 67 -2.61 11.74 8.88
N ASP A 68 -3.67 11.37 9.59
CA ASP A 68 -4.48 10.21 9.23
C ASP A 68 -5.06 10.38 7.83
N VAL A 69 -5.32 11.63 7.45
CA VAL A 69 -5.88 11.91 6.13
C VAL A 69 -4.86 11.63 5.03
N ASP A 70 -3.66 12.15 5.19
CA ASP A 70 -2.59 11.94 4.22
C ASP A 70 -2.27 10.45 4.07
N VAL A 71 -2.19 9.76 5.19
CA VAL A 71 -1.89 8.33 5.20
C VAL A 71 -2.98 7.54 4.50
N GLN A 72 -4.23 7.88 4.80
CA GLN A 72 -5.37 7.20 4.20
C GLN A 72 -5.36 7.35 2.69
N ASN A 73 -5.17 8.58 2.23
CA ASN A 73 -5.14 8.87 0.80
C ASN A 73 -4.01 8.10 0.11
N ASP A 74 -2.84 8.12 0.72
CA ASP A 74 -1.68 7.42 0.17
C ASP A 74 -1.97 5.94 0.00
N VAL A 75 -2.49 5.31 1.06
CA VAL A 75 -2.81 3.89 1.02
C VAL A 75 -3.82 3.58 -0.08
N ALA A 76 -4.84 4.42 -0.19
CA ALA A 76 -5.88 4.23 -1.21
C ALA A 76 -5.27 4.23 -2.61
N ARG A 77 -4.41 5.22 -2.87
CA ARG A 77 -3.77 5.33 -4.17
C ARG A 77 -2.93 4.09 -4.48
N MET A 78 -2.18 3.63 -3.48
CA MET A 78 -1.34 2.45 -3.63
C MET A 78 -2.17 1.23 -4.01
N ILE A 79 -3.32 1.08 -3.36
CA ILE A 79 -4.20 -0.05 -3.63
C ILE A 79 -4.75 0.01 -5.04
N THR A 80 -5.18 1.19 -5.46
CA THR A 80 -5.74 1.38 -6.80
C THR A 80 -4.71 1.03 -7.87
N ASN A 81 -3.48 1.50 -7.68
CA ASN A 81 -2.42 1.23 -8.64
C ASN A 81 -2.10 -0.26 -8.71
N ALA A 82 -1.98 -0.88 -7.54
CA ALA A 82 -1.68 -2.31 -7.46
C ALA A 82 -2.76 -3.12 -8.19
N LEU A 83 -4.01 -2.74 -8.01
CA LEU A 83 -5.12 -3.43 -8.64
C LEU A 83 -5.10 -3.23 -10.15
N GLU A 84 -4.73 -2.02 -10.58
CA GLU A 84 -4.67 -1.71 -12.00
C GLU A 84 -3.61 -2.55 -12.70
N TYR A 85 -2.54 -2.85 -11.98
CA TYR A 85 -1.45 -3.65 -12.53
C TYR A 85 -1.71 -5.14 -12.36
N ASN A 86 -2.32 -5.50 -11.23
CA ASN A 86 -2.64 -6.89 -10.95
C ASN A 86 -3.96 -7.30 -11.60
N ALA A 87 -4.57 -6.36 -12.32
CA ALA A 87 -5.83 -6.61 -12.99
C ALA A 87 -5.65 -7.60 -14.15
N LYS A 88 -5.89 -8.88 -13.87
CA LYS A 88 -5.76 -9.91 -14.89
C LYS A 88 -7.05 -10.70 -15.04
N GLY A 89 -7.44 -11.39 -13.96
CA GLY A 89 -8.65 -12.19 -13.99
C GLY A 89 -8.52 -13.47 -13.20
N SER A 90 -7.28 -13.87 -12.91
CA SER A 90 -7.04 -15.09 -12.16
C SER A 90 -7.48 -14.95 -10.71
N THR A 91 -7.11 -15.91 -9.88
CA THR A 91 -7.48 -15.90 -8.47
C THR A 91 -6.83 -14.70 -7.75
N TRP A 92 -5.69 -14.27 -8.25
CA TRP A 92 -4.98 -13.13 -7.66
C TRP A 92 -5.77 -11.85 -7.83
N TYR A 93 -6.45 -11.72 -8.96
CA TYR A 93 -7.24 -10.53 -9.25
C TYR A 93 -8.42 -10.42 -8.27
N GLN A 94 -9.15 -11.51 -8.10
CA GLN A 94 -10.29 -11.53 -7.20
C GLN A 94 -9.85 -11.33 -5.76
N GLU A 95 -8.77 -12.00 -5.37
CA GLU A 95 -8.24 -11.90 -4.02
C GLU A 95 -7.84 -10.46 -3.69
N ALA A 96 -7.19 -9.81 -4.66
CA ALA A 96 -6.75 -8.43 -4.49
C ALA A 96 -7.94 -7.48 -4.39
N MET A 97 -8.93 -7.68 -5.27
CA MET A 97 -10.11 -6.84 -5.28
C MET A 97 -10.95 -7.06 -4.02
N SER A 98 -11.00 -8.31 -3.55
CA SER A 98 -11.77 -8.64 -2.36
C SER A 98 -11.12 -8.03 -1.11
N PHE A 99 -9.80 -8.12 -1.04
CA PHE A 99 -9.07 -7.58 0.11
C PHE A 99 -9.12 -6.05 0.11
N ARG A 100 -9.08 -5.46 -1.08
CA ARG A 100 -9.12 -4.01 -1.22
C ARG A 100 -10.35 -3.43 -0.54
N LYS A 101 -11.39 -4.25 -0.40
CA LYS A 101 -12.63 -3.83 0.23
C LYS A 101 -12.42 -3.59 1.72
N THR A 102 -11.41 -4.23 2.28
CA THR A 102 -11.11 -4.09 3.70
C THR A 102 -9.74 -3.44 3.91
N TYR A 103 -9.00 -3.27 2.81
CA TYR A 103 -7.68 -2.67 2.88
C TYR A 103 -7.77 -1.21 3.35
N LEU A 104 -8.61 -0.43 2.68
CA LEU A 104 -8.79 0.98 3.03
C LEU A 104 -9.54 1.11 4.35
N ASP A 105 -10.55 0.27 4.54
CA ASP A 105 -11.35 0.30 5.77
C ASP A 105 -10.45 0.14 6.99
N LEU A 106 -9.55 -0.83 6.94
CA LEU A 106 -8.64 -1.09 8.05
C LEU A 106 -7.65 0.06 8.23
N ALA A 107 -7.46 0.83 7.16
CA ALA A 107 -6.54 1.96 7.19
C ALA A 107 -7.31 3.28 7.17
N ARG A 108 -8.35 3.37 7.98
CA ARG A 108 -9.16 4.59 8.05
C ARG A 108 -10.21 4.47 9.15
N GLN A 109 -10.83 3.29 9.25
CA GLN A 109 -11.86 3.06 10.26
C GLN A 109 -11.24 2.97 11.65
N SER A 110 -10.04 2.43 11.73
CA SER A 110 -9.35 2.28 13.00
C SER A 110 -8.89 3.64 13.53
N GLY A 111 -8.69 4.58 12.63
CA GLY A 111 -8.26 5.92 13.02
C GLY A 111 -9.39 6.92 12.99
N MET A 1 10.08 0.66 18.54
CA MET A 1 8.68 0.69 18.94
C MET A 1 8.09 2.09 18.76
N SER A 2 8.95 3.10 18.88
CA SER A 2 8.52 4.49 18.74
C SER A 2 8.09 4.79 17.31
N LYS A 3 7.81 6.05 17.04
CA LYS A 3 7.39 6.47 15.70
C LYS A 3 7.88 7.88 15.39
N ASN A 4 7.44 8.84 16.18
CA ASN A 4 7.84 10.23 16.00
C ASN A 4 7.37 11.11 17.16
N GLU A 5 7.80 12.36 17.16
CA GLU A 5 7.42 13.29 18.22
C GLU A 5 5.90 13.51 18.24
N ARG A 6 5.33 13.74 17.07
CA ARG A 6 3.89 13.96 16.96
C ARG A 6 3.11 12.75 17.49
N ASP A 7 1.79 12.83 17.41
CA ASP A 7 0.93 11.75 17.88
C ASP A 7 -0.46 11.85 17.27
N THR A 8 -0.98 13.07 17.20
CA THR A 8 -2.30 13.31 16.62
C THR A 8 -2.23 13.50 15.11
N SER A 9 -1.74 12.48 14.42
CA SER A 9 -1.62 12.55 12.96
C SER A 9 -1.48 11.15 12.37
N PHE A 10 -0.50 10.40 12.87
CA PHE A 10 -0.25 9.04 12.39
C PHE A 10 -0.87 8.01 13.32
N ASN A 11 -1.66 7.11 12.76
CA ASN A 11 -2.32 6.07 13.55
C ASN A 11 -1.63 4.72 13.36
N LYS A 12 -1.00 4.24 14.42
CA LYS A 12 -0.30 2.96 14.39
C LYS A 12 -1.21 1.86 13.86
N ASN A 13 -2.50 1.96 14.17
CA ASN A 13 -3.47 0.97 13.74
C ASN A 13 -3.48 0.84 12.21
N GLY A 14 -3.47 1.98 11.53
CA GLY A 14 -3.46 1.98 10.07
C GLY A 14 -2.25 1.27 9.50
N CYS A 15 -1.10 1.45 10.14
CA CYS A 15 0.13 0.81 9.69
C CYS A 15 0.08 -0.69 9.89
N LEU A 16 -0.48 -1.12 11.02
CA LEU A 16 -0.59 -2.54 11.33
C LEU A 16 -1.51 -3.25 10.34
N VAL A 17 -2.66 -2.64 10.07
CA VAL A 17 -3.62 -3.21 9.14
C VAL A 17 -3.10 -3.18 7.72
N PHE A 18 -2.36 -2.12 7.38
CA PHE A 18 -1.80 -1.97 6.05
C PHE A 18 -0.80 -3.09 5.76
N VAL A 19 0.24 -3.18 6.58
CA VAL A 19 1.27 -4.20 6.41
C VAL A 19 0.68 -5.59 6.53
N SER A 20 -0.28 -5.75 7.43
CA SER A 20 -0.94 -7.04 7.64
C SER A 20 -1.64 -7.51 6.37
N ARG A 21 -2.43 -6.63 5.77
CA ARG A 21 -3.16 -6.95 4.56
C ARG A 21 -2.20 -7.12 3.38
N LEU A 22 -1.17 -6.29 3.34
CA LEU A 22 -0.18 -6.35 2.27
C LEU A 22 0.50 -7.72 2.23
N TRP A 23 0.87 -8.22 3.40
CA TRP A 23 1.53 -9.52 3.50
C TRP A 23 0.65 -10.62 2.93
N ASP A 24 -0.66 -10.50 3.15
CA ASP A 24 -1.60 -11.49 2.66
C ASP A 24 -1.73 -11.42 1.14
N LEU A 25 -1.91 -10.22 0.63
CA LEU A 25 -2.04 -10.02 -0.81
C LEU A 25 -0.80 -10.52 -1.55
N ASP A 26 0.36 -10.35 -0.93
CA ASP A 26 1.61 -10.80 -1.52
C ASP A 26 1.74 -12.32 -1.45
N LYS A 27 1.01 -13.00 -2.33
CA LYS A 27 1.04 -14.46 -2.37
C LYS A 27 2.40 -14.96 -2.86
N LEU A 28 3.02 -14.20 -3.75
CA LEU A 28 4.31 -14.57 -4.30
C LEU A 28 5.30 -14.89 -3.19
N GLY A 29 5.14 -14.24 -2.05
CA GLY A 29 6.03 -14.47 -0.93
C GLY A 29 7.27 -13.60 -0.98
N MET A 30 7.95 -13.62 -2.13
CA MET A 30 9.16 -12.82 -2.30
C MET A 30 8.85 -11.50 -2.99
N PHE A 31 7.71 -10.90 -2.64
CA PHE A 31 7.30 -9.63 -3.23
C PHE A 31 7.38 -8.50 -2.20
N HIS A 32 8.21 -7.51 -2.50
CA HIS A 32 8.38 -6.37 -1.61
C HIS A 32 9.30 -5.32 -2.23
N HIS A 33 9.16 -5.12 -3.55
CA HIS A 33 9.99 -4.15 -4.27
C HIS A 33 9.27 -3.66 -5.52
N PRO A 34 9.69 -2.47 -6.01
CA PRO A 34 9.09 -1.86 -7.19
C PRO A 34 9.43 -2.63 -8.48
N VAL A 35 8.51 -2.60 -9.44
CA VAL A 35 8.72 -3.29 -10.70
C VAL A 35 9.77 -2.58 -11.56
N SER A 36 10.55 -3.36 -12.28
CA SER A 36 11.61 -2.82 -13.14
C SER A 36 11.02 -2.27 -14.43
N ALA A 37 11.55 -1.13 -14.89
CA ALA A 37 11.08 -0.52 -16.12
C ALA A 37 11.24 -1.46 -17.31
N GLU A 38 12.28 -2.28 -17.27
CA GLU A 38 12.55 -3.23 -18.35
C GLU A 38 11.31 -4.05 -18.66
N GLU A 39 10.57 -4.42 -17.62
CA GLU A 39 9.36 -5.22 -17.78
C GLU A 39 8.13 -4.32 -17.92
N LEU A 40 8.17 -3.18 -17.24
CA LEU A 40 7.06 -2.23 -17.28
C LEU A 40 7.55 -0.83 -17.61
N PRO A 41 7.87 -0.61 -18.90
CA PRO A 41 8.35 0.69 -19.38
C PRO A 41 7.28 1.76 -19.37
N ASP A 42 6.03 1.32 -19.26
CA ASP A 42 4.89 2.25 -19.23
C ASP A 42 4.24 2.26 -17.85
N TYR A 43 4.98 1.81 -16.84
CA TYR A 43 4.48 1.78 -15.47
C TYR A 43 3.95 3.14 -15.05
N HIS A 44 4.60 4.19 -15.53
CA HIS A 44 4.20 5.56 -15.20
C HIS A 44 2.81 5.86 -15.73
N THR A 45 2.52 5.35 -16.93
CA THR A 45 1.21 5.56 -17.55
C THR A 45 0.20 4.52 -17.08
N VAL A 46 0.69 3.49 -16.40
CA VAL A 46 -0.18 2.43 -15.91
C VAL A 46 -0.64 2.72 -14.47
N ILE A 47 0.32 2.99 -13.60
CA ILE A 47 0.01 3.30 -12.20
C ILE A 47 0.54 4.67 -11.81
N LYS A 48 1.61 5.10 -12.46
CA LYS A 48 2.21 6.40 -12.18
C LYS A 48 2.97 6.38 -10.86
N ARG A 49 2.27 6.08 -9.78
CA ARG A 49 2.89 6.02 -8.46
C ARG A 49 3.04 4.58 -7.99
N PRO A 50 4.24 4.01 -8.22
CA PRO A 50 4.54 2.63 -7.83
C PRO A 50 4.64 2.46 -6.32
N VAL A 51 5.13 1.30 -5.89
CA VAL A 51 5.27 1.02 -4.47
C VAL A 51 6.60 0.33 -4.18
N ASP A 52 7.34 0.85 -3.21
CA ASP A 52 8.63 0.30 -2.83
C ASP A 52 8.67 -0.01 -1.33
N LEU A 53 9.52 -0.96 -0.95
CA LEU A 53 9.67 -1.34 0.44
C LEU A 53 10.51 -0.32 1.21
N SER A 54 11.62 0.09 0.60
CA SER A 54 12.52 1.06 1.22
C SER A 54 11.86 2.43 1.32
N SER A 55 11.08 2.79 0.29
CA SER A 55 10.39 4.08 0.28
C SER A 55 9.44 4.19 1.46
N ILE A 56 8.67 3.15 1.70
CA ILE A 56 7.71 3.13 2.80
C ILE A 56 8.41 3.27 4.15
N ARG A 57 9.46 2.49 4.34
CA ARG A 57 10.23 2.52 5.58
C ARG A 57 10.80 3.92 5.83
N ASP A 58 11.25 4.56 4.77
CA ASP A 58 11.82 5.90 4.87
C ASP A 58 10.73 6.93 5.13
N GLY A 59 9.58 6.74 4.50
CA GLY A 59 8.47 7.66 4.68
C GLY A 59 7.97 7.69 6.12
N ILE A 60 7.81 6.51 6.71
CA ILE A 60 7.34 6.41 8.08
C ILE A 60 8.27 7.14 9.04
N GLU A 61 9.56 6.90 8.91
CA GLU A 61 10.56 7.55 9.76
C GLU A 61 10.60 9.05 9.51
N LYS A 62 10.32 9.45 8.28
CA LYS A 62 10.32 10.85 7.91
C LYS A 62 9.05 11.55 8.38
N GLY A 63 8.00 10.76 8.57
CA GLY A 63 6.73 11.32 9.01
C GLY A 63 5.81 11.69 7.86
N THR A 64 5.97 10.99 6.74
CA THR A 64 5.15 11.25 5.56
C THR A 64 3.69 11.44 5.94
N TYR A 65 3.16 10.54 6.75
CA TYR A 65 1.77 10.61 7.18
C TYR A 65 1.50 11.90 7.95
N ALA A 66 0.69 12.78 7.37
CA ALA A 66 0.36 14.04 7.99
C ALA A 66 -0.86 13.90 8.91
N THR A 67 -1.80 13.06 8.50
CA THR A 67 -3.02 12.83 9.28
C THR A 67 -3.78 11.62 8.77
N ASP A 68 -4.95 11.38 9.34
CA ASP A 68 -5.78 10.25 8.94
C ASP A 68 -6.14 10.33 7.46
N VAL A 69 -6.34 11.55 6.98
CA VAL A 69 -6.69 11.78 5.58
C VAL A 69 -5.56 11.35 4.65
N ASP A 70 -4.34 11.79 4.98
CA ASP A 70 -3.17 11.45 4.17
C ASP A 70 -2.93 9.95 4.17
N VAL A 71 -3.13 9.31 5.33
CA VAL A 71 -2.94 7.88 5.46
C VAL A 71 -3.95 7.11 4.62
N GLN A 72 -5.20 7.55 4.66
CA GLN A 72 -6.27 6.90 3.90
C GLN A 72 -6.00 6.99 2.41
N ASN A 73 -5.65 8.18 1.93
CA ASN A 73 -5.37 8.38 0.52
C ASN A 73 -4.17 7.56 0.08
N ASP A 74 -3.14 7.52 0.92
CA ASP A 74 -1.92 6.77 0.62
C ASP A 74 -2.23 5.29 0.45
N VAL A 75 -2.96 4.73 1.41
CA VAL A 75 -3.32 3.32 1.38
C VAL A 75 -4.18 3.01 0.16
N ALA A 76 -5.10 3.91 -0.16
CA ALA A 76 -5.98 3.73 -1.31
C ALA A 76 -5.19 3.69 -2.61
N ARG A 77 -4.18 4.54 -2.71
CA ARG A 77 -3.34 4.60 -3.91
C ARG A 77 -2.47 3.35 -4.02
N MET A 78 -2.02 2.85 -2.88
CA MET A 78 -1.17 1.66 -2.84
C MET A 78 -1.94 0.43 -3.31
N ILE A 79 -3.15 0.26 -2.77
CA ILE A 79 -3.99 -0.87 -3.14
C ILE A 79 -4.46 -0.77 -4.58
N THR A 80 -4.75 0.45 -5.02
CA THR A 80 -5.21 0.69 -6.38
C THR A 80 -4.12 0.35 -7.40
N ASN A 81 -2.90 0.82 -7.14
CA ASN A 81 -1.78 0.56 -8.03
C ASN A 81 -1.37 -0.91 -7.99
N ALA A 82 -1.48 -1.51 -6.81
CA ALA A 82 -1.13 -2.92 -6.63
C ALA A 82 -2.08 -3.82 -7.40
N LEU A 83 -3.37 -3.52 -7.32
CA LEU A 83 -4.39 -4.31 -8.01
C LEU A 83 -4.33 -4.08 -9.51
N GLU A 84 -4.01 -2.85 -9.91
CA GLU A 84 -3.92 -2.49 -11.32
C GLU A 84 -2.79 -3.26 -11.99
N TYR A 85 -1.70 -3.47 -11.26
CA TYR A 85 -0.55 -4.18 -11.79
C TYR A 85 -0.69 -5.68 -11.59
N ASN A 86 -1.28 -6.06 -10.45
CA ASN A 86 -1.48 -7.47 -10.13
C ASN A 86 -2.71 -8.02 -10.87
N ALA A 87 -3.39 -7.16 -11.61
CA ALA A 87 -4.56 -7.56 -12.37
C ALA A 87 -4.19 -8.49 -13.51
N LYS A 88 -4.29 -9.80 -13.27
CA LYS A 88 -3.97 -10.79 -14.28
C LYS A 88 -4.17 -12.21 -13.73
N GLY A 89 -4.73 -13.08 -14.55
CA GLY A 89 -4.97 -14.45 -14.13
C GLY A 89 -6.44 -14.73 -13.85
N SER A 90 -7.27 -13.71 -14.03
CA SER A 90 -8.70 -13.85 -13.79
C SER A 90 -8.99 -13.93 -12.28
N THR A 91 -8.58 -15.04 -11.68
CA THR A 91 -8.81 -15.24 -10.25
C THR A 91 -8.01 -14.24 -9.42
N TRP A 92 -6.76 -14.03 -9.82
CA TRP A 92 -5.88 -13.09 -9.11
C TRP A 92 -6.54 -11.71 -9.01
N TYR A 93 -7.09 -11.24 -10.13
CA TYR A 93 -7.74 -9.94 -10.16
C TYR A 93 -8.84 -9.84 -9.10
N GLN A 94 -9.64 -10.89 -9.00
CA GLN A 94 -10.73 -10.93 -8.02
C GLN A 94 -10.18 -10.91 -6.60
N GLU A 95 -9.08 -11.63 -6.39
CA GLU A 95 -8.46 -11.70 -5.07
C GLU A 95 -8.00 -10.32 -4.61
N ALA A 96 -7.34 -9.59 -5.50
CA ALA A 96 -6.84 -8.26 -5.19
C ALA A 96 -8.00 -7.29 -4.96
N MET A 97 -9.02 -7.39 -5.81
CA MET A 97 -10.19 -6.52 -5.70
C MET A 97 -10.98 -6.82 -4.43
N SER A 98 -11.04 -8.10 -4.07
CA SER A 98 -11.77 -8.52 -2.88
C SER A 98 -11.07 -8.04 -1.62
N PHE A 99 -9.74 -8.17 -1.60
CA PHE A 99 -8.95 -7.75 -0.45
C PHE A 99 -8.95 -6.23 -0.31
N ARG A 100 -8.92 -5.53 -1.44
CA ARG A 100 -8.91 -4.08 -1.45
C ARG A 100 -10.22 -3.53 -0.87
N LYS A 101 -11.28 -4.33 -0.94
CA LYS A 101 -12.57 -3.92 -0.42
C LYS A 101 -12.55 -3.83 1.10
N THR A 102 -11.61 -4.55 1.72
CA THR A 102 -11.49 -4.53 3.17
C THR A 102 -10.16 -3.93 3.60
N TYR A 103 -9.28 -3.71 2.63
CA TYR A 103 -7.96 -3.14 2.90
C TYR A 103 -8.09 -1.74 3.51
N LEU A 104 -8.82 -0.88 2.82
CA LEU A 104 -9.03 0.48 3.29
C LEU A 104 -9.93 0.51 4.52
N ASP A 105 -10.96 -0.33 4.52
CA ASP A 105 -11.89 -0.40 5.65
C ASP A 105 -11.14 -0.69 6.95
N LEU A 106 -10.19 -1.63 6.89
CA LEU A 106 -9.42 -1.99 8.07
C LEU A 106 -8.52 -0.84 8.50
N ALA A 107 -8.22 0.06 7.57
CA ALA A 107 -7.38 1.22 7.86
C ALA A 107 -8.15 2.51 7.71
N ARG A 108 -9.17 2.69 8.54
CA ARG A 108 -10.00 3.88 8.50
C ARG A 108 -11.10 3.82 9.56
N GLN A 109 -12.06 2.94 9.36
CA GLN A 109 -13.17 2.79 10.29
C GLN A 109 -12.70 2.14 11.60
N SER A 110 -11.73 1.23 11.48
CA SER A 110 -11.20 0.54 12.64
C SER A 110 -10.29 1.45 13.47
N GLY A 111 -9.71 2.44 12.79
CA GLY A 111 -8.83 3.38 13.48
C GLY A 111 -9.58 4.57 14.05
N MET A 1 3.84 1.52 21.30
CA MET A 1 4.20 1.63 19.90
C MET A 1 3.79 3.00 19.35
N SER A 2 4.53 4.03 19.72
CA SER A 2 4.25 5.38 19.26
C SER A 2 5.47 6.27 19.40
N LYS A 3 5.82 6.60 20.64
CA LYS A 3 6.97 7.46 20.92
C LYS A 3 6.85 8.79 20.18
N ASN A 4 5.79 9.53 20.50
CA ASN A 4 5.56 10.83 19.87
C ASN A 4 4.61 11.68 20.71
N GLU A 5 4.90 12.98 20.79
CA GLU A 5 4.07 13.90 21.56
C GLU A 5 2.64 13.94 21.02
N ARG A 6 2.53 14.12 19.70
CA ARG A 6 1.22 14.17 19.06
C ARG A 6 0.52 12.82 19.14
N ASP A 7 -0.70 12.77 18.61
CA ASP A 7 -1.49 11.54 18.62
C ASP A 7 -2.55 11.56 17.54
N THR A 8 -2.29 12.33 16.47
CA THR A 8 -3.23 12.45 15.36
C THR A 8 -2.52 12.84 14.08
N SER A 9 -1.23 12.52 14.00
CA SER A 9 -0.43 12.84 12.83
C SER A 9 0.07 11.57 12.14
N PHE A 10 0.16 10.49 12.90
CA PHE A 10 0.62 9.21 12.38
C PHE A 10 -0.42 8.12 12.61
N ASN A 11 -0.80 7.42 11.54
CA ASN A 11 -1.77 6.35 11.63
C ASN A 11 -1.10 4.99 11.58
N LYS A 12 -0.58 4.55 12.71
CA LYS A 12 0.09 3.26 12.80
C LYS A 12 -0.80 2.14 12.28
N ASN A 13 -2.11 2.29 12.50
CA ASN A 13 -3.07 1.29 12.04
C ASN A 13 -2.97 1.08 10.53
N GLY A 14 -2.71 2.16 9.81
CA GLY A 14 -2.60 2.08 8.36
C GLY A 14 -1.41 1.22 7.93
N CYS A 15 -0.28 1.43 8.57
CA CYS A 15 0.93 0.68 8.24
C CYS A 15 0.77 -0.80 8.60
N LEU A 16 0.19 -1.06 9.76
CA LEU A 16 -0.03 -2.42 10.21
C LEU A 16 -0.96 -3.18 9.26
N VAL A 17 -2.04 -2.52 8.85
CA VAL A 17 -2.99 -3.13 7.94
C VAL A 17 -2.38 -3.35 6.56
N PHE A 18 -1.55 -2.40 6.13
CA PHE A 18 -0.90 -2.50 4.82
C PHE A 18 0.04 -3.70 4.78
N VAL A 19 0.84 -3.85 5.82
CA VAL A 19 1.80 -4.96 5.90
C VAL A 19 1.07 -6.30 5.99
N SER A 20 0.08 -6.36 6.87
CA SER A 20 -0.69 -7.59 7.06
C SER A 20 -1.33 -8.03 5.75
N ARG A 21 -2.00 -7.10 5.08
CA ARG A 21 -2.66 -7.40 3.81
C ARG A 21 -1.63 -7.67 2.72
N LEU A 22 -0.54 -6.93 2.75
CA LEU A 22 0.53 -7.09 1.75
C LEU A 22 1.07 -8.52 1.77
N TRP A 23 1.23 -9.07 2.96
CA TRP A 23 1.75 -10.43 3.12
C TRP A 23 0.78 -11.44 2.53
N ASP A 24 -0.51 -11.17 2.67
CA ASP A 24 -1.54 -12.07 2.15
C ASP A 24 -1.54 -12.06 0.62
N LEU A 25 -1.71 -10.88 0.04
CA LEU A 25 -1.72 -10.74 -1.41
C LEU A 25 -0.42 -11.27 -2.03
N ASP A 26 0.69 -11.06 -1.32
CA ASP A 26 1.99 -11.51 -1.80
C ASP A 26 2.12 -13.03 -1.66
N LYS A 27 1.53 -13.76 -2.59
CA LYS A 27 1.58 -15.22 -2.57
C LYS A 27 2.99 -15.72 -2.85
N LEU A 28 3.74 -14.95 -3.62
CA LEU A 28 5.12 -15.31 -3.95
C LEU A 28 5.95 -15.53 -2.70
N GLY A 29 5.59 -14.84 -1.62
CA GLY A 29 6.30 -14.98 -0.36
C GLY A 29 7.40 -13.95 -0.21
N MET A 30 8.25 -13.83 -1.22
CA MET A 30 9.35 -12.86 -1.20
C MET A 30 9.08 -11.70 -2.15
N PHE A 31 7.88 -11.14 -2.08
CA PHE A 31 7.49 -10.03 -2.94
C PHE A 31 7.36 -8.74 -2.13
N HIS A 32 8.17 -7.74 -2.46
CA HIS A 32 8.13 -6.46 -1.77
C HIS A 32 9.06 -5.45 -2.44
N HIS A 33 8.94 -5.33 -3.76
CA HIS A 33 9.76 -4.40 -4.53
C HIS A 33 9.04 -3.97 -5.81
N PRO A 34 9.46 -2.82 -6.36
CA PRO A 34 8.88 -2.28 -7.59
C PRO A 34 9.23 -3.10 -8.82
N VAL A 35 8.33 -3.13 -9.79
CA VAL A 35 8.55 -3.88 -11.02
C VAL A 35 9.61 -3.22 -11.88
N SER A 36 10.39 -4.04 -12.57
CA SER A 36 11.46 -3.53 -13.44
C SER A 36 10.90 -3.03 -14.76
N ALA A 37 11.45 -1.92 -15.26
CA ALA A 37 11.00 -1.34 -16.51
C ALA A 37 11.07 -2.36 -17.65
N GLU A 38 12.02 -3.29 -17.55
CA GLU A 38 12.19 -4.32 -18.56
C GLU A 38 10.87 -5.03 -18.85
N GLU A 39 10.09 -5.26 -17.79
CA GLU A 39 8.80 -5.92 -17.92
C GLU A 39 7.67 -4.91 -18.12
N LEU A 40 7.77 -3.79 -17.43
CA LEU A 40 6.77 -2.74 -17.52
C LEU A 40 7.40 -1.40 -17.85
N PRO A 41 7.78 -1.22 -19.12
CA PRO A 41 8.40 0.02 -19.60
C PRO A 41 7.43 1.20 -19.60
N ASP A 42 6.13 0.89 -19.52
CA ASP A 42 5.10 1.93 -19.51
C ASP A 42 4.42 2.01 -18.16
N TYR A 43 5.09 1.49 -17.13
CA TYR A 43 4.55 1.50 -15.77
C TYR A 43 4.13 2.91 -15.38
N HIS A 44 4.88 3.90 -15.84
CA HIS A 44 4.60 5.30 -15.53
C HIS A 44 3.27 5.72 -16.14
N THR A 45 2.97 5.19 -17.32
CA THR A 45 1.74 5.52 -18.02
C THR A 45 0.60 4.59 -17.60
N VAL A 46 0.94 3.54 -16.87
CA VAL A 46 -0.04 2.58 -16.41
C VAL A 46 -0.50 2.89 -14.99
N ILE A 47 0.45 3.02 -14.08
CA ILE A 47 0.15 3.33 -12.69
C ILE A 47 0.77 4.66 -12.27
N LYS A 48 1.85 5.05 -12.95
CA LYS A 48 2.54 6.29 -12.65
C LYS A 48 3.32 6.19 -11.34
N ARG A 49 2.61 5.97 -10.24
CA ARG A 49 3.24 5.84 -8.93
C ARG A 49 3.24 4.38 -8.47
N PRO A 50 4.36 3.69 -8.72
CA PRO A 50 4.52 2.28 -8.33
C PRO A 50 4.63 2.11 -6.83
N VAL A 51 4.99 0.90 -6.40
CA VAL A 51 5.13 0.59 -4.98
C VAL A 51 6.50 0.01 -4.68
N ASP A 52 7.17 0.57 -3.68
CA ASP A 52 8.49 0.10 -3.28
C ASP A 52 8.57 -0.13 -1.78
N LEU A 53 9.47 -1.01 -1.35
CA LEU A 53 9.63 -1.32 0.06
C LEU A 53 10.43 -0.23 0.76
N SER A 54 11.50 0.21 0.12
CA SER A 54 12.36 1.26 0.68
C SER A 54 11.62 2.59 0.74
N SER A 55 10.81 2.86 -0.27
CA SER A 55 10.05 4.11 -0.34
C SER A 55 9.11 4.23 0.86
N ILE A 56 8.34 3.18 1.12
CA ILE A 56 7.41 3.17 2.24
C ILE A 56 8.15 3.23 3.58
N ARG A 57 9.18 2.40 3.72
CA ARG A 57 9.97 2.36 4.95
C ARG A 57 10.59 3.73 5.22
N ASP A 58 11.06 4.38 4.17
CA ASP A 58 11.67 5.70 4.31
C ASP A 58 10.63 6.76 4.63
N GLY A 59 9.46 6.64 4.01
CA GLY A 59 8.40 7.60 4.25
C GLY A 59 7.93 7.61 5.68
N ILE A 60 7.74 6.42 6.25
CA ILE A 60 7.28 6.30 7.63
C ILE A 60 8.26 6.95 8.59
N GLU A 61 9.55 6.67 8.41
CA GLU A 61 10.59 7.24 9.26
C GLU A 61 10.69 8.75 9.07
N LYS A 62 10.39 9.20 7.85
CA LYS A 62 10.45 10.62 7.53
C LYS A 62 9.22 11.35 8.06
N GLY A 63 8.14 10.60 8.28
CA GLY A 63 6.92 11.19 8.79
C GLY A 63 5.98 11.62 7.68
N THR A 64 6.06 10.95 6.54
CA THR A 64 5.21 11.27 5.40
C THR A 64 3.77 11.51 5.84
N TYR A 65 3.25 10.62 6.66
CA TYR A 65 1.89 10.73 7.16
C TYR A 65 1.72 11.97 8.03
N ALA A 66 0.97 12.94 7.54
CA ALA A 66 0.73 14.18 8.29
C ALA A 66 -0.52 14.06 9.16
N THR A 67 -1.52 13.34 8.67
CA THR A 67 -2.76 13.15 9.40
C THR A 67 -3.58 12.01 8.83
N ASP A 68 -4.78 11.80 9.37
CA ASP A 68 -5.65 10.74 8.90
C ASP A 68 -6.00 10.93 7.43
N VAL A 69 -6.04 12.18 6.99
CA VAL A 69 -6.37 12.49 5.60
C VAL A 69 -5.24 12.05 4.67
N ASP A 70 -4.02 12.44 5.01
CA ASP A 70 -2.86 12.08 4.20
C ASP A 70 -2.66 10.57 4.16
N VAL A 71 -2.94 9.92 5.28
CA VAL A 71 -2.80 8.47 5.38
C VAL A 71 -3.83 7.75 4.52
N GLN A 72 -5.08 8.19 4.62
CA GLN A 72 -6.16 7.59 3.85
C GLN A 72 -5.93 7.76 2.35
N ASN A 73 -5.42 8.92 1.97
CA ASN A 73 -5.15 9.22 0.56
C ASN A 73 -3.97 8.39 0.06
N ASP A 74 -2.95 8.23 0.90
CA ASP A 74 -1.78 7.45 0.53
C ASP A 74 -2.14 5.99 0.30
N VAL A 75 -2.84 5.40 1.25
CA VAL A 75 -3.25 4.00 1.14
C VAL A 75 -4.19 3.79 -0.04
N ALA A 76 -5.14 4.71 -0.20
CA ALA A 76 -6.11 4.64 -1.29
C ALA A 76 -5.41 4.61 -2.64
N ARG A 77 -4.45 5.50 -2.82
CA ARG A 77 -3.70 5.57 -4.08
C ARG A 77 -2.87 4.31 -4.29
N MET A 78 -2.33 3.78 -3.19
CA MET A 78 -1.51 2.57 -3.26
C MET A 78 -2.33 1.39 -3.79
N ILE A 79 -3.52 1.22 -3.24
CA ILE A 79 -4.40 0.14 -3.66
C ILE A 79 -4.90 0.34 -5.08
N THR A 80 -5.17 1.59 -5.43
CA THR A 80 -5.66 1.92 -6.77
C THR A 80 -4.62 1.55 -7.83
N ASN A 81 -3.37 1.94 -7.59
CA ASN A 81 -2.29 1.66 -8.54
C ASN A 81 -1.96 0.16 -8.54
N ALA A 82 -2.04 -0.46 -7.36
CA ALA A 82 -1.76 -1.88 -7.23
C ALA A 82 -2.76 -2.71 -8.01
N LEU A 83 -4.02 -2.31 -7.98
CA LEU A 83 -5.07 -3.03 -8.68
C LEU A 83 -5.03 -2.72 -10.19
N GLU A 84 -4.67 -1.49 -10.52
CA GLU A 84 -4.59 -1.07 -11.92
C GLU A 84 -3.52 -1.86 -12.66
N TYR A 85 -2.43 -2.16 -11.97
CA TYR A 85 -1.33 -2.91 -12.56
C TYR A 85 -1.56 -4.41 -12.44
N ASN A 86 -2.15 -4.82 -11.31
CA ASN A 86 -2.42 -6.23 -11.07
C ASN A 86 -3.68 -6.68 -11.82
N ALA A 87 -4.32 -5.74 -12.50
CA ALA A 87 -5.52 -6.03 -13.26
C ALA A 87 -5.22 -6.92 -14.46
N LYS A 88 -5.38 -8.23 -14.29
CA LYS A 88 -5.13 -9.19 -15.35
C LYS A 88 -6.40 -9.93 -15.73
N GLY A 89 -6.81 -10.87 -14.87
CA GLY A 89 -8.01 -11.65 -15.14
C GLY A 89 -7.92 -13.06 -14.62
N SER A 90 -7.32 -13.21 -13.44
CA SER A 90 -7.16 -14.52 -12.83
C SER A 90 -7.54 -14.49 -11.35
N THR A 91 -7.23 -15.56 -10.64
CA THR A 91 -7.54 -15.66 -9.21
C THR A 91 -6.88 -14.53 -8.44
N TRP A 92 -5.75 -14.04 -8.94
CA TRP A 92 -5.03 -12.95 -8.30
C TRP A 92 -5.86 -11.68 -8.28
N TYR A 93 -6.57 -11.43 -9.36
CA TYR A 93 -7.41 -10.24 -9.48
C TYR A 93 -8.55 -10.27 -8.47
N GLN A 94 -9.13 -11.45 -8.28
CA GLN A 94 -10.23 -11.62 -7.34
C GLN A 94 -9.74 -11.49 -5.90
N GLU A 95 -8.57 -12.06 -5.62
CA GLU A 95 -8.00 -12.00 -4.28
C GLU A 95 -7.66 -10.56 -3.90
N ALA A 96 -7.02 -9.84 -4.81
CA ALA A 96 -6.65 -8.46 -4.56
C ALA A 96 -7.89 -7.57 -4.43
N MET A 97 -8.86 -7.79 -5.30
CA MET A 97 -10.09 -7.01 -5.28
C MET A 97 -10.91 -7.33 -4.04
N SER A 98 -10.90 -8.59 -3.63
CA SER A 98 -11.64 -9.03 -2.46
C SER A 98 -11.06 -8.43 -1.18
N PHE A 99 -9.73 -8.43 -1.09
CA PHE A 99 -9.05 -7.89 0.07
C PHE A 99 -9.17 -6.37 0.12
N ARG A 100 -9.10 -5.74 -1.04
CA ARG A 100 -9.22 -4.29 -1.13
C ARG A 100 -10.52 -3.80 -0.49
N LYS A 101 -11.51 -4.68 -0.46
CA LYS A 101 -12.81 -4.34 0.13
C LYS A 101 -12.69 -4.16 1.63
N THR A 102 -11.67 -4.75 2.23
CA THR A 102 -11.44 -4.66 3.66
C THR A 102 -10.15 -3.92 3.97
N TYR A 103 -9.33 -3.69 2.93
CA TYR A 103 -8.07 -2.99 3.10
C TYR A 103 -8.29 -1.53 3.46
N LEU A 104 -9.08 -0.84 2.65
CA LEU A 104 -9.38 0.57 2.87
C LEU A 104 -10.28 0.75 4.10
N ASP A 105 -11.19 -0.20 4.29
CA ASP A 105 -12.11 -0.15 5.43
C ASP A 105 -11.35 -0.24 6.74
N LEU A 106 -10.43 -1.19 6.82
CA LEU A 106 -9.63 -1.39 8.03
C LEU A 106 -8.53 -0.34 8.12
N ALA A 107 -8.20 0.27 7.00
CA ALA A 107 -7.16 1.30 6.96
C ALA A 107 -7.77 2.69 7.06
N ARG A 108 -8.71 2.86 7.99
CA ARG A 108 -9.36 4.15 8.18
C ARG A 108 -10.40 4.06 9.30
N GLN A 109 -11.06 2.92 9.41
CA GLN A 109 -12.06 2.71 10.44
C GLN A 109 -11.44 2.74 11.82
N SER A 110 -10.21 2.22 11.94
CA SER A 110 -9.51 2.18 13.21
C SER A 110 -9.13 3.59 13.67
N GLY A 111 -9.08 4.51 12.71
CA GLY A 111 -8.74 5.89 13.04
C GLY A 111 -9.73 6.54 13.98
N MET A 1 10.59 -0.87 17.16
CA MET A 1 10.21 -1.67 18.32
C MET A 1 9.22 -0.91 19.20
N SER A 2 9.39 0.41 19.26
CA SER A 2 8.52 1.25 20.07
C SER A 2 7.31 1.72 19.27
N LYS A 3 7.57 2.51 18.23
CA LYS A 3 6.50 3.03 17.37
C LYS A 3 5.49 3.83 18.19
N ASN A 4 5.70 5.14 18.24
CA ASN A 4 4.80 6.02 18.99
C ASN A 4 3.35 5.79 18.58
N GLU A 5 2.43 6.09 19.49
CA GLU A 5 1.00 5.91 19.23
C GLU A 5 0.53 6.88 18.16
N ARG A 6 0.88 8.15 18.31
CA ARG A 6 0.48 9.18 17.36
C ARG A 6 1.16 10.52 17.70
N ASP A 7 1.42 11.31 16.67
CA ASP A 7 2.06 12.61 16.85
C ASP A 7 1.27 13.70 16.12
N THR A 8 -0.05 13.55 16.07
CA THR A 8 -0.90 14.51 15.40
C THR A 8 -0.38 14.83 14.00
N SER A 9 0.20 13.83 13.34
CA SER A 9 0.73 14.01 12.00
C SER A 9 0.71 12.69 11.23
N PHE A 10 1.08 11.61 11.90
CA PHE A 10 1.10 10.29 11.28
C PHE A 10 0.32 9.28 12.12
N ASN A 11 -0.49 8.46 11.46
CA ASN A 11 -1.29 7.45 12.14
C ASN A 11 -0.60 6.09 12.08
N LYS A 12 0.04 5.71 13.19
CA LYS A 12 0.73 4.43 13.26
C LYS A 12 -0.20 3.28 12.88
N ASN A 13 -1.48 3.42 13.21
CA ASN A 13 -2.47 2.40 12.89
C ASN A 13 -2.52 2.14 11.39
N GLY A 14 -2.58 3.20 10.61
CA GLY A 14 -2.62 3.06 9.16
C GLY A 14 -1.41 2.35 8.62
N CYS A 15 -0.25 2.59 9.21
CA CYS A 15 0.99 1.96 8.78
C CYS A 15 0.98 0.47 9.08
N LEU A 16 0.48 0.12 10.27
CA LEU A 16 0.42 -1.28 10.68
C LEU A 16 -0.52 -2.07 9.78
N VAL A 17 -1.69 -1.51 9.52
CA VAL A 17 -2.68 -2.16 8.66
C VAL A 17 -2.20 -2.23 7.22
N PHE A 18 -1.51 -1.19 6.79
CA PHE A 18 -1.00 -1.13 5.41
C PHE A 18 0.02 -2.23 5.18
N VAL A 19 1.04 -2.30 6.03
CA VAL A 19 2.07 -3.32 5.91
C VAL A 19 1.50 -4.72 6.09
N SER A 20 0.65 -4.89 7.10
CA SER A 20 0.04 -6.17 7.39
C SER A 20 -0.72 -6.69 6.17
N ARG A 21 -1.56 -5.83 5.60
CA ARG A 21 -2.35 -6.20 4.42
C ARG A 21 -1.44 -6.50 3.23
N LEU A 22 -0.37 -5.72 3.10
CA LEU A 22 0.57 -5.91 2.00
C LEU A 22 1.18 -7.31 2.03
N TRP A 23 1.63 -7.73 3.21
CA TRP A 23 2.22 -9.04 3.38
C TRP A 23 1.29 -10.13 2.87
N ASP A 24 0.00 -9.94 3.09
CA ASP A 24 -1.01 -10.91 2.65
C ASP A 24 -1.35 -10.71 1.18
N LEU A 25 -1.07 -9.52 0.66
CA LEU A 25 -1.34 -9.20 -0.74
C LEU A 25 -0.35 -9.90 -1.66
N ASP A 26 0.93 -9.84 -1.31
CA ASP A 26 1.97 -10.47 -2.11
C ASP A 26 1.93 -11.98 -1.96
N LYS A 27 1.19 -12.64 -2.84
CA LYS A 27 1.07 -14.10 -2.81
C LYS A 27 2.43 -14.76 -2.95
N LEU A 28 3.34 -14.09 -3.66
CA LEU A 28 4.69 -14.62 -3.86
C LEU A 28 5.41 -14.82 -2.53
N GLY A 29 5.03 -14.01 -1.54
CA GLY A 29 5.65 -14.10 -0.23
C GLY A 29 6.02 -12.75 0.35
N MET A 30 6.78 -11.97 -0.43
CA MET A 30 7.20 -10.65 0.00
C MET A 30 7.44 -9.74 -1.20
N PHE A 31 6.45 -8.94 -1.54
CA PHE A 31 6.56 -8.03 -2.68
C PHE A 31 6.50 -6.57 -2.21
N HIS A 32 7.57 -5.84 -2.47
CA HIS A 32 7.64 -4.43 -2.08
C HIS A 32 8.88 -3.76 -2.67
N HIS A 33 8.96 -3.75 -4.00
CA HIS A 33 10.09 -3.14 -4.69
C HIS A 33 9.68 -2.69 -6.09
N PRO A 34 10.40 -1.66 -6.60
CA PRO A 34 10.12 -1.11 -7.93
C PRO A 34 10.52 -2.07 -9.05
N VAL A 35 9.55 -2.39 -9.90
CA VAL A 35 9.78 -3.31 -11.01
C VAL A 35 10.64 -2.64 -12.10
N SER A 36 11.50 -3.43 -12.73
CA SER A 36 12.37 -2.92 -13.78
C SER A 36 11.60 -2.76 -15.09
N ALA A 37 11.89 -1.68 -15.81
CA ALA A 37 11.24 -1.42 -17.09
C ALA A 37 11.47 -2.56 -18.08
N GLU A 38 12.65 -3.18 -17.99
CA GLU A 38 12.99 -4.29 -18.89
C GLU A 38 11.90 -5.35 -18.88
N GLU A 39 11.34 -5.61 -17.70
CA GLU A 39 10.29 -6.60 -17.55
C GLU A 39 8.91 -5.96 -17.70
N LEU A 40 8.82 -4.69 -17.33
CA LEU A 40 7.55 -3.95 -17.42
C LEU A 40 7.76 -2.61 -18.10
N PRO A 41 7.84 -2.62 -19.44
CA PRO A 41 8.02 -1.39 -20.23
C PRO A 41 6.79 -0.50 -20.21
N ASP A 42 5.66 -1.04 -19.78
CA ASP A 42 4.42 -0.30 -19.72
C ASP A 42 4.02 -0.04 -18.27
N TYR A 43 4.93 -0.33 -17.35
CA TYR A 43 4.67 -0.13 -15.92
C TYR A 43 4.17 1.29 -15.64
N HIS A 44 4.83 2.27 -16.27
CA HIS A 44 4.45 3.67 -16.10
C HIS A 44 3.02 3.91 -16.58
N THR A 45 2.62 3.18 -17.61
CA THR A 45 1.28 3.31 -18.17
C THR A 45 0.28 2.42 -17.43
N VAL A 46 0.81 1.52 -16.61
CA VAL A 46 -0.04 0.61 -15.85
C VAL A 46 -0.33 1.16 -14.45
N ILE A 47 0.72 1.53 -13.74
CA ILE A 47 0.58 2.08 -12.40
C ILE A 47 0.98 3.55 -12.36
N LYS A 48 2.17 3.84 -12.89
CA LYS A 48 2.68 5.20 -12.92
C LYS A 48 2.96 5.71 -11.50
N ARG A 49 2.98 4.79 -10.54
CA ARG A 49 3.23 5.14 -9.14
C ARG A 49 4.37 4.30 -8.57
N PRO A 50 5.59 4.85 -8.60
CA PRO A 50 6.78 4.16 -8.10
C PRO A 50 6.77 4.04 -6.57
N VAL A 51 6.77 2.81 -6.09
CA VAL A 51 6.76 2.55 -4.65
C VAL A 51 7.79 1.49 -4.28
N ASP A 52 8.41 1.67 -3.11
CA ASP A 52 9.42 0.73 -2.63
C ASP A 52 9.32 0.56 -1.13
N LEU A 53 9.80 -0.59 -0.64
CA LEU A 53 9.77 -0.88 0.79
C LEU A 53 10.52 0.18 1.59
N SER A 54 11.68 0.57 1.09
CA SER A 54 12.50 1.58 1.76
C SER A 54 11.82 2.94 1.70
N SER A 55 11.18 3.24 0.57
CA SER A 55 10.49 4.51 0.38
C SER A 55 9.41 4.70 1.44
N ILE A 56 8.56 3.68 1.59
CA ILE A 56 7.47 3.74 2.56
C ILE A 56 8.01 3.80 3.99
N ARG A 57 8.97 2.94 4.30
CA ARG A 57 9.57 2.90 5.62
C ARG A 57 10.24 4.23 5.96
N ASP A 58 10.90 4.81 4.97
CA ASP A 58 11.58 6.10 5.15
C ASP A 58 10.58 7.23 5.26
N GLY A 59 9.51 7.15 4.46
CA GLY A 59 8.50 8.18 4.47
C GLY A 59 7.79 8.28 5.81
N ILE A 60 7.52 7.14 6.42
CA ILE A 60 6.84 7.09 7.70
C ILE A 60 7.71 7.69 8.81
N GLU A 61 8.97 7.25 8.86
CA GLU A 61 9.91 7.75 9.85
C GLU A 61 10.20 9.24 9.65
N LYS A 62 10.09 9.68 8.40
CA LYS A 62 10.35 11.08 8.06
C LYS A 62 9.10 11.92 8.25
N GLY A 63 7.94 11.26 8.21
CA GLY A 63 6.68 11.97 8.38
C GLY A 63 6.16 12.56 7.08
N THR A 64 6.53 11.94 5.97
CA THR A 64 6.09 12.40 4.65
C THR A 64 4.62 12.78 4.65
N TYR A 65 3.80 11.94 5.29
CA TYR A 65 2.37 12.18 5.37
C TYR A 65 2.07 13.47 6.13
N ALA A 66 0.79 13.71 6.39
CA ALA A 66 0.37 14.91 7.11
C ALA A 66 -0.60 14.56 8.23
N THR A 67 -1.49 13.61 7.96
CA THR A 67 -2.48 13.19 8.94
C THR A 67 -3.20 11.93 8.49
N ASP A 68 -4.24 11.55 9.23
CA ASP A 68 -5.03 10.37 8.90
C ASP A 68 -5.63 10.48 7.50
N VAL A 69 -5.91 11.71 7.08
CA VAL A 69 -6.49 11.97 5.78
C VAL A 69 -5.49 11.65 4.67
N ASP A 70 -4.29 12.19 4.79
CA ASP A 70 -3.24 11.96 3.80
C ASP A 70 -2.88 10.48 3.72
N VAL A 71 -2.80 9.82 4.87
CA VAL A 71 -2.47 8.41 4.93
C VAL A 71 -3.57 7.56 4.28
N GLN A 72 -4.81 7.92 4.56
CA GLN A 72 -5.96 7.19 4.01
C GLN A 72 -5.97 7.27 2.49
N ASN A 73 -5.80 8.49 1.97
CA ASN A 73 -5.80 8.71 0.52
C ASN A 73 -4.65 7.96 -0.13
N ASP A 74 -3.48 8.04 0.47
CA ASP A 74 -2.29 7.37 -0.07
C ASP A 74 -2.52 5.87 -0.15
N VAL A 75 -3.01 5.28 0.93
CA VAL A 75 -3.26 3.84 0.98
C VAL A 75 -4.28 3.44 -0.08
N ALA A 76 -5.34 4.24 -0.22
CA ALA A 76 -6.38 3.95 -1.19
C ALA A 76 -5.81 3.90 -2.60
N ARG A 77 -4.99 4.90 -2.95
CA ARG A 77 -4.38 4.96 -4.27
C ARG A 77 -3.48 3.76 -4.51
N MET A 78 -2.68 3.41 -3.50
CA MET A 78 -1.77 2.28 -3.60
C MET A 78 -2.54 0.98 -3.86
N ILE A 79 -3.68 0.83 -3.19
CA ILE A 79 -4.49 -0.37 -3.36
C ILE A 79 -5.09 -0.44 -4.76
N THR A 80 -5.61 0.68 -5.24
CA THR A 80 -6.20 0.75 -6.56
C THR A 80 -5.19 0.38 -7.64
N ASN A 81 -3.99 0.96 -7.54
CA ASN A 81 -2.93 0.69 -8.50
C ASN A 81 -2.50 -0.77 -8.44
N ALA A 82 -2.34 -1.29 -7.23
CA ALA A 82 -1.93 -2.67 -7.04
C ALA A 82 -2.93 -3.64 -7.67
N LEU A 83 -4.22 -3.32 -7.55
CA LEU A 83 -5.27 -4.16 -8.12
C LEU A 83 -5.28 -4.06 -9.64
N GLU A 84 -5.06 -2.85 -10.15
CA GLU A 84 -5.05 -2.63 -11.59
C GLU A 84 -3.86 -3.33 -12.24
N TYR A 85 -2.77 -3.44 -11.49
CA TYR A 85 -1.56 -4.08 -11.99
C TYR A 85 -1.61 -5.59 -11.76
N ASN A 86 -2.19 -5.99 -10.63
CA ASN A 86 -2.30 -7.40 -10.29
C ASN A 86 -3.42 -8.07 -11.07
N ALA A 87 -4.37 -7.27 -11.53
CA ALA A 87 -5.49 -7.77 -12.30
C ALA A 87 -5.04 -8.28 -13.67
N LYS A 88 -4.80 -9.58 -13.76
CA LYS A 88 -4.36 -10.20 -15.00
C LYS A 88 -4.23 -11.71 -14.85
N GLY A 89 -5.10 -12.28 -14.02
CA GLY A 89 -5.07 -13.72 -13.81
C GLY A 89 -6.44 -14.28 -13.44
N SER A 90 -7.48 -13.50 -13.71
CA SER A 90 -8.84 -13.92 -13.41
C SER A 90 -9.07 -13.98 -11.90
N THR A 91 -8.55 -15.03 -11.27
CA THR A 91 -8.70 -15.20 -9.82
C THR A 91 -7.96 -14.10 -9.06
N TRP A 92 -6.75 -13.79 -9.51
CA TRP A 92 -5.94 -12.76 -8.87
C TRP A 92 -6.71 -11.44 -8.79
N TYR A 93 -7.36 -11.08 -9.88
CA TYR A 93 -8.13 -9.84 -9.94
C TYR A 93 -9.16 -9.79 -8.83
N GLN A 94 -9.92 -10.87 -8.67
CA GLN A 94 -10.95 -10.94 -7.65
C GLN A 94 -10.33 -10.87 -6.25
N GLU A 95 -9.16 -11.49 -6.08
CA GLU A 95 -8.47 -11.48 -4.81
C GLU A 95 -8.11 -10.07 -4.39
N ALA A 96 -7.55 -9.31 -5.32
CA ALA A 96 -7.15 -7.93 -5.05
C ALA A 96 -8.37 -7.04 -4.80
N MET A 97 -9.44 -7.29 -5.56
CA MET A 97 -10.67 -6.52 -5.43
C MET A 97 -11.37 -6.83 -4.11
N SER A 98 -11.34 -8.10 -3.72
CA SER A 98 -11.97 -8.53 -2.48
C SER A 98 -11.23 -7.98 -1.27
N PHE A 99 -9.90 -8.03 -1.32
CA PHE A 99 -9.07 -7.54 -0.23
C PHE A 99 -9.17 -6.02 -0.11
N ARG A 100 -9.20 -5.35 -1.26
CA ARG A 100 -9.29 -3.89 -1.27
C ARG A 100 -10.52 -3.41 -0.51
N LYS A 101 -11.53 -4.27 -0.41
CA LYS A 101 -12.75 -3.95 0.29
C LYS A 101 -12.50 -3.82 1.79
N THR A 102 -11.43 -4.46 2.27
CA THR A 102 -11.08 -4.41 3.68
C THR A 102 -9.74 -3.70 3.89
N TYR A 103 -9.03 -3.46 2.80
CA TYR A 103 -7.74 -2.78 2.87
C TYR A 103 -7.90 -1.36 3.41
N LEU A 104 -8.78 -0.59 2.79
CA LEU A 104 -9.02 0.79 3.22
C LEU A 104 -9.76 0.83 4.55
N ASP A 105 -10.64 -0.14 4.75
CA ASP A 105 -11.41 -0.21 5.99
C ASP A 105 -10.49 -0.35 7.20
N LEU A 106 -9.51 -1.25 7.10
CA LEU A 106 -8.56 -1.47 8.18
C LEU A 106 -7.73 -0.22 8.44
N ALA A 107 -7.64 0.65 7.43
CA ALA A 107 -6.87 1.88 7.55
C ALA A 107 -7.79 3.10 7.52
N ARG A 108 -8.72 3.15 8.46
CA ARG A 108 -9.66 4.26 8.54
C ARG A 108 -10.61 4.09 9.72
N GLN A 109 -11.33 2.96 9.73
CA GLN A 109 -12.28 2.67 10.81
C GLN A 109 -11.54 2.35 12.10
N SER A 110 -10.39 1.71 11.99
CA SER A 110 -9.61 1.34 13.16
C SER A 110 -8.78 2.52 13.65
N GLY A 111 -8.51 3.47 12.75
CA GLY A 111 -7.73 4.64 13.12
C GLY A 111 -8.54 5.65 13.91
N MET A 1 6.42 -0.63 14.08
CA MET A 1 6.71 -0.43 15.49
C MET A 1 7.73 0.70 15.68
N SER A 2 7.24 1.91 15.89
CA SER A 2 8.10 3.06 16.07
C SER A 2 8.00 3.60 17.50
N LYS A 3 8.75 4.66 17.78
CA LYS A 3 8.73 5.28 19.10
C LYS A 3 8.77 6.80 19.00
N ASN A 4 7.87 7.36 18.21
CA ASN A 4 7.80 8.80 18.03
C ASN A 4 7.26 9.48 19.29
N GLU A 5 7.19 10.81 19.25
CA GLU A 5 6.70 11.58 20.38
C GLU A 5 5.18 11.67 20.36
N ARG A 6 4.62 12.00 19.20
CA ARG A 6 3.17 12.11 19.06
C ARG A 6 2.50 10.75 19.22
N ASP A 7 1.19 10.72 19.06
CA ASP A 7 0.42 9.48 19.19
C ASP A 7 -1.02 9.69 18.76
N THR A 8 -1.59 10.82 19.18
CA THR A 8 -2.99 11.13 18.84
C THR A 8 -3.05 12.16 17.71
N SER A 9 -2.05 12.14 16.84
CA SER A 9 -1.99 13.06 15.72
C SER A 9 -2.03 12.30 14.39
N PHE A 10 -1.49 11.09 14.39
CA PHE A 10 -1.45 10.27 13.20
C PHE A 10 -2.28 8.99 13.39
N ASN A 11 -2.67 8.38 12.28
CA ASN A 11 -3.47 7.16 12.32
C ASN A 11 -2.58 5.92 12.18
N LYS A 12 -1.93 5.55 13.28
CA LYS A 12 -1.06 4.39 13.30
C LYS A 12 -1.83 3.12 12.93
N ASN A 13 -3.09 3.07 13.33
CA ASN A 13 -3.94 1.92 13.05
C ASN A 13 -4.02 1.66 11.54
N GLY A 14 -4.19 2.72 10.77
CA GLY A 14 -4.27 2.58 9.34
C GLY A 14 -3.02 1.95 8.73
N CYS A 15 -1.87 2.32 9.26
CA CYS A 15 -0.60 1.79 8.78
C CYS A 15 -0.46 0.31 9.13
N LEU A 16 -0.86 -0.04 10.35
CA LEU A 16 -0.77 -1.41 10.82
C LEU A 16 -1.65 -2.34 9.96
N VAL A 17 -2.88 -1.91 9.72
CA VAL A 17 -3.82 -2.70 8.92
C VAL A 17 -3.38 -2.74 7.46
N PHE A 18 -2.82 -1.64 6.97
CA PHE A 18 -2.36 -1.55 5.59
C PHE A 18 -1.28 -2.60 5.32
N VAL A 19 -0.18 -2.50 6.08
CA VAL A 19 0.94 -3.44 5.91
C VAL A 19 0.49 -4.87 6.21
N SER A 20 -0.31 -5.04 7.25
CA SER A 20 -0.80 -6.36 7.63
C SER A 20 -1.54 -7.02 6.47
N ARG A 21 -2.39 -6.26 5.80
CA ARG A 21 -3.15 -6.77 4.68
C ARG A 21 -2.24 -7.06 3.49
N LEU A 22 -1.25 -6.20 3.28
CA LEU A 22 -0.31 -6.35 2.18
C LEU A 22 0.42 -7.69 2.28
N TRP A 23 0.89 -8.02 3.47
CA TRP A 23 1.61 -9.27 3.70
C TRP A 23 0.73 -10.47 3.34
N ASP A 24 -0.56 -10.36 3.65
CA ASP A 24 -1.50 -11.43 3.36
C ASP A 24 -1.68 -11.61 1.85
N LEU A 25 -2.01 -10.53 1.16
CA LEU A 25 -2.22 -10.57 -0.28
C LEU A 25 -0.96 -11.06 -0.99
N ASP A 26 0.20 -10.77 -0.40
CA ASP A 26 1.47 -11.19 -0.98
C ASP A 26 1.69 -12.69 -0.80
N LYS A 27 0.98 -13.49 -1.58
CA LYS A 27 1.09 -14.94 -1.49
C LYS A 27 2.52 -15.39 -1.80
N LEU A 28 3.20 -14.64 -2.65
CA LEU A 28 4.58 -14.96 -3.02
C LEU A 28 5.46 -15.06 -1.78
N GLY A 29 5.06 -14.38 -0.72
CA GLY A 29 5.83 -14.41 0.51
C GLY A 29 6.47 -13.08 0.83
N MET A 30 7.49 -12.71 0.06
CA MET A 30 8.18 -11.44 0.26
C MET A 30 8.10 -10.57 -0.99
N PHE A 31 6.98 -9.88 -1.14
CA PHE A 31 6.78 -9.00 -2.29
C PHE A 31 6.82 -7.54 -1.88
N HIS A 32 7.78 -6.80 -2.43
CA HIS A 32 7.94 -5.39 -2.12
C HIS A 32 9.09 -4.78 -2.93
N HIS A 33 8.86 -4.62 -4.23
CA HIS A 33 9.88 -4.06 -5.11
C HIS A 33 9.24 -3.39 -6.32
N PRO A 34 9.99 -2.49 -6.98
CA PRO A 34 9.51 -1.77 -8.17
C PRO A 34 9.37 -2.68 -9.38
N VAL A 35 8.40 -2.37 -10.24
CA VAL A 35 8.16 -3.17 -11.44
C VAL A 35 9.23 -2.90 -12.49
N SER A 36 9.59 -3.94 -13.23
CA SER A 36 10.60 -3.82 -14.27
C SER A 36 10.00 -3.29 -15.56
N ALA A 37 10.63 -2.27 -16.13
CA ALA A 37 10.16 -1.66 -17.37
C ALA A 37 10.25 -2.65 -18.53
N GLU A 38 11.28 -3.49 -18.51
CA GLU A 38 11.48 -4.48 -19.56
C GLU A 38 10.21 -5.30 -19.78
N GLU A 39 9.54 -5.65 -18.69
CA GLU A 39 8.31 -6.44 -18.77
C GLU A 39 7.08 -5.53 -18.83
N LEU A 40 7.19 -4.36 -18.21
CA LEU A 40 6.10 -3.40 -18.19
C LEU A 40 6.48 -2.12 -18.93
N PRO A 41 6.37 -2.16 -20.27
CA PRO A 41 6.68 -1.02 -21.12
C PRO A 41 5.69 0.12 -20.97
N ASP A 42 4.54 -0.19 -20.39
CA ASP A 42 3.49 0.81 -20.19
C ASP A 42 3.33 1.13 -18.70
N TYR A 43 4.36 0.85 -17.93
CA TYR A 43 4.33 1.11 -16.49
C TYR A 43 3.93 2.55 -16.21
N HIS A 44 4.33 3.46 -17.09
CA HIS A 44 4.01 4.87 -16.93
C HIS A 44 2.52 5.11 -17.06
N THR A 45 1.86 4.29 -17.88
CA THR A 45 0.42 4.42 -18.10
C THR A 45 -0.36 3.63 -17.05
N VAL A 46 0.10 2.40 -16.78
CA VAL A 46 -0.56 1.55 -15.80
C VAL A 46 -0.36 2.09 -14.38
N ILE A 47 0.89 2.32 -14.02
CA ILE A 47 1.21 2.84 -12.69
C ILE A 47 2.38 3.81 -12.75
N LYS A 48 2.08 5.08 -12.99
CA LYS A 48 3.11 6.11 -13.07
C LYS A 48 3.82 6.27 -11.72
N ARG A 49 3.07 6.09 -10.64
CA ARG A 49 3.63 6.22 -9.30
C ARG A 49 4.39 4.96 -8.91
N PRO A 50 5.72 5.09 -8.75
CA PRO A 50 6.60 3.98 -8.38
C PRO A 50 6.37 3.53 -6.94
N VAL A 51 6.66 2.26 -6.67
CA VAL A 51 6.50 1.71 -5.33
C VAL A 51 7.68 0.83 -4.95
N ASP A 52 8.24 1.09 -3.76
CA ASP A 52 9.38 0.33 -3.28
C ASP A 52 9.33 0.18 -1.76
N LEU A 53 10.07 -0.80 -1.24
CA LEU A 53 10.11 -1.05 0.20
C LEU A 53 10.85 0.07 0.92
N SER A 54 11.97 0.49 0.36
CA SER A 54 12.78 1.55 0.95
C SER A 54 12.04 2.88 0.90
N SER A 55 11.32 3.11 -0.20
CA SER A 55 10.58 4.35 -0.37
C SER A 55 9.54 4.52 0.74
N ILE A 56 8.75 3.48 0.99
CA ILE A 56 7.73 3.52 2.02
C ILE A 56 8.36 3.73 3.40
N ARG A 57 9.39 2.94 3.69
CA ARG A 57 10.08 3.03 4.98
C ARG A 57 10.67 4.42 5.18
N ASP A 58 11.22 5.00 4.12
CA ASP A 58 11.82 6.32 4.18
C ASP A 58 10.75 7.39 4.30
N GLY A 59 9.64 7.20 3.59
CA GLY A 59 8.56 8.17 3.63
C GLY A 59 7.97 8.31 5.02
N ILE A 60 7.66 7.19 5.65
CA ILE A 60 7.09 7.19 6.99
C ILE A 60 8.01 7.88 7.98
N GLU A 61 9.31 7.58 7.90
CA GLU A 61 10.29 8.18 8.78
C GLU A 61 10.43 9.68 8.53
N LYS A 62 10.20 10.08 7.28
CA LYS A 62 10.29 11.48 6.90
C LYS A 62 9.06 12.25 7.36
N GLY A 63 8.02 11.51 7.76
CA GLY A 63 6.80 12.14 8.22
C GLY A 63 5.78 12.33 7.11
N THR A 64 5.86 11.47 6.10
CA THR A 64 4.95 11.53 4.96
C THR A 64 3.50 11.69 5.43
N TYR A 65 3.17 11.04 6.54
CA TYR A 65 1.82 11.09 7.09
C TYR A 65 1.62 12.36 7.91
N ALA A 66 0.51 12.42 8.64
CA ALA A 66 0.20 13.57 9.48
C ALA A 66 -1.09 13.35 10.25
N THR A 67 -2.03 12.65 9.64
CA THR A 67 -3.31 12.37 10.27
C THR A 67 -4.05 11.26 9.55
N ASP A 68 -5.30 11.03 9.95
CA ASP A 68 -6.12 9.98 9.34
C ASP A 68 -6.29 10.24 7.84
N VAL A 69 -6.40 11.50 7.47
CA VAL A 69 -6.57 11.88 6.06
C VAL A 69 -5.34 11.50 5.25
N ASP A 70 -4.16 11.90 5.74
CA ASP A 70 -2.91 11.60 5.05
C ASP A 70 -2.73 10.09 4.89
N VAL A 71 -3.02 9.35 5.96
CA VAL A 71 -2.88 7.89 5.93
C VAL A 71 -3.83 7.27 4.91
N GLN A 72 -5.05 7.80 4.85
CA GLN A 72 -6.05 7.29 3.92
C GLN A 72 -5.60 7.48 2.48
N ASN A 73 -5.13 8.68 2.16
CA ASN A 73 -4.67 8.99 0.81
C ASN A 73 -3.50 8.10 0.42
N ASP A 74 -2.54 7.94 1.35
CA ASP A 74 -1.37 7.11 1.09
C ASP A 74 -1.78 5.68 0.79
N VAL A 75 -2.64 5.12 1.62
CA VAL A 75 -3.10 3.75 1.45
C VAL A 75 -3.79 3.57 0.10
N ALA A 76 -4.64 4.54 -0.25
CA ALA A 76 -5.37 4.49 -1.51
C ALA A 76 -4.40 4.44 -2.70
N ARG A 77 -3.40 5.29 -2.67
CA ARG A 77 -2.41 5.35 -3.74
C ARG A 77 -1.68 4.01 -3.87
N MET A 78 -1.22 3.48 -2.75
CA MET A 78 -0.50 2.21 -2.73
C MET A 78 -1.38 1.09 -3.30
N ILE A 79 -2.66 1.13 -2.97
CA ILE A 79 -3.60 0.13 -3.44
C ILE A 79 -3.75 0.18 -4.96
N THR A 80 -3.85 1.39 -5.49
CA THR A 80 -4.00 1.58 -6.94
C THR A 80 -2.77 1.06 -7.68
N ASN A 81 -1.59 1.42 -7.17
CA ASN A 81 -0.34 0.98 -7.79
C ASN A 81 -0.20 -0.53 -7.75
N ALA A 82 -0.60 -1.12 -6.63
CA ALA A 82 -0.52 -2.57 -6.46
C ALA A 82 -1.42 -3.29 -7.46
N LEU A 83 -2.72 -3.02 -7.36
CA LEU A 83 -3.69 -3.64 -8.25
C LEU A 83 -3.36 -3.36 -9.72
N GLU A 84 -2.76 -2.20 -9.97
CA GLU A 84 -2.39 -1.82 -11.32
C GLU A 84 -1.27 -2.71 -11.85
N TYR A 85 -0.34 -3.07 -10.99
CA TYR A 85 0.78 -3.93 -11.36
C TYR A 85 0.40 -5.40 -11.24
N ASN A 86 -0.64 -5.67 -10.45
CA ASN A 86 -1.10 -7.04 -10.24
C ASN A 86 -2.30 -7.36 -11.13
N ALA A 87 -2.70 -6.38 -11.94
CA ALA A 87 -3.82 -6.55 -12.85
C ALA A 87 -3.50 -7.57 -13.94
N LYS A 88 -3.90 -8.82 -13.71
CA LYS A 88 -3.65 -9.87 -14.68
C LYS A 88 -4.88 -10.76 -14.85
N GLY A 89 -5.14 -11.61 -13.86
CA GLY A 89 -6.28 -12.50 -13.91
C GLY A 89 -6.15 -13.69 -12.98
N SER A 90 -6.86 -14.76 -13.28
CA SER A 90 -6.83 -15.96 -12.47
C SER A 90 -7.36 -15.68 -11.07
N THR A 91 -7.17 -16.64 -10.16
CA THR A 91 -7.62 -16.50 -8.79
C THR A 91 -6.92 -15.35 -8.08
N TRP A 92 -5.70 -15.05 -8.52
CA TRP A 92 -4.92 -13.97 -7.94
C TRP A 92 -5.62 -12.63 -8.13
N TYR A 93 -6.20 -12.44 -9.31
CA TYR A 93 -6.90 -11.20 -9.62
C TYR A 93 -8.16 -11.05 -8.77
N GLN A 94 -8.86 -12.16 -8.57
CA GLN A 94 -10.09 -12.15 -7.77
C GLN A 94 -9.78 -11.81 -6.31
N GLU A 95 -8.77 -12.46 -5.75
CA GLU A 95 -8.39 -12.23 -4.37
C GLU A 95 -7.84 -10.81 -4.18
N ALA A 96 -7.11 -10.34 -5.19
CA ALA A 96 -6.53 -9.00 -5.14
C ALA A 96 -7.62 -7.94 -5.13
N MET A 97 -8.59 -8.09 -6.01
CA MET A 97 -9.69 -7.13 -6.11
C MET A 97 -10.56 -7.18 -4.86
N SER A 98 -10.89 -8.40 -4.42
CA SER A 98 -11.72 -8.58 -3.25
C SER A 98 -11.08 -7.95 -2.01
N PHE A 99 -9.77 -8.14 -1.89
CA PHE A 99 -9.02 -7.58 -0.76
C PHE A 99 -8.95 -6.06 -0.84
N ARG A 100 -8.73 -5.56 -2.05
CA ARG A 100 -8.64 -4.12 -2.27
C ARG A 100 -9.90 -3.41 -1.79
N LYS A 101 -11.00 -4.15 -1.74
CA LYS A 101 -12.28 -3.59 -1.28
C LYS A 101 -12.28 -3.40 0.22
N THR A 102 -11.40 -4.13 0.91
CA THR A 102 -11.31 -4.03 2.37
C THR A 102 -9.99 -3.39 2.78
N TYR A 103 -9.09 -3.21 1.83
CA TYR A 103 -7.79 -2.61 2.10
C TYR A 103 -7.95 -1.20 2.65
N LEU A 104 -8.69 -0.37 1.92
CA LEU A 104 -8.91 1.02 2.33
C LEU A 104 -9.83 1.08 3.55
N ASP A 105 -10.83 0.21 3.57
CA ASP A 105 -11.77 0.15 4.68
C ASP A 105 -11.05 -0.05 6.01
N LEU A 106 -10.07 -0.96 6.01
CA LEU A 106 -9.30 -1.26 7.21
C LEU A 106 -8.54 -0.03 7.69
N ALA A 107 -7.98 0.71 6.74
CA ALA A 107 -7.23 1.92 7.06
C ALA A 107 -8.11 3.16 6.96
N ARG A 108 -9.21 3.16 7.69
CA ARG A 108 -10.14 4.28 7.69
C ARG A 108 -11.33 4.01 8.60
N GLN A 109 -12.02 2.90 8.36
CA GLN A 109 -13.18 2.53 9.17
C GLN A 109 -12.76 2.25 10.61
N SER A 110 -11.53 1.80 10.79
CA SER A 110 -11.01 1.47 12.12
C SER A 110 -10.86 2.74 12.96
N GLY A 111 -10.68 3.87 12.29
CA GLY A 111 -10.51 5.12 13.00
C GLY A 111 -9.25 5.17 13.83
N MET A 1 5.16 -1.32 14.89
CA MET A 1 5.62 -1.41 16.27
C MET A 1 6.31 -0.12 16.68
N SER A 2 5.69 1.01 16.38
CA SER A 2 6.24 2.31 16.73
C SER A 2 5.18 3.21 17.35
N LYS A 3 5.54 4.47 17.56
CA LYS A 3 4.61 5.44 18.14
C LYS A 3 4.42 6.64 17.23
N ASN A 4 3.46 7.49 17.55
CA ASN A 4 3.18 8.69 16.76
C ASN A 4 4.19 9.79 17.06
N GLU A 5 4.55 10.55 16.04
CA GLU A 5 5.50 11.65 16.20
C GLU A 5 4.98 12.68 17.20
N ARG A 6 3.66 12.79 17.29
CA ARG A 6 3.04 13.74 18.21
C ARG A 6 2.09 13.03 19.17
N ASP A 7 1.06 12.40 18.61
CA ASP A 7 0.08 11.68 19.42
C ASP A 7 -0.96 11.00 18.53
N THR A 8 -1.45 11.72 17.53
CA THR A 8 -2.44 11.19 16.61
C THR A 8 -2.19 11.67 15.18
N SER A 9 -0.93 11.97 14.88
CA SER A 9 -0.55 12.43 13.55
C SER A 9 -0.21 11.26 12.64
N PHE A 10 0.33 10.20 13.23
CA PHE A 10 0.71 9.01 12.46
C PHE A 10 -0.37 7.94 12.56
N ASN A 11 -0.70 7.33 11.43
CA ASN A 11 -1.71 6.29 11.38
C ASN A 11 -1.08 4.90 11.27
N LYS A 12 -0.59 4.39 12.41
CA LYS A 12 0.05 3.08 12.45
C LYS A 12 -0.90 2.00 11.93
N ASN A 13 -2.19 2.19 12.19
CA ASN A 13 -3.20 1.23 11.76
C ASN A 13 -3.15 1.02 10.24
N GLY A 14 -2.98 2.12 9.51
CA GLY A 14 -2.91 2.06 8.07
C GLY A 14 -1.74 1.23 7.58
N CYS A 15 -0.60 1.37 8.24
CA CYS A 15 0.60 0.63 7.87
C CYS A 15 0.44 -0.85 8.18
N LEU A 16 -0.20 -1.15 9.30
CA LEU A 16 -0.41 -2.54 9.72
C LEU A 16 -1.34 -3.25 8.73
N VAL A 17 -2.44 -2.60 8.37
CA VAL A 17 -3.40 -3.18 7.43
C VAL A 17 -2.81 -3.28 6.04
N PHE A 18 -2.00 -2.28 5.67
CA PHE A 18 -1.37 -2.26 4.35
C PHE A 18 -0.41 -3.44 4.19
N VAL A 19 0.42 -3.66 5.20
CA VAL A 19 1.39 -4.75 5.17
C VAL A 19 0.69 -6.10 5.25
N SER A 20 -0.26 -6.21 6.17
CA SER A 20 -1.00 -7.46 6.37
C SER A 20 -1.70 -7.88 5.07
N ARG A 21 -2.41 -6.94 4.46
CA ARG A 21 -3.13 -7.20 3.22
C ARG A 21 -2.16 -7.44 2.07
N LEU A 22 -1.06 -6.67 2.06
CA LEU A 22 -0.05 -6.79 1.02
C LEU A 22 0.51 -8.20 0.96
N TRP A 23 0.80 -8.76 2.14
CA TRP A 23 1.35 -10.11 2.22
C TRP A 23 0.38 -11.14 1.65
N ASP A 24 -0.91 -10.91 1.87
CA ASP A 24 -1.95 -11.81 1.37
C ASP A 24 -2.02 -11.76 -0.15
N LEU A 25 -2.08 -10.54 -0.70
CA LEU A 25 -2.16 -10.36 -2.14
C LEU A 25 -0.97 -11.00 -2.84
N ASP A 26 0.23 -10.69 -2.37
CA ASP A 26 1.45 -11.26 -2.95
C ASP A 26 1.62 -12.71 -2.55
N LYS A 27 1.17 -13.62 -3.41
CA LYS A 27 1.27 -15.04 -3.14
C LYS A 27 2.71 -15.44 -2.84
N LEU A 28 3.65 -14.72 -3.44
CA LEU A 28 5.07 -14.99 -3.24
C LEU A 28 5.47 -14.76 -1.79
N GLY A 29 4.73 -13.88 -1.11
CA GLY A 29 5.03 -13.59 0.28
C GLY A 29 6.00 -12.44 0.45
N MET A 30 7.27 -12.71 0.13
CA MET A 30 8.31 -11.70 0.24
C MET A 30 8.19 -10.67 -0.88
N PHE A 31 7.18 -9.82 -0.79
CA PHE A 31 6.95 -8.78 -1.79
C PHE A 31 6.91 -7.40 -1.15
N HIS A 32 7.83 -6.54 -1.57
CA HIS A 32 7.90 -5.18 -1.04
C HIS A 32 8.95 -4.36 -1.77
N HIS A 33 8.85 -4.33 -3.09
CA HIS A 33 9.79 -3.57 -3.92
C HIS A 33 9.14 -3.14 -5.23
N PRO A 34 9.73 -2.12 -5.87
CA PRO A 34 9.24 -1.59 -7.15
C PRO A 34 9.43 -2.57 -8.30
N VAL A 35 8.45 -2.62 -9.19
CA VAL A 35 8.52 -3.52 -10.35
C VAL A 35 9.55 -3.02 -11.36
N SER A 36 10.23 -3.97 -12.01
CA SER A 36 11.24 -3.63 -13.01
C SER A 36 10.60 -3.25 -14.33
N ALA A 37 11.17 -2.25 -15.00
CA ALA A 37 10.64 -1.80 -16.28
C ALA A 37 10.72 -2.89 -17.33
N GLU A 38 11.77 -3.72 -17.24
CA GLU A 38 11.96 -4.81 -18.18
C GLU A 38 10.70 -5.67 -18.28
N GLU A 39 10.05 -5.90 -17.15
CA GLU A 39 8.83 -6.70 -17.11
C GLU A 39 7.59 -5.82 -17.27
N LEU A 40 7.69 -4.58 -16.79
CA LEU A 40 6.57 -3.64 -16.87
C LEU A 40 7.03 -2.32 -17.48
N PRO A 41 7.18 -2.31 -18.81
CA PRO A 41 7.61 -1.11 -19.54
C PRO A 41 6.54 -0.03 -19.56
N ASP A 42 5.31 -0.41 -19.23
CA ASP A 42 4.19 0.53 -19.20
C ASP A 42 3.73 0.77 -17.77
N TYR A 43 4.60 0.48 -16.81
CA TYR A 43 4.27 0.67 -15.40
C TYR A 43 3.85 2.10 -15.13
N HIS A 44 4.46 3.04 -15.85
CA HIS A 44 4.14 4.45 -15.70
C HIS A 44 2.73 4.76 -16.21
N THR A 45 2.33 4.07 -17.27
CA THR A 45 1.01 4.28 -17.86
C THR A 45 -0.03 3.39 -17.18
N VAL A 46 0.44 2.45 -16.36
CA VAL A 46 -0.47 1.56 -15.64
C VAL A 46 -0.71 2.04 -14.23
N ILE A 47 0.37 2.32 -13.49
CA ILE A 47 0.27 2.80 -12.12
C ILE A 47 0.81 4.21 -12.00
N LYS A 48 2.04 4.41 -12.48
CA LYS A 48 2.68 5.71 -12.42
C LYS A 48 3.02 6.09 -10.99
N ARG A 49 2.90 5.12 -10.08
CA ARG A 49 3.20 5.35 -8.68
C ARG A 49 4.19 4.32 -8.15
N PRO A 50 5.48 4.68 -8.16
CA PRO A 50 6.55 3.79 -7.69
C PRO A 50 6.52 3.58 -6.18
N VAL A 51 6.48 2.32 -5.76
CA VAL A 51 6.45 1.99 -4.34
C VAL A 51 7.60 1.08 -3.95
N ASP A 52 8.32 1.45 -2.90
CA ASP A 52 9.46 0.67 -2.44
C ASP A 52 9.44 0.54 -0.92
N LEU A 53 10.07 -0.51 -0.40
CA LEU A 53 10.12 -0.75 1.03
C LEU A 53 10.99 0.30 1.72
N SER A 54 12.14 0.60 1.13
CA SER A 54 13.05 1.58 1.70
C SER A 54 12.46 2.99 1.61
N SER A 55 11.78 3.26 0.49
CA SER A 55 11.17 4.57 0.28
C SER A 55 10.08 4.84 1.32
N ILE A 56 9.18 3.87 1.48
CA ILE A 56 8.10 4.00 2.44
C ILE A 56 8.63 4.08 3.87
N ARG A 57 9.53 3.16 4.21
CA ARG A 57 10.11 3.13 5.54
C ARG A 57 10.74 4.48 5.90
N ASP A 58 11.39 5.09 4.92
CA ASP A 58 12.03 6.39 5.14
C ASP A 58 10.99 7.50 5.24
N GLY A 59 9.91 7.35 4.49
CA GLY A 59 8.85 8.35 4.50
C GLY A 59 8.18 8.47 5.86
N ILE A 60 7.80 7.34 6.44
CA ILE A 60 7.16 7.31 7.74
C ILE A 60 8.12 7.74 8.84
N GLU A 61 9.36 7.28 8.75
CA GLU A 61 10.38 7.62 9.73
C GLU A 61 10.70 9.11 9.70
N LYS A 62 10.58 9.71 8.52
CA LYS A 62 10.86 11.13 8.35
C LYS A 62 9.60 11.96 8.63
N GLY A 63 8.44 11.35 8.45
CA GLY A 63 7.19 12.04 8.70
C GLY A 63 6.65 12.70 7.44
N THR A 64 6.97 12.12 6.28
CA THR A 64 6.50 12.66 5.01
C THR A 64 5.03 13.03 5.08
N TYR A 65 4.25 12.24 5.81
CA TYR A 65 2.82 12.48 5.95
C TYR A 65 2.56 13.82 6.62
N ALA A 66 1.31 14.05 7.01
CA ALA A 66 0.93 15.28 7.68
C ALA A 66 -0.11 15.02 8.77
N THR A 67 -1.04 14.12 8.48
CA THR A 67 -2.08 13.78 9.44
C THR A 67 -2.87 12.54 8.99
N ASP A 68 -3.94 12.23 9.70
CA ASP A 68 -4.77 11.08 9.37
C ASP A 68 -5.33 11.20 7.96
N VAL A 69 -5.57 12.43 7.52
CA VAL A 69 -6.11 12.68 6.19
C VAL A 69 -5.08 12.36 5.11
N ASP A 70 -3.87 12.87 5.27
CA ASP A 70 -2.79 12.64 4.32
C ASP A 70 -2.48 11.15 4.22
N VAL A 71 -2.42 10.48 5.37
CA VAL A 71 -2.13 9.06 5.41
C VAL A 71 -3.22 8.25 4.72
N GLN A 72 -4.47 8.57 5.04
CA GLN A 72 -5.62 7.88 4.46
C GLN A 72 -5.63 8.03 2.94
N ASN A 73 -5.29 9.22 2.48
CA ASN A 73 -5.27 9.51 1.04
C ASN A 73 -4.14 8.74 0.36
N ASP A 74 -3.00 8.65 1.03
CA ASP A 74 -1.85 7.94 0.49
C ASP A 74 -2.15 6.46 0.32
N VAL A 75 -2.66 5.84 1.37
CA VAL A 75 -2.99 4.42 1.34
C VAL A 75 -4.11 4.14 0.34
N ALA A 76 -5.08 5.04 0.27
CA ALA A 76 -6.20 4.89 -0.66
C ALA A 76 -5.71 4.89 -2.11
N ARG A 77 -4.86 5.85 -2.44
CA ARG A 77 -4.32 5.96 -3.79
C ARG A 77 -3.49 4.73 -4.15
N MET A 78 -2.66 4.28 -3.20
CA MET A 78 -1.81 3.12 -3.42
C MET A 78 -2.66 1.88 -3.71
N ILE A 79 -3.73 1.71 -2.94
CA ILE A 79 -4.62 0.56 -3.13
C ILE A 79 -5.29 0.60 -4.49
N THR A 80 -5.83 1.75 -4.86
CA THR A 80 -6.49 1.91 -6.14
C THR A 80 -5.56 1.58 -7.30
N ASN A 81 -4.33 2.10 -7.23
CA ASN A 81 -3.34 1.86 -8.28
C ASN A 81 -3.00 0.38 -8.36
N ALA A 82 -2.83 -0.25 -7.21
CA ALA A 82 -2.50 -1.68 -7.14
C ALA A 82 -3.59 -2.52 -7.78
N LEU A 83 -4.84 -2.13 -7.56
CA LEU A 83 -5.98 -2.86 -8.11
C LEU A 83 -6.06 -2.67 -9.62
N GLU A 84 -5.75 -1.45 -10.08
CA GLU A 84 -5.79 -1.15 -11.50
C GLU A 84 -4.76 -1.97 -12.27
N TYR A 85 -3.62 -2.23 -11.63
CA TYR A 85 -2.55 -3.00 -12.24
C TYR A 85 -2.75 -4.50 -12.02
N ASN A 86 -3.36 -4.82 -10.88
CA ASN A 86 -3.62 -6.22 -10.53
C ASN A 86 -4.79 -6.77 -11.34
N ALA A 87 -5.44 -5.90 -12.10
CA ALA A 87 -6.57 -6.31 -12.92
C ALA A 87 -6.13 -7.22 -14.06
N LYS A 88 -6.23 -8.53 -13.84
CA LYS A 88 -5.84 -9.51 -14.85
C LYS A 88 -7.00 -10.46 -15.15
N GLY A 89 -7.26 -11.38 -14.23
CA GLY A 89 -8.34 -12.33 -14.43
C GLY A 89 -8.13 -13.62 -13.64
N SER A 90 -6.87 -13.93 -13.35
CA SER A 90 -6.54 -15.14 -12.60
C SER A 90 -7.04 -15.04 -11.17
N THR A 91 -6.81 -16.10 -10.39
CA THR A 91 -7.24 -16.14 -9.00
C THR A 91 -6.68 -14.96 -8.22
N TRP A 92 -5.53 -14.46 -8.65
CA TRP A 92 -4.88 -13.33 -7.99
C TRP A 92 -5.77 -12.09 -8.06
N TYR A 93 -6.43 -11.90 -9.19
CA TYR A 93 -7.31 -10.76 -9.39
C TYR A 93 -8.53 -10.84 -8.48
N GLN A 94 -9.06 -12.06 -8.32
CA GLN A 94 -10.23 -12.28 -7.47
C GLN A 94 -9.91 -12.01 -6.01
N GLU A 95 -8.79 -12.56 -5.55
CA GLU A 95 -8.36 -12.38 -4.17
C GLU A 95 -8.02 -10.92 -3.89
N ALA A 96 -7.41 -10.27 -4.87
CA ALA A 96 -7.02 -8.87 -4.73
C ALA A 96 -8.25 -7.97 -4.63
N MET A 97 -9.24 -8.22 -5.48
CA MET A 97 -10.46 -7.43 -5.48
C MET A 97 -11.27 -7.68 -4.21
N SER A 98 -11.29 -8.93 -3.76
CA SER A 98 -12.03 -9.29 -2.56
C SER A 98 -11.42 -8.63 -1.33
N PHE A 99 -10.08 -8.65 -1.25
CA PHE A 99 -9.38 -8.05 -0.12
C PHE A 99 -9.49 -6.53 -0.16
N ARG A 100 -9.48 -5.97 -1.36
CA ARG A 100 -9.57 -4.52 -1.54
C ARG A 100 -10.82 -3.97 -0.86
N LYS A 101 -11.83 -4.83 -0.70
CA LYS A 101 -13.07 -4.44 -0.06
C LYS A 101 -12.88 -4.19 1.43
N THR A 102 -11.83 -4.78 1.98
CA THR A 102 -11.52 -4.63 3.40
C THR A 102 -10.19 -3.90 3.60
N TYR A 103 -9.46 -3.70 2.51
CA TYR A 103 -8.18 -3.02 2.57
C TYR A 103 -8.33 -1.61 3.12
N LEU A 104 -9.20 -0.83 2.48
CA LEU A 104 -9.45 0.55 2.89
C LEU A 104 -10.24 0.59 4.19
N ASP A 105 -11.16 -0.36 4.35
CA ASP A 105 -11.99 -0.44 5.56
C ASP A 105 -11.12 -0.56 6.80
N LEU A 106 -10.06 -1.37 6.71
CA LEU A 106 -9.15 -1.57 7.83
C LEU A 106 -7.99 -0.57 7.78
N ALA A 107 -8.15 0.48 6.97
CA ALA A 107 -7.13 1.50 6.84
C ALA A 107 -7.70 2.89 7.10
N ARG A 108 -8.45 3.03 8.19
CA ARG A 108 -9.06 4.31 8.54
C ARG A 108 -9.86 4.18 9.83
N GLN A 109 -10.68 3.14 9.91
CA GLN A 109 -11.50 2.91 11.10
C GLN A 109 -10.64 2.50 12.29
N SER A 110 -9.58 1.76 12.01
CA SER A 110 -8.68 1.28 13.06
C SER A 110 -7.89 2.44 13.66
N GLY A 111 -7.71 3.50 12.87
CA GLY A 111 -6.97 4.66 13.33
C GLY A 111 -7.76 5.48 14.34
N MET A 1 9.05 8.77 20.26
CA MET A 1 8.69 9.68 19.18
C MET A 1 7.17 9.84 19.09
N SER A 2 6.49 8.71 18.94
CA SER A 2 5.03 8.72 18.82
C SER A 2 4.39 7.95 19.97
N LYS A 3 3.07 7.85 19.94
CA LYS A 3 2.33 7.13 20.98
C LYS A 3 2.70 7.66 22.36
N ASN A 4 3.06 8.93 22.44
CA ASN A 4 3.45 9.56 23.70
C ASN A 4 2.97 11.00 23.76
N GLU A 5 3.17 11.73 22.67
CA GLU A 5 2.77 13.14 22.60
C GLU A 5 1.30 13.26 22.23
N ARG A 6 0.81 12.30 21.44
CA ARG A 6 -0.58 12.30 21.01
C ARG A 6 -0.91 13.59 20.25
N ASP A 7 -0.81 13.53 18.93
CA ASP A 7 -1.09 14.69 18.10
C ASP A 7 -1.74 14.26 16.77
N THR A 8 -2.39 13.11 16.79
CA THR A 8 -3.05 12.59 15.60
C THR A 8 -2.23 12.88 14.34
N SER A 9 -0.91 12.68 14.44
CA SER A 9 -0.01 12.93 13.32
C SER A 9 0.46 11.61 12.72
N PHE A 10 0.48 10.56 13.52
CA PHE A 10 0.92 9.25 13.07
C PHE A 10 -0.18 8.21 13.28
N ASN A 11 -0.55 7.53 12.19
CA ASN A 11 -1.59 6.50 12.26
C ASN A 11 -0.98 5.11 12.21
N LYS A 12 -0.47 4.66 13.35
CA LYS A 12 0.15 3.34 13.46
C LYS A 12 -0.82 2.26 13.00
N ASN A 13 -2.11 2.47 13.26
CA ASN A 13 -3.13 1.51 12.86
C ASN A 13 -3.11 1.27 11.36
N GLY A 14 -2.99 2.35 10.59
CA GLY A 14 -2.95 2.24 9.15
C GLY A 14 -1.75 1.47 8.65
N CYS A 15 -0.61 1.64 9.33
CA CYS A 15 0.61 0.95 8.95
C CYS A 15 0.51 -0.54 9.23
N LEU A 16 -0.06 -0.89 10.37
CA LEU A 16 -0.23 -2.29 10.76
C LEU A 16 -1.19 -3.00 9.82
N VAL A 17 -2.32 -2.36 9.53
CA VAL A 17 -3.33 -2.93 8.65
C VAL A 17 -2.81 -3.01 7.22
N PHE A 18 -2.03 -2.01 6.81
CA PHE A 18 -1.47 -1.97 5.47
C PHE A 18 -0.49 -3.13 5.24
N VAL A 19 0.54 -3.18 6.06
CA VAL A 19 1.54 -4.23 5.95
C VAL A 19 0.92 -5.61 6.15
N SER A 20 -0.04 -5.69 7.06
CA SER A 20 -0.72 -6.95 7.34
C SER A 20 -1.47 -7.46 6.11
N ARG A 21 -2.26 -6.57 5.51
CA ARG A 21 -3.04 -6.92 4.33
C ARG A 21 -2.13 -7.14 3.13
N LEU A 22 -1.09 -6.31 3.02
CA LEU A 22 -0.15 -6.42 1.91
C LEU A 22 0.53 -7.78 1.90
N TRP A 23 0.93 -8.25 3.07
CA TRP A 23 1.59 -9.55 3.19
C TRP A 23 0.68 -10.67 2.70
N ASP A 24 -0.61 -10.53 2.97
CA ASP A 24 -1.59 -11.53 2.56
C ASP A 24 -1.76 -11.53 1.04
N LEU A 25 -2.06 -10.36 0.49
CA LEU A 25 -2.26 -10.21 -0.95
C LEU A 25 -1.01 -10.67 -1.71
N ASP A 26 0.15 -10.49 -1.09
CA ASP A 26 1.41 -10.87 -1.71
C ASP A 26 1.58 -12.39 -1.70
N LYS A 27 0.86 -13.06 -2.60
CA LYS A 27 0.93 -14.51 -2.70
C LYS A 27 2.33 -14.97 -3.11
N LEU A 28 3.00 -14.15 -3.92
CA LEU A 28 4.34 -14.47 -4.39
C LEU A 28 5.26 -14.79 -3.21
N GLY A 29 4.97 -14.19 -2.06
CA GLY A 29 5.78 -14.43 -0.87
C GLY A 29 7.12 -13.73 -0.95
N MET A 30 7.22 -12.73 -1.81
CA MET A 30 8.46 -11.97 -1.96
C MET A 30 8.26 -10.77 -2.88
N PHE A 31 7.15 -10.07 -2.69
CA PHE A 31 6.84 -8.90 -3.50
C PHE A 31 6.93 -7.63 -2.68
N HIS A 32 7.83 -6.73 -3.08
CA HIS A 32 8.02 -5.47 -2.39
C HIS A 32 9.10 -4.63 -3.05
N HIS A 33 9.04 -4.55 -4.38
CA HIS A 33 10.03 -3.78 -5.15
C HIS A 33 9.43 -3.30 -6.45
N PRO A 34 10.05 -2.26 -7.04
CA PRO A 34 9.60 -1.68 -8.31
C PRO A 34 9.83 -2.62 -9.49
N VAL A 35 8.93 -2.57 -10.46
CA VAL A 35 9.04 -3.41 -11.65
C VAL A 35 10.07 -2.86 -12.62
N SER A 36 10.78 -3.76 -13.30
CA SER A 36 11.81 -3.36 -14.25
C SER A 36 11.18 -2.93 -15.58
N ALA A 37 11.74 -1.89 -16.19
CA ALA A 37 11.24 -1.39 -17.45
C ALA A 37 11.28 -2.46 -18.53
N GLU A 38 12.28 -3.33 -18.46
CA GLU A 38 12.43 -4.40 -19.44
C GLU A 38 11.14 -5.19 -19.57
N GLU A 39 10.48 -5.43 -18.44
CA GLU A 39 9.23 -6.18 -18.42
C GLU A 39 8.03 -5.24 -18.54
N LEU A 40 8.09 -4.11 -17.85
CA LEU A 40 7.01 -3.13 -17.88
C LEU A 40 7.53 -1.75 -18.28
N PRO A 41 7.75 -1.58 -19.59
CA PRO A 41 8.25 -0.31 -20.15
C PRO A 41 7.22 0.81 -20.05
N ASP A 42 5.97 0.43 -19.84
CA ASP A 42 4.88 1.40 -19.73
C ASP A 42 4.33 1.45 -18.31
N TYR A 43 5.08 0.88 -17.37
CA TYR A 43 4.66 0.86 -15.97
C TYR A 43 4.29 2.26 -15.49
N HIS A 44 5.00 3.26 -16.00
CA HIS A 44 4.75 4.65 -15.63
C HIS A 44 3.37 5.09 -16.09
N THR A 45 2.94 4.60 -17.25
CA THR A 45 1.64 4.95 -17.80
C THR A 45 0.55 4.02 -17.26
N VAL A 46 0.97 2.93 -16.64
CA VAL A 46 0.03 1.97 -16.08
C VAL A 46 -0.20 2.22 -14.58
N ILE A 47 0.79 2.86 -13.95
CA ILE A 47 0.71 3.16 -12.53
C ILE A 47 1.17 4.59 -12.25
N LYS A 48 2.36 4.93 -12.72
CA LYS A 48 2.90 6.27 -12.53
C LYS A 48 3.20 6.51 -11.05
N ARG A 49 3.18 5.45 -10.26
CA ARG A 49 3.44 5.56 -8.83
C ARG A 49 4.54 4.58 -8.40
N PRO A 50 5.78 5.07 -8.35
CA PRO A 50 6.94 4.27 -7.97
C PRO A 50 6.92 3.89 -6.49
N VAL A 51 6.86 2.60 -6.20
CA VAL A 51 6.83 2.12 -4.82
C VAL A 51 7.91 1.07 -4.59
N ASP A 52 8.69 1.27 -3.53
CA ASP A 52 9.76 0.35 -3.19
C ASP A 52 9.80 0.07 -1.69
N LEU A 53 10.35 -1.08 -1.32
CA LEU A 53 10.44 -1.46 0.10
C LEU A 53 11.27 -0.45 0.87
N SER A 54 12.39 -0.05 0.30
CA SER A 54 13.28 0.91 0.95
C SER A 54 12.64 2.29 1.02
N SER A 55 11.91 2.65 -0.04
CA SER A 55 11.24 3.94 -0.09
C SER A 55 10.23 4.09 1.03
N ILE A 56 9.37 3.07 1.18
CA ILE A 56 8.36 3.08 2.23
C ILE A 56 9.00 3.06 3.62
N ARG A 57 9.96 2.16 3.80
CA ARG A 57 10.65 2.04 5.08
C ARG A 57 11.30 3.36 5.48
N ASP A 58 11.87 4.05 4.51
CA ASP A 58 12.53 5.33 4.75
C ASP A 58 11.51 6.42 5.03
N GLY A 59 10.40 6.39 4.29
CA GLY A 59 9.35 7.38 4.49
C GLY A 59 8.73 7.32 5.87
N ILE A 60 8.60 6.11 6.40
CA ILE A 60 8.02 5.93 7.73
C ILE A 60 8.93 6.51 8.81
N GLU A 61 10.21 6.14 8.76
CA GLU A 61 11.18 6.63 9.74
C GLU A 61 11.39 8.14 9.59
N LYS A 62 11.16 8.64 8.39
CA LYS A 62 11.32 10.07 8.11
C LYS A 62 10.12 10.86 8.61
N GLY A 63 8.99 10.18 8.76
CA GLY A 63 7.79 10.84 9.23
C GLY A 63 6.92 11.34 8.09
N THR A 64 7.03 10.69 6.93
CA THR A 64 6.24 11.08 5.77
C THR A 64 4.78 11.31 6.13
N TYR A 65 4.18 10.32 6.77
CA TYR A 65 2.78 10.41 7.17
C TYR A 65 2.50 11.72 7.90
N ALA A 66 1.55 12.49 7.38
CA ALA A 66 1.20 13.77 7.98
C ALA A 66 -0.04 13.63 8.85
N THR A 67 -0.94 12.73 8.47
CA THR A 67 -2.17 12.50 9.22
C THR A 67 -2.96 11.35 8.63
N ASP A 68 -4.14 11.09 9.21
CA ASP A 68 -5.00 10.01 8.74
C ASP A 68 -5.40 10.23 7.29
N VAL A 69 -5.41 11.49 6.87
CA VAL A 69 -5.79 11.85 5.50
C VAL A 69 -4.70 11.44 4.51
N ASP A 70 -3.47 11.81 4.81
CA ASP A 70 -2.34 11.47 3.95
C ASP A 70 -2.13 9.96 3.88
N VAL A 71 -2.23 9.31 5.03
CA VAL A 71 -2.05 7.86 5.10
C VAL A 71 -3.17 7.13 4.36
N GLN A 72 -4.40 7.60 4.54
CA GLN A 72 -5.56 7.00 3.88
C GLN A 72 -5.43 7.10 2.36
N ASN A 73 -5.09 8.29 1.88
CA ASN A 73 -4.94 8.51 0.45
C ASN A 73 -3.81 7.65 -0.12
N ASP A 74 -2.70 7.58 0.62
CA ASP A 74 -1.54 6.79 0.20
C ASP A 74 -1.92 5.32 0.02
N VAL A 75 -2.58 4.77 1.03
CA VAL A 75 -2.99 3.37 1.00
C VAL A 75 -3.97 3.12 -0.16
N ALA A 76 -4.90 4.04 -0.34
CA ALA A 76 -5.89 3.92 -1.40
C ALA A 76 -5.23 3.87 -2.77
N ARG A 77 -4.21 4.70 -2.96
CA ARG A 77 -3.48 4.75 -4.22
C ARG A 77 -2.66 3.48 -4.44
N MET A 78 -2.10 2.95 -3.35
CA MET A 78 -1.29 1.74 -3.42
C MET A 78 -2.14 0.55 -3.85
N ILE A 79 -3.30 0.39 -3.22
CA ILE A 79 -4.20 -0.71 -3.55
C ILE A 79 -4.79 -0.54 -4.95
N THR A 80 -5.09 0.70 -5.32
CA THR A 80 -5.65 0.99 -6.63
C THR A 80 -4.69 0.59 -7.74
N ASN A 81 -3.43 0.96 -7.58
CA ASN A 81 -2.41 0.63 -8.58
C ASN A 81 -2.11 -0.86 -8.60
N ALA A 82 -2.12 -1.46 -7.41
CA ALA A 82 -1.85 -2.88 -7.28
C ALA A 82 -2.92 -3.71 -7.99
N LEU A 83 -4.16 -3.25 -7.91
CA LEU A 83 -5.28 -3.95 -8.55
C LEU A 83 -5.29 -3.68 -10.05
N GLU A 84 -4.99 -2.45 -10.44
CA GLU A 84 -4.97 -2.08 -11.84
C GLU A 84 -3.85 -2.82 -12.59
N TYR A 85 -2.74 -3.05 -11.89
CA TYR A 85 -1.61 -3.74 -12.49
C TYR A 85 -1.80 -5.26 -12.45
N ASN A 86 -2.35 -5.74 -11.34
CA ASN A 86 -2.59 -7.17 -11.18
C ASN A 86 -3.85 -7.59 -11.92
N ALA A 87 -4.61 -6.62 -12.41
CA ALA A 87 -5.84 -6.90 -13.14
C ALA A 87 -5.54 -7.54 -14.49
N LYS A 88 -5.68 -8.86 -14.54
CA LYS A 88 -5.41 -9.61 -15.77
C LYS A 88 -6.66 -10.40 -16.19
N GLY A 89 -7.26 -11.10 -15.23
CA GLY A 89 -8.44 -11.89 -15.53
C GLY A 89 -8.35 -13.29 -14.96
N SER A 90 -8.36 -13.40 -13.64
CA SER A 90 -8.28 -14.70 -12.98
C SER A 90 -8.53 -14.56 -11.48
N THR A 91 -8.28 -15.64 -10.75
CA THR A 91 -8.48 -15.64 -9.30
C THR A 91 -7.72 -14.51 -8.63
N TRP A 92 -6.62 -14.10 -9.25
CA TRP A 92 -5.80 -13.01 -8.72
C TRP A 92 -6.58 -11.70 -8.70
N TYR A 93 -7.38 -11.48 -9.74
CA TYR A 93 -8.18 -10.27 -9.85
C TYR A 93 -9.21 -10.20 -8.74
N GLN A 94 -9.88 -11.32 -8.48
CA GLN A 94 -10.89 -11.39 -7.44
C GLN A 94 -10.27 -11.23 -6.05
N GLU A 95 -9.09 -11.80 -5.87
CA GLU A 95 -8.38 -11.71 -4.59
C GLU A 95 -7.98 -10.27 -4.29
N ALA A 96 -7.44 -9.59 -5.29
CA ALA A 96 -7.02 -8.21 -5.14
C ALA A 96 -8.20 -7.29 -4.91
N MET A 97 -9.27 -7.51 -5.67
CA MET A 97 -10.48 -6.69 -5.55
C MET A 97 -11.20 -6.98 -4.24
N SER A 98 -11.18 -8.24 -3.82
CA SER A 98 -11.83 -8.64 -2.57
C SER A 98 -11.10 -8.06 -1.37
N PHE A 99 -9.78 -8.11 -1.40
CA PHE A 99 -8.96 -7.59 -0.32
C PHE A 99 -9.06 -6.06 -0.24
N ARG A 100 -8.94 -5.42 -1.39
CA ARG A 100 -9.01 -3.96 -1.46
C ARG A 100 -10.32 -3.45 -0.85
N LYS A 101 -11.33 -4.30 -0.84
CA LYS A 101 -12.63 -3.93 -0.28
C LYS A 101 -12.55 -3.77 1.23
N THR A 102 -11.56 -4.43 1.84
CA THR A 102 -11.37 -4.35 3.28
C THR A 102 -10.05 -3.68 3.63
N TYR A 103 -9.22 -3.44 2.61
CA TYR A 103 -7.93 -2.80 2.81
C TYR A 103 -8.10 -1.36 3.29
N LEU A 104 -8.88 -0.58 2.55
CA LEU A 104 -9.12 0.81 2.89
C LEU A 104 -10.02 0.92 4.14
N ASP A 105 -11.05 0.09 4.18
CA ASP A 105 -11.97 0.07 5.30
C ASP A 105 -11.23 -0.14 6.62
N LEU A 106 -10.38 -1.16 6.64
CA LEU A 106 -9.62 -1.48 7.84
C LEU A 106 -8.58 -0.39 8.13
N ALA A 107 -8.18 0.33 7.09
CA ALA A 107 -7.20 1.41 7.24
C ALA A 107 -7.88 2.77 7.13
N ARG A 108 -8.73 3.08 8.10
CA ARG A 108 -9.44 4.37 8.11
C ARG A 108 -10.34 4.47 9.33
N GLN A 109 -11.30 3.55 9.43
CA GLN A 109 -12.24 3.54 10.55
C GLN A 109 -11.54 3.13 11.84
N SER A 110 -10.57 2.21 11.72
CA SER A 110 -9.83 1.72 12.87
C SER A 110 -8.89 2.79 13.40
N GLY A 111 -8.45 3.69 12.52
CA GLY A 111 -7.55 4.75 12.92
C GLY A 111 -8.27 5.93 13.52
N MET A 1 10.30 2.47 19.22
CA MET A 1 11.58 2.83 19.81
C MET A 1 11.98 4.25 19.41
N SER A 2 10.98 5.07 19.12
CA SER A 2 11.23 6.46 18.73
C SER A 2 10.28 7.41 19.46
N LYS A 3 10.30 8.67 19.06
CA LYS A 3 9.44 9.69 19.68
C LYS A 3 8.71 10.49 18.62
N ASN A 4 7.46 10.10 18.34
CA ASN A 4 6.65 10.79 17.34
C ASN A 4 6.17 12.13 17.87
N GLU A 5 6.57 13.20 17.20
CA GLU A 5 6.18 14.56 17.60
C GLU A 5 4.66 14.68 17.66
N ARG A 6 3.98 14.16 16.65
CA ARG A 6 2.53 14.21 16.60
C ARG A 6 1.90 13.06 17.36
N ASP A 7 0.58 12.92 17.28
CA ASP A 7 -0.13 11.86 17.96
C ASP A 7 -1.59 11.81 17.52
N THR A 8 -1.83 12.14 16.25
CA THR A 8 -3.18 12.14 15.71
C THR A 8 -3.16 12.35 14.19
N SER A 9 -2.20 11.71 13.53
CA SER A 9 -2.07 11.84 12.08
C SER A 9 -1.81 10.47 11.45
N PHE A 10 -0.87 9.73 12.02
CA PHE A 10 -0.53 8.41 11.51
C PHE A 10 -1.15 7.31 12.38
N ASN A 11 -1.87 6.40 11.73
CA ASN A 11 -2.52 5.30 12.43
C ASN A 11 -1.74 4.00 12.23
N LYS A 12 -1.05 3.55 13.28
CA LYS A 12 -0.28 2.32 13.23
C LYS A 12 -1.14 1.16 12.74
N ASN A 13 -2.42 1.19 13.09
CA ASN A 13 -3.35 0.13 12.68
C ASN A 13 -3.37 -0.01 11.15
N GLY A 14 -3.46 1.13 10.46
CA GLY A 14 -3.49 1.10 9.01
C GLY A 14 -2.27 0.43 8.42
N CYS A 15 -1.11 0.64 9.04
CA CYS A 15 0.14 0.06 8.56
C CYS A 15 0.13 -1.45 8.77
N LEU A 16 -0.28 -1.88 9.96
CA LEU A 16 -0.32 -3.29 10.29
C LEU A 16 -1.23 -4.05 9.33
N VAL A 17 -2.42 -3.51 9.09
CA VAL A 17 -3.38 -4.13 8.18
C VAL A 17 -2.89 -4.07 6.74
N PHE A 18 -2.22 -2.98 6.39
CA PHE A 18 -1.70 -2.80 5.04
C PHE A 18 -0.74 -3.92 4.68
N VAL A 19 0.36 -4.02 5.41
CA VAL A 19 1.37 -5.04 5.17
C VAL A 19 0.79 -6.43 5.38
N SER A 20 -0.11 -6.56 6.36
CA SER A 20 -0.73 -7.84 6.67
C SER A 20 -1.46 -8.39 5.44
N ARG A 21 -2.23 -7.54 4.78
CA ARG A 21 -2.97 -7.95 3.60
C ARG A 21 -2.04 -8.24 2.43
N LEU A 22 -0.98 -7.44 2.33
CA LEU A 22 0.00 -7.61 1.26
C LEU A 22 0.63 -9.00 1.31
N TRP A 23 0.95 -9.46 2.52
CA TRP A 23 1.56 -10.77 2.70
C TRP A 23 0.61 -11.87 2.25
N ASP A 24 -0.68 -11.67 2.49
CA ASP A 24 -1.69 -12.65 2.10
C ASP A 24 -1.83 -12.72 0.58
N LEU A 25 -2.19 -11.59 -0.02
CA LEU A 25 -2.35 -11.52 -1.47
C LEU A 25 -1.08 -11.92 -2.19
N ASP A 26 0.06 -11.73 -1.52
CA ASP A 26 1.36 -12.07 -2.09
C ASP A 26 1.57 -13.58 -2.08
N LYS A 27 0.90 -14.28 -3.00
CA LYS A 27 1.01 -15.72 -3.11
C LYS A 27 2.47 -16.14 -3.31
N LEU A 28 3.25 -15.27 -3.94
CA LEU A 28 4.66 -15.55 -4.19
C LEU A 28 5.42 -15.71 -2.89
N GLY A 29 4.93 -15.07 -1.83
CA GLY A 29 5.57 -15.16 -0.53
C GLY A 29 6.14 -13.83 -0.08
N MET A 30 7.40 -13.58 -0.41
CA MET A 30 8.07 -12.34 -0.03
C MET A 30 8.07 -11.34 -1.19
N PHE A 31 6.91 -10.77 -1.47
CA PHE A 31 6.77 -9.80 -2.56
C PHE A 31 6.51 -8.40 -2.00
N HIS A 32 7.41 -7.47 -2.31
CA HIS A 32 7.29 -6.09 -1.85
C HIS A 32 8.35 -5.21 -2.48
N HIS A 33 8.28 -5.06 -3.80
CA HIS A 33 9.24 -4.23 -4.52
C HIS A 33 8.63 -3.67 -5.79
N PRO A 34 9.15 -2.52 -6.25
CA PRO A 34 8.67 -1.85 -7.46
C PRO A 34 9.01 -2.63 -8.73
N VAL A 35 8.14 -2.53 -9.74
CA VAL A 35 8.36 -3.23 -11.00
C VAL A 35 9.50 -2.59 -11.78
N SER A 36 10.25 -3.43 -12.49
CA SER A 36 11.38 -2.96 -13.28
C SER A 36 10.90 -2.34 -14.60
N ALA A 37 11.56 -1.25 -15.00
CA ALA A 37 11.19 -0.57 -16.24
C ALA A 37 11.46 -1.45 -17.45
N GLU A 38 12.52 -2.26 -17.37
CA GLU A 38 12.88 -3.15 -18.47
C GLU A 38 11.68 -3.99 -18.91
N GLU A 39 10.91 -4.46 -17.95
CA GLU A 39 9.74 -5.27 -18.23
C GLU A 39 8.49 -4.41 -18.33
N LEU A 40 8.51 -3.26 -17.66
CA LEU A 40 7.38 -2.35 -17.67
C LEU A 40 7.79 -0.99 -18.23
N PRO A 41 7.86 -0.89 -19.57
CA PRO A 41 8.24 0.35 -20.26
C PRO A 41 7.16 1.42 -20.15
N ASP A 42 5.96 1.01 -19.76
CA ASP A 42 4.85 1.95 -19.61
C ASP A 42 4.44 2.06 -18.14
N TYR A 43 5.34 1.72 -17.24
CA TYR A 43 5.07 1.79 -15.81
C TYR A 43 4.52 3.15 -15.42
N HIS A 44 4.98 4.18 -16.11
CA HIS A 44 4.54 5.55 -15.83
C HIS A 44 3.06 5.71 -16.17
N THR A 45 2.60 5.00 -17.19
CA THR A 45 1.20 5.07 -17.61
C THR A 45 0.35 4.08 -16.83
N VAL A 46 0.85 2.86 -16.69
CA VAL A 46 0.12 1.82 -15.97
C VAL A 46 0.08 2.12 -14.47
N ILE A 47 1.25 2.36 -13.89
CA ILE A 47 1.36 2.66 -12.47
C ILE A 47 2.06 4.00 -12.25
N LYS A 48 1.31 5.08 -12.41
CA LYS A 48 1.85 6.42 -12.21
C LYS A 48 2.54 6.54 -10.85
N ARG A 49 2.07 5.76 -9.89
CA ARG A 49 2.64 5.77 -8.55
C ARG A 49 3.04 4.37 -8.11
N PRO A 50 4.32 4.02 -8.30
CA PRO A 50 4.85 2.71 -7.94
C PRO A 50 4.93 2.53 -6.43
N VAL A 51 5.03 1.27 -5.99
CA VAL A 51 5.12 0.94 -4.57
C VAL A 51 6.42 0.22 -4.25
N ASP A 52 7.13 0.71 -3.23
CA ASP A 52 8.39 0.11 -2.82
C ASP A 52 8.38 -0.21 -1.33
N LEU A 53 9.19 -1.18 -0.93
CA LEU A 53 9.27 -1.57 0.47
C LEU A 53 10.12 -0.58 1.26
N SER A 54 11.26 -0.20 0.70
CA SER A 54 12.17 0.74 1.36
C SER A 54 11.54 2.14 1.43
N SER A 55 10.84 2.51 0.36
CA SER A 55 10.20 3.82 0.29
C SER A 55 9.19 3.99 1.43
N ILE A 56 8.32 3.00 1.58
CA ILE A 56 7.30 3.04 2.62
C ILE A 56 7.94 3.07 4.01
N ARG A 57 8.89 2.18 4.23
CA ARG A 57 9.58 2.11 5.51
C ARG A 57 10.17 3.46 5.90
N ASP A 58 10.71 4.17 4.91
CA ASP A 58 11.30 5.49 5.15
C ASP A 58 10.21 6.53 5.41
N GLY A 59 9.08 6.37 4.72
CA GLY A 59 7.98 7.31 4.89
C GLY A 59 7.43 7.31 6.31
N ILE A 60 7.16 6.13 6.84
CA ILE A 60 6.62 6.01 8.19
C ILE A 60 7.66 6.43 9.23
N GLU A 61 8.90 6.05 9.01
CA GLU A 61 9.98 6.41 9.93
C GLU A 61 10.20 7.91 9.96
N LYS A 62 9.97 8.57 8.83
CA LYS A 62 10.13 10.02 8.73
C LYS A 62 8.88 10.74 9.22
N GLY A 63 7.73 10.07 9.13
CA GLY A 63 6.48 10.67 9.56
C GLY A 63 5.76 11.37 8.43
N THR A 64 5.99 10.92 7.21
CA THR A 64 5.35 11.52 6.04
C THR A 64 3.88 11.77 6.29
N TYR A 65 3.22 10.85 6.99
CA TYR A 65 1.80 10.97 7.30
C TYR A 65 1.51 12.30 7.98
N ALA A 66 0.78 13.16 7.28
CA ALA A 66 0.42 14.47 7.82
C ALA A 66 -0.85 14.39 8.65
N THR A 67 -1.79 13.56 8.21
CA THR A 67 -3.06 13.38 8.90
C THR A 67 -3.87 12.24 8.31
N ASP A 68 -5.09 12.06 8.81
CA ASP A 68 -5.96 11.00 8.33
C ASP A 68 -6.24 11.16 6.84
N VAL A 69 -6.27 12.41 6.38
CA VAL A 69 -6.53 12.70 4.98
C VAL A 69 -5.37 12.24 4.09
N ASP A 70 -4.16 12.62 4.47
CA ASP A 70 -2.97 12.24 3.71
C ASP A 70 -2.81 10.72 3.68
N VAL A 71 -3.04 10.08 4.83
CA VAL A 71 -2.92 8.64 4.94
C VAL A 71 -3.98 7.93 4.09
N GLN A 72 -5.18 8.48 4.09
CA GLN A 72 -6.29 7.90 3.32
C GLN A 72 -5.98 7.94 1.83
N ASN A 73 -5.53 9.10 1.35
CA ASN A 73 -5.21 9.26 -0.06
C ASN A 73 -4.06 8.34 -0.47
N ASP A 74 -3.02 8.30 0.37
CA ASP A 74 -1.86 7.46 0.10
C ASP A 74 -2.25 6.00 -0.01
N VAL A 75 -3.09 5.55 0.93
CA VAL A 75 -3.55 4.16 0.94
C VAL A 75 -4.36 3.84 -0.31
N ALA A 76 -5.24 4.77 -0.69
CA ALA A 76 -6.09 4.59 -1.86
C ALA A 76 -5.24 4.44 -3.12
N ARG A 77 -4.18 5.23 -3.22
CA ARG A 77 -3.29 5.19 -4.38
C ARG A 77 -2.48 3.90 -4.39
N MET A 78 -2.08 3.45 -3.20
CA MET A 78 -1.30 2.23 -3.07
C MET A 78 -2.10 1.01 -3.51
N ILE A 79 -3.33 0.92 -3.04
CA ILE A 79 -4.21 -0.19 -3.39
C ILE A 79 -4.61 -0.14 -4.86
N THR A 80 -4.83 1.08 -5.37
CA THR A 80 -5.21 1.26 -6.76
C THR A 80 -4.12 0.80 -7.71
N ASN A 81 -2.88 1.19 -7.42
CA ASN A 81 -1.74 0.81 -8.23
C ASN A 81 -1.44 -0.67 -8.11
N ALA A 82 -1.41 -1.15 -6.87
CA ALA A 82 -1.14 -2.57 -6.60
C ALA A 82 -2.16 -3.47 -7.31
N LEU A 83 -3.41 -3.01 -7.34
CA LEU A 83 -4.47 -3.78 -7.98
C LEU A 83 -4.34 -3.73 -9.50
N GLU A 84 -4.06 -2.55 -10.03
CA GLU A 84 -3.90 -2.36 -11.47
C GLU A 84 -2.65 -3.09 -11.97
N TYR A 85 -1.66 -3.22 -11.09
CA TYR A 85 -0.41 -3.89 -11.44
C TYR A 85 -0.51 -5.40 -11.23
N ASN A 86 -1.20 -5.79 -10.16
CA ASN A 86 -1.38 -7.20 -9.84
C ASN A 86 -2.48 -7.82 -10.70
N ALA A 87 -3.30 -6.97 -11.29
CA ALA A 87 -4.39 -7.44 -12.15
C ALA A 87 -3.86 -8.07 -13.42
N LYS A 88 -3.71 -9.39 -13.40
CA LYS A 88 -3.22 -10.12 -14.56
C LYS A 88 -3.13 -11.62 -14.27
N GLY A 89 -4.05 -12.11 -13.46
CA GLY A 89 -4.07 -13.52 -13.11
C GLY A 89 -5.46 -14.04 -12.86
N SER A 90 -6.46 -13.26 -13.25
CA SER A 90 -7.86 -13.66 -13.06
C SER A 90 -8.19 -13.73 -11.57
N THR A 91 -7.83 -14.84 -10.94
CA THR A 91 -8.09 -15.05 -9.52
C THR A 91 -7.30 -14.05 -8.67
N TRP A 92 -6.07 -13.77 -9.09
CA TRP A 92 -5.21 -12.84 -8.36
C TRP A 92 -5.90 -11.49 -8.19
N TYR A 93 -6.44 -10.96 -9.28
CA TYR A 93 -7.13 -9.67 -9.24
C TYR A 93 -8.25 -9.68 -8.21
N GLN A 94 -9.09 -10.70 -8.28
CA GLN A 94 -10.21 -10.82 -7.34
C GLN A 94 -9.72 -10.83 -5.90
N GLU A 95 -8.63 -11.56 -5.66
CA GLU A 95 -8.06 -11.64 -4.31
C GLU A 95 -7.63 -10.26 -3.82
N ALA A 96 -6.94 -9.52 -4.67
CA ALA A 96 -6.47 -8.18 -4.31
C ALA A 96 -7.64 -7.26 -4.00
N MET A 97 -8.70 -7.34 -4.81
CA MET A 97 -9.87 -6.52 -4.61
C MET A 97 -10.60 -6.89 -3.33
N SER A 98 -10.61 -8.18 -3.01
CA SER A 98 -11.26 -8.66 -1.80
C SER A 98 -10.54 -8.17 -0.54
N PHE A 99 -9.21 -8.23 -0.58
CA PHE A 99 -8.40 -7.78 0.55
C PHE A 99 -8.48 -6.27 0.71
N ARG A 100 -8.52 -5.55 -0.41
CA ARG A 100 -8.60 -4.10 -0.39
C ARG A 100 -9.95 -3.63 0.13
N LYS A 101 -10.95 -4.48 -0.02
CA LYS A 101 -12.30 -4.16 0.45
C LYS A 101 -12.36 -4.09 1.96
N THR A 102 -11.40 -4.73 2.62
CA THR A 102 -11.34 -4.74 4.07
C THR A 102 -10.16 -3.93 4.59
N TYR A 103 -9.14 -3.77 3.75
CA TYR A 103 -7.95 -3.01 4.11
C TYR A 103 -8.29 -1.53 4.30
N LEU A 104 -8.91 -0.95 3.29
CA LEU A 104 -9.29 0.46 3.34
C LEU A 104 -10.42 0.69 4.34
N ASP A 105 -11.31 -0.29 4.44
CA ASP A 105 -12.45 -0.20 5.36
C ASP A 105 -11.95 -0.17 6.81
N LEU A 106 -10.91 -0.95 7.10
CA LEU A 106 -10.35 -1.01 8.44
C LEU A 106 -9.25 0.02 8.62
N ALA A 107 -8.89 0.68 7.53
CA ALA A 107 -7.84 1.70 7.57
C ALA A 107 -8.42 3.10 7.38
N ARG A 108 -9.62 3.31 7.93
CA ARG A 108 -10.28 4.61 7.83
C ARG A 108 -11.57 4.61 8.63
N GLN A 109 -12.55 3.81 8.19
CA GLN A 109 -13.84 3.74 8.86
C GLN A 109 -13.67 3.15 10.27
N SER A 110 -12.61 2.39 10.48
CA SER A 110 -12.34 1.78 11.77
C SER A 110 -11.99 2.83 12.81
N GLY A 111 -11.46 3.96 12.35
CA GLY A 111 -11.09 5.03 13.25
C GLY A 111 -12.20 6.04 13.44
N MET A 1 10.27 9.36 24.94
CA MET A 1 9.03 9.10 24.23
C MET A 1 7.82 9.36 25.13
N SER A 2 7.22 10.54 24.98
CA SER A 2 6.06 10.91 25.77
C SER A 2 5.51 12.27 25.34
N LYS A 3 6.23 13.33 25.70
CA LYS A 3 5.81 14.68 25.34
C LYS A 3 6.55 15.15 24.08
N ASN A 4 6.32 14.46 22.98
CA ASN A 4 6.95 14.81 21.71
C ASN A 4 6.52 13.85 20.59
N GLU A 5 6.67 12.56 20.85
CA GLU A 5 6.29 11.54 19.87
C GLU A 5 4.82 11.67 19.50
N ARG A 6 4.04 12.28 20.39
CA ARG A 6 2.61 12.46 20.16
C ARG A 6 1.89 11.11 20.07
N ASP A 7 0.58 11.14 20.21
CA ASP A 7 -0.23 9.92 20.14
C ASP A 7 -1.50 10.15 19.34
N THR A 8 -1.45 11.11 18.43
CA THR A 8 -2.61 11.44 17.60
C THR A 8 -2.18 12.08 16.28
N SER A 9 -0.95 11.80 15.86
CA SER A 9 -0.42 12.36 14.63
C SER A 9 -0.16 11.26 13.60
N PHE A 10 0.06 10.04 14.10
CA PHE A 10 0.33 8.90 13.23
C PHE A 10 -0.75 7.82 13.40
N ASN A 11 -1.09 7.16 12.31
CA ASN A 11 -2.11 6.11 12.35
C ASN A 11 -1.45 4.73 12.27
N LYS A 12 -0.94 4.26 13.40
CA LYS A 12 -0.29 2.96 13.46
C LYS A 12 -1.20 1.87 12.91
N ASN A 13 -2.50 2.04 13.11
CA ASN A 13 -3.48 1.07 12.63
C ASN A 13 -3.37 0.88 11.12
N GLY A 14 -3.06 1.96 10.42
CA GLY A 14 -2.93 1.90 8.98
C GLY A 14 -1.72 1.10 8.54
N CYS A 15 -0.62 1.23 9.29
CA CYS A 15 0.61 0.52 8.97
C CYS A 15 0.45 -0.98 9.24
N LEU A 16 -0.13 -1.31 10.38
CA LEU A 16 -0.34 -2.71 10.76
C LEU A 16 -1.30 -3.39 9.79
N VAL A 17 -2.40 -2.72 9.49
CA VAL A 17 -3.41 -3.26 8.58
C VAL A 17 -2.87 -3.34 7.15
N PHE A 18 -2.03 -2.38 6.79
CA PHE A 18 -1.45 -2.34 5.45
C PHE A 18 -0.54 -3.55 5.22
N VAL A 19 0.46 -3.70 6.08
CA VAL A 19 1.40 -4.81 5.98
C VAL A 19 0.69 -6.15 6.17
N SER A 20 -0.28 -6.17 7.07
CA SER A 20 -1.04 -7.38 7.37
C SER A 20 -1.79 -7.86 6.12
N ARG A 21 -2.52 -6.93 5.49
CA ARG A 21 -3.28 -7.26 4.30
C ARG A 21 -2.36 -7.55 3.12
N LEU A 22 -1.27 -6.80 3.03
CA LEU A 22 -0.30 -6.98 1.95
C LEU A 22 0.26 -8.39 1.95
N TRP A 23 0.63 -8.87 3.14
CA TRP A 23 1.19 -10.21 3.27
C TRP A 23 0.19 -11.26 2.79
N ASP A 24 -1.09 -11.02 3.05
CA ASP A 24 -2.14 -11.95 2.65
C ASP A 24 -2.28 -11.98 1.12
N LEU A 25 -2.51 -10.81 0.54
CA LEU A 25 -2.67 -10.71 -0.91
C LEU A 25 -1.42 -11.22 -1.64
N ASP A 26 -0.29 -11.16 -0.95
CA ASP A 26 0.97 -11.63 -1.53
C ASP A 26 1.02 -13.15 -1.57
N LYS A 27 0.36 -13.73 -2.57
CA LYS A 27 0.33 -15.17 -2.74
C LYS A 27 1.71 -15.72 -3.12
N LEU A 28 2.48 -14.90 -3.82
CA LEU A 28 3.81 -15.29 -4.26
C LEU A 28 4.67 -15.71 -3.06
N GLY A 29 4.39 -15.13 -1.91
CA GLY A 29 5.14 -15.46 -0.70
C GLY A 29 6.04 -14.33 -0.26
N MET A 30 6.69 -13.68 -1.23
CA MET A 30 7.60 -12.58 -0.93
C MET A 30 7.55 -11.52 -2.03
N PHE A 31 6.46 -10.77 -2.08
CA PHE A 31 6.30 -9.73 -3.09
C PHE A 31 6.35 -8.34 -2.45
N HIS A 32 7.32 -7.54 -2.86
CA HIS A 32 7.48 -6.20 -2.33
C HIS A 32 8.59 -5.44 -3.06
N HIS A 33 8.44 -5.30 -4.38
CA HIS A 33 9.42 -4.60 -5.20
C HIS A 33 8.77 -4.01 -6.44
N PRO A 34 9.42 -2.98 -7.02
CA PRO A 34 8.93 -2.30 -8.21
C PRO A 34 9.01 -3.18 -9.46
N VAL A 35 8.07 -2.99 -10.37
CA VAL A 35 8.05 -3.77 -11.61
C VAL A 35 9.13 -3.30 -12.58
N SER A 36 9.71 -4.24 -13.32
CA SER A 36 10.76 -3.92 -14.29
C SER A 36 10.16 -3.35 -15.57
N ALA A 37 10.74 -2.26 -16.05
CA ALA A 37 10.27 -1.61 -17.27
C ALA A 37 10.47 -2.52 -18.48
N GLU A 38 11.48 -3.39 -18.40
CA GLU A 38 11.78 -4.31 -19.49
C GLU A 38 10.52 -5.07 -19.92
N GLU A 39 9.69 -5.43 -18.95
CA GLU A 39 8.46 -6.15 -19.23
C GLU A 39 7.29 -5.19 -19.44
N LEU A 40 7.10 -4.29 -18.48
CA LEU A 40 6.02 -3.31 -18.55
C LEU A 40 6.58 -1.89 -18.64
N PRO A 41 6.97 -1.49 -19.85
CA PRO A 41 7.52 -0.15 -20.11
C PRO A 41 6.47 0.95 -19.97
N ASP A 42 5.20 0.55 -19.98
CA ASP A 42 4.11 1.50 -19.87
C ASP A 42 3.42 1.36 -18.50
N TYR A 43 4.11 0.74 -17.56
CA TYR A 43 3.58 0.54 -16.22
C TYR A 43 3.27 1.88 -15.55
N HIS A 44 4.09 2.88 -15.85
CA HIS A 44 3.91 4.21 -15.28
C HIS A 44 2.49 4.72 -15.54
N THR A 45 1.98 4.46 -16.74
CA THR A 45 0.64 4.90 -17.11
C THR A 45 -0.41 3.88 -16.68
N VAL A 46 0.05 2.70 -16.26
CA VAL A 46 -0.85 1.64 -15.82
C VAL A 46 -1.17 1.77 -14.33
N ILE A 47 -0.13 1.87 -13.52
CA ILE A 47 -0.30 2.01 -12.07
C ILE A 47 -0.29 3.48 -11.66
N LYS A 48 0.14 4.35 -12.56
CA LYS A 48 0.19 5.78 -12.29
C LYS A 48 1.32 6.10 -11.32
N ARG A 49 1.15 5.68 -10.06
CA ARG A 49 2.16 5.93 -9.04
C ARG A 49 3.05 4.71 -8.85
N PRO A 50 4.37 4.95 -8.70
CA PRO A 50 5.35 3.89 -8.50
C PRO A 50 5.22 3.22 -7.14
N VAL A 51 5.93 2.10 -6.97
CA VAL A 51 5.89 1.37 -5.71
C VAL A 51 7.22 0.70 -5.42
N ASP A 52 7.75 0.94 -4.23
CA ASP A 52 9.03 0.36 -3.82
C ASP A 52 9.05 0.06 -2.33
N LEU A 53 9.89 -0.89 -1.93
CA LEU A 53 10.00 -1.28 -0.53
C LEU A 53 10.83 -0.26 0.25
N SER A 54 11.94 0.17 -0.34
CA SER A 54 12.82 1.14 0.30
C SER A 54 12.14 2.50 0.41
N SER A 55 11.38 2.85 -0.61
CA SER A 55 10.67 4.13 -0.64
C SER A 55 9.73 4.25 0.55
N ILE A 56 8.91 3.23 0.76
CA ILE A 56 7.96 3.21 1.86
C ILE A 56 8.68 3.20 3.21
N ARG A 57 9.65 2.31 3.34
CA ARG A 57 10.42 2.19 4.57
C ARG A 57 11.02 3.53 4.98
N ASP A 58 11.49 4.28 3.99
CA ASP A 58 12.08 5.60 4.24
C ASP A 58 11.00 6.61 4.61
N GLY A 59 9.84 6.47 4.00
CA GLY A 59 8.74 7.39 4.28
C GLY A 59 8.27 7.33 5.72
N ILE A 60 8.06 6.11 6.21
CA ILE A 60 7.61 5.92 7.58
C ILE A 60 8.70 6.31 8.58
N GLU A 61 9.94 5.97 8.26
CA GLU A 61 11.06 6.30 9.13
C GLU A 61 11.22 7.81 9.27
N LYS A 62 11.04 8.53 8.16
CA LYS A 62 11.15 9.98 8.17
C LYS A 62 9.91 10.63 8.77
N GLY A 63 8.79 9.90 8.75
CA GLY A 63 7.56 10.43 9.30
C GLY A 63 6.71 11.13 8.25
N THR A 64 6.86 10.72 7.00
CA THR A 64 6.11 11.31 5.90
C THR A 64 4.64 11.48 6.27
N TYR A 65 4.10 10.49 6.98
CA TYR A 65 2.69 10.52 7.39
C TYR A 65 2.40 11.77 8.21
N ALA A 66 1.38 12.50 7.81
CA ALA A 66 0.98 13.72 8.51
C ALA A 66 -0.17 13.46 9.47
N THR A 67 -1.05 12.53 9.09
CA THR A 67 -2.19 12.18 9.91
C THR A 67 -2.92 10.95 9.37
N ASP A 68 -4.04 10.61 9.99
CA ASP A 68 -4.82 9.45 9.56
C ASP A 68 -5.28 9.61 8.11
N VAL A 69 -5.54 10.85 7.70
CA VAL A 69 -5.98 11.14 6.35
C VAL A 69 -4.88 10.86 5.33
N ASP A 70 -3.68 11.37 5.61
CA ASP A 70 -2.55 11.17 4.72
C ASP A 70 -2.20 9.69 4.60
N VAL A 71 -2.23 8.99 5.73
CA VAL A 71 -1.92 7.56 5.75
C VAL A 71 -2.96 6.77 4.97
N GLN A 72 -4.22 7.11 5.16
CA GLN A 72 -5.31 6.42 4.46
C GLN A 72 -5.19 6.59 2.96
N ASN A 73 -4.96 7.82 2.51
CA ASN A 73 -4.82 8.11 1.10
C ASN A 73 -3.62 7.37 0.50
N ASP A 74 -2.52 7.35 1.25
CA ASP A 74 -1.31 6.67 0.80
C ASP A 74 -1.56 5.19 0.58
N VAL A 75 -2.18 4.54 1.57
CA VAL A 75 -2.47 3.12 1.49
C VAL A 75 -3.39 2.82 0.32
N ALA A 76 -4.39 3.68 0.11
CA ALA A 76 -5.35 3.52 -0.97
C ALA A 76 -4.64 3.56 -2.33
N ARG A 77 -3.78 4.55 -2.52
CA ARG A 77 -3.05 4.70 -3.77
C ARG A 77 -2.13 3.50 -4.01
N MET A 78 -1.53 3.00 -2.93
CA MET A 78 -0.63 1.85 -3.01
C MET A 78 -1.39 0.60 -3.45
N ILE A 79 -2.58 0.41 -2.90
CA ILE A 79 -3.40 -0.74 -3.23
C ILE A 79 -3.87 -0.70 -4.67
N THR A 80 -4.26 0.49 -5.13
CA THR A 80 -4.72 0.67 -6.50
C THR A 80 -3.59 0.42 -7.50
N ASN A 81 -2.43 1.01 -7.23
CA ASN A 81 -1.28 0.85 -8.11
C ASN A 81 -0.80 -0.59 -8.13
N ALA A 82 -0.88 -1.25 -6.98
CA ALA A 82 -0.47 -2.64 -6.85
C ALA A 82 -1.40 -3.57 -7.63
N LEU A 83 -2.70 -3.27 -7.56
CA LEU A 83 -3.69 -4.09 -8.26
C LEU A 83 -3.61 -3.88 -9.76
N GLU A 84 -3.23 -2.67 -10.17
CA GLU A 84 -3.11 -2.34 -11.59
C GLU A 84 -2.01 -3.18 -12.25
N TYR A 85 -1.01 -3.53 -11.47
CA TYR A 85 0.11 -4.33 -11.97
C TYR A 85 -0.20 -5.82 -11.88
N ASN A 86 -1.15 -6.17 -11.02
CA ASN A 86 -1.54 -7.56 -10.83
C ASN A 86 -2.37 -8.05 -12.02
N ALA A 87 -2.97 -7.11 -12.74
CA ALA A 87 -3.79 -7.45 -13.90
C ALA A 87 -2.94 -8.01 -15.03
N LYS A 88 -2.86 -9.34 -15.11
CA LYS A 88 -2.08 -10.00 -16.14
C LYS A 88 -2.31 -11.50 -16.12
N GLY A 89 -3.51 -11.91 -15.72
CA GLY A 89 -3.85 -13.32 -15.67
C GLY A 89 -5.34 -13.56 -15.74
N SER A 90 -5.98 -13.64 -14.57
CA SER A 90 -7.41 -13.88 -14.51
C SER A 90 -7.90 -13.88 -13.07
N THR A 91 -7.61 -14.96 -12.34
CA THR A 91 -8.01 -15.09 -10.95
C THR A 91 -7.31 -14.04 -10.08
N TRP A 92 -6.12 -13.64 -10.49
CA TRP A 92 -5.36 -12.65 -9.75
C TRP A 92 -6.05 -11.29 -9.77
N TYR A 93 -6.68 -10.97 -10.91
CA TYR A 93 -7.38 -9.71 -11.06
C TYR A 93 -8.58 -9.62 -10.11
N GLN A 94 -9.38 -10.68 -10.10
CA GLN A 94 -10.56 -10.72 -9.25
C GLN A 94 -10.17 -10.72 -7.78
N GLU A 95 -9.13 -11.48 -7.45
CA GLU A 95 -8.65 -11.56 -6.07
C GLU A 95 -8.19 -10.20 -5.57
N ALA A 96 -7.41 -9.51 -6.39
CA ALA A 96 -6.90 -8.19 -6.03
C ALA A 96 -8.04 -7.18 -5.91
N MET A 97 -9.01 -7.29 -6.81
CA MET A 97 -10.16 -6.39 -6.80
C MET A 97 -11.05 -6.64 -5.59
N SER A 98 -11.32 -7.91 -5.30
CA SER A 98 -12.15 -8.27 -4.17
C SER A 98 -11.51 -7.84 -2.85
N PHE A 99 -10.19 -8.01 -2.77
CA PHE A 99 -9.46 -7.64 -1.56
C PHE A 99 -9.43 -6.12 -1.38
N ARG A 100 -9.17 -5.41 -2.48
CA ARG A 100 -9.12 -3.95 -2.44
C ARG A 100 -10.42 -3.37 -1.89
N LYS A 101 -11.50 -4.14 -2.04
CA LYS A 101 -12.81 -3.70 -1.56
C LYS A 101 -12.84 -3.64 -0.04
N THR A 102 -11.97 -4.42 0.60
CA THR A 102 -11.90 -4.45 2.06
C THR A 102 -10.57 -3.91 2.56
N TYR A 103 -9.64 -3.69 1.63
CA TYR A 103 -8.32 -3.17 1.97
C TYR A 103 -8.42 -1.75 2.54
N LEU A 104 -9.06 -0.87 1.79
CA LEU A 104 -9.22 0.51 2.20
C LEU A 104 -10.20 0.62 3.37
N ASP A 105 -11.30 -0.13 3.28
CA ASP A 105 -12.31 -0.12 4.32
C ASP A 105 -11.71 -0.47 5.68
N LEU A 106 -10.89 -1.52 5.69
CA LEU A 106 -10.24 -1.97 6.92
C LEU A 106 -9.16 -0.98 7.34
N ALA A 107 -8.58 -0.29 6.38
CA ALA A 107 -7.54 0.69 6.66
C ALA A 107 -8.05 2.11 6.46
N ARG A 108 -9.11 2.46 7.18
CA ARG A 108 -9.69 3.79 7.08
C ARG A 108 -10.83 3.96 8.09
N GLN A 109 -11.75 3.00 8.08
CA GLN A 109 -12.89 3.04 9.01
C GLN A 109 -12.45 2.77 10.43
N SER A 110 -11.46 1.91 10.59
CA SER A 110 -10.94 1.55 11.91
C SER A 110 -9.88 2.55 12.37
N GLY A 111 -9.30 3.25 11.40
CA GLY A 111 -8.26 4.23 11.72
C GLY A 111 -8.82 5.45 12.42
N MET A 1 16.40 7.51 13.76
CA MET A 1 16.48 6.34 14.63
C MET A 1 15.84 6.62 15.98
N SER A 2 14.53 6.88 15.97
CA SER A 2 13.80 7.16 17.20
C SER A 2 12.48 6.39 17.24
N LYS A 3 11.83 6.41 18.40
CA LYS A 3 10.56 5.72 18.56
C LYS A 3 9.59 6.56 19.39
N ASN A 4 8.29 6.30 19.21
CA ASN A 4 7.26 7.04 19.93
C ASN A 4 7.43 8.55 19.73
N GLU A 5 7.94 8.94 18.57
CA GLU A 5 8.15 10.35 18.27
C GLU A 5 6.83 11.12 18.28
N ARG A 6 5.74 10.40 18.01
CA ARG A 6 4.42 11.02 17.98
C ARG A 6 3.33 9.98 18.22
N ASP A 7 2.11 10.44 18.47
CA ASP A 7 0.98 9.55 18.71
C ASP A 7 -0.30 10.34 18.92
N THR A 8 -0.42 11.46 18.22
CA THR A 8 -1.60 12.30 18.31
C THR A 8 -1.81 13.11 17.03
N SER A 9 -1.42 12.53 15.91
CA SER A 9 -1.57 13.19 14.61
C SER A 9 -1.80 12.17 13.50
N PHE A 10 -1.04 11.09 13.55
CA PHE A 10 -1.16 10.04 12.54
C PHE A 10 -2.03 8.89 13.04
N ASN A 11 -2.55 8.09 12.12
CA ASN A 11 -3.40 6.97 12.47
C ASN A 11 -2.62 5.66 12.38
N LYS A 12 -2.04 5.24 13.50
CA LYS A 12 -1.26 4.00 13.54
C LYS A 12 -2.08 2.83 13.01
N ASN A 13 -3.39 2.88 13.23
CA ASN A 13 -4.28 1.82 12.77
C ASN A 13 -4.16 1.62 11.26
N GLY A 14 -3.93 2.73 10.55
CA GLY A 14 -3.80 2.66 9.10
C GLY A 14 -2.54 1.92 8.66
N CYS A 15 -1.45 2.14 9.40
CA CYS A 15 -0.18 1.50 9.07
C CYS A 15 -0.24 0.00 9.37
N LEU A 16 -0.79 -0.35 10.53
CA LEU A 16 -0.90 -1.74 10.93
C LEU A 16 -1.82 -2.51 9.98
N VAL A 17 -2.97 -1.92 9.67
CA VAL A 17 -3.93 -2.54 8.77
C VAL A 17 -3.38 -2.61 7.35
N PHE A 18 -2.60 -1.60 6.96
CA PHE A 18 -2.02 -1.56 5.63
C PHE A 18 -1.05 -2.71 5.41
N VAL A 19 -0.06 -2.82 6.29
CA VAL A 19 0.93 -3.88 6.21
C VAL A 19 0.29 -5.25 6.38
N SER A 20 -0.66 -5.33 7.30
CA SER A 20 -1.36 -6.59 7.58
C SER A 20 -2.08 -7.09 6.33
N ARG A 21 -2.84 -6.21 5.70
CA ARG A 21 -3.59 -6.57 4.49
C ARG A 21 -2.64 -6.88 3.35
N LEU A 22 -1.55 -6.12 3.26
CA LEU A 22 -0.57 -6.33 2.21
C LEU A 22 0.03 -7.73 2.28
N TRP A 23 0.38 -8.16 3.48
CA TRP A 23 0.95 -9.49 3.68
C TRP A 23 0.02 -10.57 3.14
N ASP A 24 -1.27 -10.37 3.31
CA ASP A 24 -2.26 -11.34 2.84
C ASP A 24 -2.38 -11.29 1.31
N LEU A 25 -2.42 -10.08 0.77
CA LEU A 25 -2.53 -9.91 -0.68
C LEU A 25 -1.37 -10.56 -1.40
N ASP A 26 -0.19 -10.53 -0.77
CA ASP A 26 1.01 -11.12 -1.35
C ASP A 26 0.95 -12.64 -1.27
N LYS A 27 0.14 -13.25 -2.13
CA LYS A 27 0.00 -14.70 -2.15
C LYS A 27 1.32 -15.37 -2.48
N LEU A 28 2.16 -14.69 -3.25
CA LEU A 28 3.46 -15.22 -3.64
C LEU A 28 4.31 -15.52 -2.41
N GLY A 29 4.04 -14.81 -1.32
CA GLY A 29 4.79 -15.01 -0.10
C GLY A 29 5.26 -13.71 0.52
N MET A 30 5.85 -12.84 -0.29
CA MET A 30 6.34 -11.56 0.19
C MET A 30 6.46 -10.56 -0.96
N PHE A 31 5.43 -9.74 -1.13
CA PHE A 31 5.43 -8.73 -2.20
C PHE A 31 5.49 -7.31 -1.62
N HIS A 32 6.53 -6.59 -1.97
CA HIS A 32 6.71 -5.22 -1.48
C HIS A 32 7.91 -4.56 -2.16
N HIS A 33 7.85 -4.41 -3.48
CA HIS A 33 8.93 -3.80 -4.23
C HIS A 33 8.40 -3.16 -5.52
N PRO A 34 9.13 -2.15 -6.02
CA PRO A 34 8.76 -1.45 -7.25
C PRO A 34 8.92 -2.32 -8.49
N VAL A 35 8.07 -2.09 -9.48
CA VAL A 35 8.12 -2.85 -10.73
C VAL A 35 9.35 -2.47 -11.55
N SER A 36 9.92 -3.46 -12.24
CA SER A 36 11.09 -3.23 -13.06
C SER A 36 10.71 -2.58 -14.39
N ALA A 37 11.48 -1.58 -14.80
CA ALA A 37 11.22 -0.87 -16.05
C ALA A 37 11.43 -1.79 -17.25
N GLU A 38 12.41 -2.69 -17.13
CA GLU A 38 12.71 -3.63 -18.21
C GLU A 38 11.45 -4.36 -18.66
N GLU A 39 10.63 -4.77 -17.69
CA GLU A 39 9.39 -5.49 -17.98
C GLU A 39 8.22 -4.51 -18.11
N LEU A 40 8.33 -3.37 -17.46
CA LEU A 40 7.28 -2.35 -17.51
C LEU A 40 7.85 -0.98 -17.88
N PRO A 41 8.11 -0.78 -19.17
CA PRO A 41 8.66 0.47 -19.68
C PRO A 41 7.66 1.62 -19.62
N ASP A 42 6.39 1.27 -19.43
CA ASP A 42 5.33 2.27 -19.34
C ASP A 42 4.71 2.28 -17.94
N TYR A 43 5.45 1.76 -16.97
CA TYR A 43 4.98 1.70 -15.59
C TYR A 43 4.53 3.07 -15.11
N HIS A 44 5.21 4.12 -15.59
CA HIS A 44 4.89 5.48 -15.21
C HIS A 44 3.52 5.89 -15.75
N THR A 45 3.21 5.42 -16.96
CA THR A 45 1.93 5.74 -17.60
C THR A 45 0.85 4.75 -17.17
N VAL A 46 1.27 3.67 -16.51
CA VAL A 46 0.33 2.65 -16.05
C VAL A 46 -0.08 2.89 -14.61
N ILE A 47 0.91 3.05 -13.73
CA ILE A 47 0.66 3.30 -12.32
C ILE A 47 1.19 4.65 -11.89
N LYS A 48 2.28 5.07 -12.51
CA LYS A 48 2.90 6.36 -12.21
C LYS A 48 3.62 6.30 -10.86
N ARG A 49 2.86 6.08 -9.79
CA ARG A 49 3.42 6.01 -8.45
C ARG A 49 3.46 4.57 -7.96
N PRO A 50 4.61 3.90 -8.13
CA PRO A 50 4.80 2.52 -7.71
C PRO A 50 4.83 2.37 -6.19
N VAL A 51 5.19 1.18 -5.72
CA VAL A 51 5.26 0.90 -4.29
C VAL A 51 6.55 0.18 -3.93
N ASP A 52 7.20 0.62 -2.86
CA ASP A 52 8.44 0.01 -2.41
C ASP A 52 8.46 -0.13 -0.89
N LEU A 53 9.24 -1.09 -0.40
CA LEU A 53 9.33 -1.33 1.04
C LEU A 53 10.19 -0.27 1.71
N SER A 54 11.31 0.07 1.08
CA SER A 54 12.21 1.08 1.62
C SER A 54 11.57 2.46 1.60
N SER A 55 10.81 2.73 0.54
CA SER A 55 10.15 4.02 0.38
C SER A 55 9.18 4.27 1.54
N ILE A 56 8.33 3.28 1.83
CA ILE A 56 7.36 3.40 2.90
C ILE A 56 8.06 3.56 4.25
N ARG A 57 9.06 2.72 4.50
CA ARG A 57 9.81 2.77 5.75
C ARG A 57 10.34 4.17 6.01
N ASP A 58 10.81 4.83 4.95
CA ASP A 58 11.35 6.18 5.06
C ASP A 58 10.22 7.19 5.29
N GLY A 59 9.08 6.94 4.67
CA GLY A 59 7.94 7.84 4.82
C GLY A 59 7.45 7.93 6.25
N ILE A 60 7.28 6.78 6.89
CA ILE A 60 6.81 6.73 8.27
C ILE A 60 7.85 7.31 9.22
N GLU A 61 9.12 7.01 8.96
CA GLU A 61 10.20 7.51 9.79
C GLU A 61 10.27 9.04 9.76
N LYS A 62 10.07 9.59 8.57
CA LYS A 62 10.10 11.04 8.39
C LYS A 62 8.81 11.68 8.88
N GLY A 63 7.73 10.90 8.87
CA GLY A 63 6.44 11.41 9.32
C GLY A 63 5.62 11.96 8.18
N THR A 64 5.84 11.43 6.98
CA THR A 64 5.11 11.88 5.80
C THR A 64 3.62 11.99 6.08
N TYR A 65 3.11 11.07 6.90
CA TYR A 65 1.70 11.07 7.25
C TYR A 65 1.33 12.32 8.04
N ALA A 66 0.49 13.17 7.46
CA ALA A 66 0.05 14.40 8.11
C ALA A 66 -1.14 14.14 9.02
N THR A 67 -2.04 13.25 8.59
CA THR A 67 -3.23 12.92 9.36
C THR A 67 -3.90 11.67 8.82
N ASP A 68 -5.03 11.31 9.42
CA ASP A 68 -5.78 10.14 8.98
C ASP A 68 -6.20 10.25 7.53
N VAL A 69 -6.43 11.49 7.07
CA VAL A 69 -6.82 11.73 5.70
C VAL A 69 -5.69 11.42 4.73
N ASP A 70 -4.51 11.95 5.02
CA ASP A 70 -3.35 11.73 4.17
C ASP A 70 -2.98 10.25 4.14
N VAL A 71 -3.10 9.60 5.29
CA VAL A 71 -2.78 8.18 5.39
C VAL A 71 -3.76 7.33 4.59
N GLN A 72 -5.03 7.66 4.69
CA GLN A 72 -6.07 6.93 3.98
C GLN A 72 -5.88 7.05 2.46
N ASN A 73 -5.63 8.27 2.00
CA ASN A 73 -5.43 8.53 0.58
C ASN A 73 -4.19 7.80 0.07
N ASP A 74 -3.11 7.88 0.83
CA ASP A 74 -1.85 7.23 0.45
C ASP A 74 -2.05 5.73 0.32
N VAL A 75 -2.67 5.11 1.32
CA VAL A 75 -2.91 3.68 1.31
C VAL A 75 -3.78 3.28 0.12
N ALA A 76 -4.81 4.08 -0.15
CA ALA A 76 -5.72 3.82 -1.26
C ALA A 76 -4.97 3.83 -2.59
N ARG A 77 -4.05 4.77 -2.74
CA ARG A 77 -3.27 4.90 -3.97
C ARG A 77 -2.30 3.73 -4.11
N MET A 78 -1.75 3.28 -2.98
CA MET A 78 -0.81 2.17 -2.99
C MET A 78 -1.49 0.87 -3.41
N ILE A 79 -2.65 0.60 -2.83
CA ILE A 79 -3.40 -0.60 -3.15
C ILE A 79 -3.93 -0.56 -4.58
N THR A 80 -4.34 0.62 -5.02
CA THR A 80 -4.87 0.81 -6.36
C THR A 80 -3.78 0.54 -7.41
N ASN A 81 -2.61 1.11 -7.20
CA ASN A 81 -1.50 0.94 -8.13
C ASN A 81 -1.03 -0.50 -8.14
N ALA A 82 -0.97 -1.12 -6.97
CA ALA A 82 -0.53 -2.50 -6.84
C ALA A 82 -1.49 -3.45 -7.56
N LEU A 83 -2.79 -3.19 -7.39
CA LEU A 83 -3.82 -4.02 -8.02
C LEU A 83 -3.84 -3.80 -9.54
N GLU A 84 -3.48 -2.60 -9.96
CA GLU A 84 -3.46 -2.27 -11.38
C GLU A 84 -2.43 -3.12 -12.12
N TYR A 85 -1.26 -3.29 -11.51
CA TYR A 85 -0.19 -4.08 -12.11
C TYR A 85 -0.34 -5.55 -11.76
N ASN A 86 -0.83 -5.82 -10.56
CA ASN A 86 -1.03 -7.19 -10.10
C ASN A 86 -2.35 -7.76 -10.61
N ALA A 87 -3.06 -6.96 -11.40
CA ALA A 87 -4.33 -7.39 -11.96
C ALA A 87 -4.16 -8.53 -12.96
N LYS A 88 -4.31 -9.76 -12.48
CA LYS A 88 -4.16 -10.93 -13.33
C LYS A 88 -5.46 -11.25 -14.07
N GLY A 89 -5.54 -12.46 -14.62
CA GLY A 89 -6.74 -12.85 -15.33
C GLY A 89 -7.34 -14.14 -14.80
N SER A 90 -6.87 -14.55 -13.62
CA SER A 90 -7.36 -15.78 -13.00
C SER A 90 -7.93 -15.49 -11.61
N THR A 91 -8.08 -16.54 -10.82
CA THR A 91 -8.61 -16.41 -9.46
C THR A 91 -7.86 -15.34 -8.68
N TRP A 92 -6.60 -15.13 -9.04
CA TRP A 92 -5.77 -14.12 -8.37
C TRP A 92 -6.37 -12.73 -8.52
N TYR A 93 -6.89 -12.44 -9.72
CA TYR A 93 -7.49 -11.14 -10.00
C TYR A 93 -8.77 -10.96 -9.18
N GLN A 94 -9.54 -12.03 -9.05
CA GLN A 94 -10.80 -11.98 -8.30
C GLN A 94 -10.53 -11.71 -6.82
N GLU A 95 -9.59 -12.46 -6.25
CA GLU A 95 -9.24 -12.30 -4.84
C GLU A 95 -8.62 -10.93 -4.58
N ALA A 96 -7.82 -10.46 -5.52
CA ALA A 96 -7.17 -9.17 -5.39
C ALA A 96 -8.19 -8.04 -5.39
N MET A 97 -9.12 -8.08 -6.34
CA MET A 97 -10.16 -7.06 -6.45
C MET A 97 -11.12 -7.14 -5.26
N SER A 98 -11.51 -8.35 -4.90
CA SER A 98 -12.42 -8.55 -3.78
C SER A 98 -11.83 -7.99 -2.49
N PHE A 99 -10.54 -8.26 -2.27
CA PHE A 99 -9.86 -7.78 -1.07
C PHE A 99 -9.70 -6.27 -1.10
N ARG A 100 -9.40 -5.73 -2.28
CA ARG A 100 -9.21 -4.29 -2.44
C ARG A 100 -10.45 -3.53 -1.97
N LYS A 101 -11.60 -4.19 -2.00
CA LYS A 101 -12.84 -3.57 -1.57
C LYS A 101 -12.89 -3.43 -0.05
N THR A 102 -12.14 -4.27 0.64
CA THR A 102 -12.09 -4.24 2.10
C THR A 102 -10.75 -3.69 2.59
N TYR A 103 -9.81 -3.52 1.67
CA TYR A 103 -8.49 -3.00 2.01
C TYR A 103 -8.58 -1.58 2.54
N LEU A 104 -9.22 -0.69 1.77
CA LEU A 104 -9.38 0.69 2.18
C LEU A 104 -10.38 0.82 3.33
N ASP A 105 -11.45 0.04 3.26
CA ASP A 105 -12.48 0.06 4.30
C ASP A 105 -11.87 -0.22 5.66
N LEU A 106 -11.08 -1.29 5.74
CA LEU A 106 -10.44 -1.68 7.00
C LEU A 106 -9.42 -0.62 7.43
N ALA A 107 -9.01 0.23 6.49
CA ALA A 107 -8.05 1.29 6.79
C ALA A 107 -8.70 2.67 6.66
N ARG A 108 -9.89 2.80 7.24
CA ARG A 108 -10.61 4.07 7.18
C ARG A 108 -11.90 4.00 8.00
N GLN A 109 -12.65 2.93 7.83
CA GLN A 109 -13.90 2.73 8.56
C GLN A 109 -13.64 2.50 10.03
N SER A 110 -12.53 1.83 10.34
CA SER A 110 -12.17 1.53 11.72
C SER A 110 -11.52 2.74 12.38
N GLY A 111 -10.95 3.62 11.56
CA GLY A 111 -10.32 4.82 12.09
C GLY A 111 -11.28 5.98 12.24
N MET A 1 9.27 0.35 20.65
CA MET A 1 7.96 0.03 20.08
C MET A 1 6.84 0.46 21.01
N SER A 2 6.32 1.66 20.79
CA SER A 2 5.23 2.19 21.62
C SER A 2 4.06 2.64 20.76
N LYS A 3 3.04 3.20 21.40
CA LYS A 3 1.86 3.67 20.70
C LYS A 3 1.19 4.81 21.46
N ASN A 4 0.08 5.32 20.92
CA ASN A 4 -0.65 6.40 21.55
C ASN A 4 0.23 7.64 21.70
N GLU A 5 1.21 7.78 20.80
CA GLU A 5 2.12 8.91 20.84
C GLU A 5 1.54 10.10 20.07
N ARG A 6 0.70 9.80 19.08
CA ARG A 6 0.08 10.85 18.27
C ARG A 6 -1.33 10.43 17.84
N ASP A 7 -1.99 11.31 17.09
CA ASP A 7 -3.34 11.03 16.61
C ASP A 7 -3.77 12.06 15.58
N THR A 8 -3.46 13.32 15.84
CA THR A 8 -3.82 14.41 14.93
C THR A 8 -2.64 14.77 14.02
N SER A 9 -1.82 13.78 13.70
CA SER A 9 -0.67 13.99 12.84
C SER A 9 -0.13 12.66 12.32
N PHE A 10 0.15 11.74 13.24
CA PHE A 10 0.67 10.43 12.87
C PHE A 10 -0.17 9.31 13.49
N ASN A 11 -0.77 8.50 12.64
CA ASN A 11 -1.60 7.38 13.10
C ASN A 11 -0.87 6.05 12.97
N LYS A 12 -0.20 5.65 14.03
CA LYS A 12 0.55 4.39 14.03
C LYS A 12 -0.34 3.24 13.60
N ASN A 13 -1.62 3.32 13.95
CA ASN A 13 -2.57 2.27 13.60
C ASN A 13 -2.61 2.06 12.08
N GLY A 14 -2.48 3.15 11.34
CA GLY A 14 -2.50 3.07 9.89
C GLY A 14 -1.31 2.30 9.34
N CYS A 15 -0.15 2.51 9.93
CA CYS A 15 1.07 1.84 9.50
C CYS A 15 1.02 0.35 9.82
N LEU A 16 0.57 0.03 11.03
CA LEU A 16 0.46 -1.36 11.47
C LEU A 16 -0.52 -2.14 10.59
N VAL A 17 -1.68 -1.55 10.36
CA VAL A 17 -2.71 -2.18 9.53
C VAL A 17 -2.26 -2.27 8.07
N PHE A 18 -1.53 -1.26 7.62
CA PHE A 18 -1.05 -1.22 6.25
C PHE A 18 -0.12 -2.39 5.97
N VAL A 19 0.96 -2.48 6.74
CA VAL A 19 1.93 -3.56 6.59
C VAL A 19 1.30 -4.92 6.85
N SER A 20 0.46 -4.98 7.88
CA SER A 20 -0.21 -6.23 8.24
C SER A 20 -1.03 -6.76 7.07
N ARG A 21 -1.78 -5.87 6.42
CA ARG A 21 -2.60 -6.25 5.29
C ARG A 21 -1.75 -6.65 4.10
N LEU A 22 -0.64 -5.94 3.91
CA LEU A 22 0.28 -6.22 2.81
C LEU A 22 0.80 -7.64 2.87
N TRP A 23 1.24 -8.06 4.06
CA TRP A 23 1.76 -9.40 4.26
C TRP A 23 0.72 -10.44 3.89
N ASP A 24 -0.54 -10.16 4.19
CA ASP A 24 -1.63 -11.08 3.90
C ASP A 24 -1.85 -11.19 2.39
N LEU A 25 -2.10 -10.05 1.74
CA LEU A 25 -2.32 -10.03 0.30
C LEU A 25 -1.13 -10.61 -0.45
N ASP A 26 0.04 -10.55 0.18
CA ASP A 26 1.26 -11.07 -0.43
C ASP A 26 1.25 -12.60 -0.41
N LYS A 27 0.50 -13.19 -1.34
CA LYS A 27 0.41 -14.65 -1.42
C LYS A 27 1.69 -15.23 -2.03
N LEU A 28 2.34 -14.45 -2.89
CA LEU A 28 3.58 -14.89 -3.53
C LEU A 28 4.66 -15.19 -2.49
N GLY A 29 4.62 -14.46 -1.38
CA GLY A 29 5.59 -14.66 -0.33
C GLY A 29 6.79 -13.73 -0.45
N MET A 30 6.96 -12.86 0.54
CA MET A 30 8.06 -11.91 0.54
C MET A 30 8.01 -11.02 -0.70
N PHE A 31 6.86 -10.39 -0.93
CA PHE A 31 6.68 -9.52 -2.08
C PHE A 31 6.72 -8.05 -1.65
N HIS A 32 7.68 -7.31 -2.20
CA HIS A 32 7.83 -5.89 -1.87
C HIS A 32 8.92 -5.26 -2.72
N HIS A 33 8.64 -5.11 -4.02
CA HIS A 33 9.62 -4.52 -4.94
C HIS A 33 8.90 -3.87 -6.12
N PRO A 34 9.60 -2.92 -6.78
CA PRO A 34 9.05 -2.21 -7.94
C PRO A 34 8.92 -3.12 -9.17
N VAL A 35 7.92 -2.85 -9.99
CA VAL A 35 7.69 -3.63 -11.20
C VAL A 35 8.76 -3.36 -12.25
N SER A 36 9.14 -4.39 -13.00
CA SER A 36 10.16 -4.26 -14.04
C SER A 36 9.56 -3.62 -15.30
N ALA A 37 10.21 -2.57 -15.78
CA ALA A 37 9.77 -1.87 -16.98
C ALA A 37 9.85 -2.79 -18.21
N GLU A 38 10.84 -3.67 -18.20
CA GLU A 38 11.04 -4.59 -19.32
C GLU A 38 9.74 -5.32 -19.66
N GLU A 39 8.97 -5.67 -18.63
CA GLU A 39 7.71 -6.37 -18.82
C GLU A 39 6.55 -5.38 -18.93
N LEU A 40 6.58 -4.35 -18.09
CA LEU A 40 5.53 -3.34 -18.09
C LEU A 40 6.07 -2.00 -18.57
N PRO A 41 6.22 -1.86 -19.90
CA PRO A 41 6.73 -0.64 -20.52
C PRO A 41 5.74 0.52 -20.41
N ASP A 42 4.48 0.20 -20.11
CA ASP A 42 3.44 1.20 -19.98
C ASP A 42 3.00 1.34 -18.52
N TYR A 43 3.85 0.89 -17.60
CA TYR A 43 3.54 0.96 -16.18
C TYR A 43 3.14 2.37 -15.77
N HIS A 44 3.75 3.36 -16.42
CA HIS A 44 3.44 4.75 -16.13
C HIS A 44 2.00 5.09 -16.49
N THR A 45 1.51 4.52 -17.58
CA THR A 45 0.15 4.75 -18.02
C THR A 45 -0.82 3.79 -17.35
N VAL A 46 -0.28 2.78 -16.69
CA VAL A 46 -1.10 1.79 -15.99
C VAL A 46 -1.32 2.18 -14.54
N ILE A 47 -0.23 2.46 -13.83
CA ILE A 47 -0.31 2.84 -12.43
C ILE A 47 0.29 4.23 -12.20
N LYS A 48 1.28 4.58 -13.03
CA LYS A 48 1.93 5.88 -12.93
C LYS A 48 2.86 5.92 -11.73
N ARG A 49 2.30 5.75 -10.53
CA ARG A 49 3.08 5.77 -9.30
C ARG A 49 3.47 4.35 -8.88
N PRO A 50 4.76 4.02 -9.05
CA PRO A 50 5.29 2.70 -8.69
C PRO A 50 5.32 2.47 -7.18
N VAL A 51 5.83 1.32 -6.77
CA VAL A 51 5.91 0.97 -5.35
C VAL A 51 7.16 0.14 -5.06
N ASP A 52 7.92 0.56 -4.06
CA ASP A 52 9.13 -0.15 -3.67
C ASP A 52 9.35 -0.07 -2.16
N LEU A 53 10.07 -1.05 -1.63
CA LEU A 53 10.35 -1.11 -0.20
C LEU A 53 11.11 0.15 0.25
N SER A 54 12.01 0.63 -0.60
CA SER A 54 12.80 1.82 -0.29
C SER A 54 11.91 3.06 -0.23
N SER A 55 10.93 3.12 -1.13
CA SER A 55 10.02 4.25 -1.18
C SER A 55 9.24 4.38 0.12
N ILE A 56 8.64 3.28 0.56
CA ILE A 56 7.87 3.28 1.80
C ILE A 56 8.77 3.45 3.02
N ARG A 57 9.93 2.79 2.99
CA ARG A 57 10.88 2.87 4.08
C ARG A 57 11.39 4.30 4.26
N ASP A 58 11.69 4.96 3.14
CA ASP A 58 12.17 6.33 3.17
C ASP A 58 11.06 7.29 3.55
N GLY A 59 9.85 7.02 3.08
CA GLY A 59 8.72 7.88 3.37
C GLY A 59 8.41 7.93 4.86
N ILE A 60 8.35 6.76 5.49
CA ILE A 60 8.06 6.68 6.91
C ILE A 60 9.08 7.44 7.73
N GLU A 61 10.36 7.24 7.40
CA GLU A 61 11.44 7.92 8.11
C GLU A 61 11.40 9.43 7.87
N LYS A 62 10.92 9.82 6.70
CA LYS A 62 10.82 11.23 6.34
C LYS A 62 9.59 11.87 6.98
N GLY A 63 8.62 11.04 7.33
CA GLY A 63 7.40 11.54 7.95
C GLY A 63 6.31 11.84 6.94
N THR A 64 6.33 11.11 5.83
CA THR A 64 5.34 11.30 4.77
C THR A 64 3.95 11.47 5.35
N TYR A 65 3.59 10.60 6.28
CA TYR A 65 2.27 10.65 6.91
C TYR A 65 2.11 11.94 7.70
N ALA A 66 1.23 12.82 7.22
CA ALA A 66 0.97 14.10 7.88
C ALA A 66 -0.27 14.01 8.77
N THR A 67 -1.23 13.18 8.36
CA THR A 67 -2.46 13.01 9.12
C THR A 67 -3.27 11.83 8.60
N ASP A 68 -4.48 11.67 9.12
CA ASP A 68 -5.36 10.58 8.71
C ASP A 68 -5.64 10.64 7.21
N VAL A 69 -5.80 11.86 6.70
CA VAL A 69 -6.07 12.05 5.28
C VAL A 69 -4.90 11.58 4.42
N ASP A 70 -3.70 12.04 4.78
CA ASP A 70 -2.50 11.67 4.04
C ASP A 70 -2.30 10.16 4.06
N VAL A 71 -2.56 9.53 5.20
CA VAL A 71 -2.42 8.09 5.34
C VAL A 71 -3.41 7.34 4.45
N GLN A 72 -4.66 7.81 4.44
CA GLN A 72 -5.69 7.19 3.63
C GLN A 72 -5.37 7.28 2.15
N ASN A 73 -4.82 8.42 1.74
CA ASN A 73 -4.45 8.64 0.34
C ASN A 73 -3.28 7.76 -0.06
N ASP A 74 -2.32 7.62 0.84
CA ASP A 74 -1.13 6.80 0.59
C ASP A 74 -1.52 5.33 0.42
N VAL A 75 -2.28 4.81 1.38
CA VAL A 75 -2.72 3.42 1.33
C VAL A 75 -3.61 3.17 0.13
N ALA A 76 -4.46 4.13 -0.20
CA ALA A 76 -5.36 4.01 -1.33
C ALA A 76 -4.58 3.92 -2.65
N ARG A 77 -3.53 4.73 -2.76
CA ARG A 77 -2.71 4.74 -3.96
C ARG A 77 -1.89 3.46 -4.08
N MET A 78 -1.46 2.93 -2.93
CA MET A 78 -0.66 1.71 -2.92
C MET A 78 -1.50 0.51 -3.36
N ILE A 79 -2.70 0.40 -2.80
CA ILE A 79 -3.60 -0.70 -3.13
C ILE A 79 -4.06 -0.61 -4.59
N THR A 80 -4.30 0.62 -5.05
CA THR A 80 -4.74 0.85 -6.42
C THR A 80 -3.65 0.45 -7.42
N ASN A 81 -2.43 0.89 -7.15
CA ASN A 81 -1.30 0.58 -8.03
C ASN A 81 -1.02 -0.91 -8.05
N ALA A 82 -1.07 -1.54 -6.88
CA ALA A 82 -0.83 -2.97 -6.78
C ALA A 82 -1.89 -3.77 -7.52
N LEU A 83 -3.14 -3.34 -7.42
CA LEU A 83 -4.25 -4.01 -8.08
C LEU A 83 -4.11 -3.90 -9.60
N GLU A 84 -3.74 -2.72 -10.07
CA GLU A 84 -3.58 -2.49 -11.50
C GLU A 84 -2.46 -3.35 -12.07
N TYR A 85 -1.44 -3.59 -11.25
CA TYR A 85 -0.31 -4.40 -11.67
C TYR A 85 -0.57 -5.89 -11.43
N ASN A 86 -1.52 -6.17 -10.55
CA ASN A 86 -1.86 -7.55 -10.22
C ASN A 86 -2.68 -8.18 -11.36
N ALA A 87 -3.31 -7.35 -12.17
CA ALA A 87 -4.11 -7.82 -13.28
C ALA A 87 -3.24 -8.46 -14.36
N LYS A 88 -3.11 -9.78 -14.30
CA LYS A 88 -2.30 -10.51 -15.27
C LYS A 88 -2.93 -11.85 -15.60
N GLY A 89 -3.44 -12.54 -14.58
CA GLY A 89 -4.07 -13.83 -14.79
C GLY A 89 -5.58 -13.75 -14.73
N SER A 90 -6.12 -13.77 -13.52
CA SER A 90 -7.57 -13.71 -13.32
C SER A 90 -7.92 -13.75 -11.84
N THR A 91 -7.48 -14.80 -11.16
CA THR A 91 -7.75 -14.96 -9.73
C THR A 91 -7.06 -13.87 -8.92
N TRP A 92 -5.80 -13.60 -9.23
CA TRP A 92 -5.03 -12.59 -8.54
C TRP A 92 -5.75 -11.24 -8.59
N TYR A 93 -6.43 -10.98 -9.70
CA TYR A 93 -7.15 -9.73 -9.88
C TYR A 93 -8.26 -9.59 -8.84
N GLN A 94 -9.06 -10.64 -8.69
CA GLN A 94 -10.16 -10.63 -7.74
C GLN A 94 -9.64 -10.56 -6.31
N GLU A 95 -8.53 -11.24 -6.05
CA GLU A 95 -7.93 -11.25 -4.72
C GLU A 95 -7.49 -9.85 -4.31
N ALA A 96 -6.81 -9.15 -5.22
CA ALA A 96 -6.34 -7.79 -4.95
C ALA A 96 -7.51 -6.82 -4.83
N MET A 97 -8.51 -7.00 -5.69
CA MET A 97 -9.69 -6.13 -5.67
C MET A 97 -10.50 -6.35 -4.40
N SER A 98 -10.70 -7.61 -4.03
CA SER A 98 -11.47 -7.94 -2.84
C SER A 98 -10.76 -7.44 -1.58
N PHE A 99 -9.44 -7.61 -1.54
CA PHE A 99 -8.65 -7.16 -0.40
C PHE A 99 -8.62 -5.64 -0.30
N ARG A 100 -8.59 -4.98 -1.47
CA ARG A 100 -8.55 -3.53 -1.52
C ARG A 100 -9.86 -2.94 -0.97
N LYS A 101 -10.92 -3.72 -1.04
CA LYS A 101 -12.23 -3.28 -0.56
C LYS A 101 -12.23 -3.17 0.96
N THR A 102 -11.33 -3.90 1.61
CA THR A 102 -11.24 -3.89 3.07
C THR A 102 -9.90 -3.31 3.52
N TYR A 103 -9.00 -3.09 2.57
CA TYR A 103 -7.69 -2.54 2.87
C TYR A 103 -7.81 -1.14 3.46
N LEU A 104 -8.50 -0.26 2.74
CA LEU A 104 -8.69 1.12 3.19
C LEU A 104 -9.64 1.18 4.39
N ASP A 105 -10.63 0.29 4.38
CA ASP A 105 -11.61 0.25 5.46
C ASP A 105 -10.93 -0.05 6.80
N LEU A 106 -9.98 -0.99 6.78
CA LEU A 106 -9.26 -1.36 7.98
C LEU A 106 -8.35 -0.23 8.45
N ALA A 107 -7.79 0.50 7.50
CA ALA A 107 -6.91 1.62 7.81
C ALA A 107 -7.64 2.95 7.72
N ARG A 108 -8.67 3.11 8.55
CA ARG A 108 -9.46 4.33 8.55
C ARG A 108 -10.50 4.30 9.66
N GLN A 109 -11.38 3.31 9.62
CA GLN A 109 -12.42 3.16 10.63
C GLN A 109 -11.84 2.72 11.96
N SER A 110 -10.81 1.89 11.90
CA SER A 110 -10.15 1.40 13.10
C SER A 110 -9.15 2.42 13.64
N GLY A 111 -9.05 3.55 12.97
CA GLY A 111 -8.12 4.58 13.39
C GLY A 111 -8.70 5.47 14.47
N MET A 1 10.86 1.34 15.23
CA MET A 1 11.74 1.58 16.36
C MET A 1 12.12 3.05 16.45
N SER A 2 11.23 3.86 16.99
CA SER A 2 11.48 5.30 17.13
C SER A 2 10.39 5.96 17.98
N LYS A 3 10.47 7.28 18.10
CA LYS A 3 9.50 8.03 18.88
C LYS A 3 8.84 9.11 18.04
N ASN A 4 7.55 9.33 18.25
CA ASN A 4 6.80 10.34 17.50
C ASN A 4 6.60 11.59 18.35
N GLU A 5 7.17 12.71 17.89
CA GLU A 5 7.06 13.97 18.60
C GLU A 5 5.59 14.36 18.79
N ARG A 6 4.74 13.87 17.90
CA ARG A 6 3.31 14.16 17.96
C ARG A 6 2.57 13.05 18.71
N ASP A 7 1.24 13.17 18.76
CA ASP A 7 0.41 12.18 19.45
C ASP A 7 -1.06 12.33 19.05
N THR A 8 -1.27 12.83 17.84
CA THR A 8 -2.64 13.03 17.33
C THR A 8 -2.63 13.30 15.84
N SER A 9 -2.40 12.25 15.05
CA SER A 9 -2.38 12.38 13.60
C SER A 9 -2.14 11.02 12.94
N PHE A 10 -1.17 10.29 13.45
CA PHE A 10 -0.84 8.97 12.91
C PHE A 10 -1.48 7.87 13.74
N ASN A 11 -2.20 6.98 13.07
CA ASN A 11 -2.87 5.87 13.74
C ASN A 11 -2.12 4.56 13.52
N LYS A 12 -1.55 4.02 14.59
CA LYS A 12 -0.80 2.77 14.51
C LYS A 12 -1.64 1.69 13.85
N ASN A 13 -2.95 1.72 14.08
CA ASN A 13 -3.85 0.74 13.50
C ASN A 13 -3.73 0.71 11.98
N GLY A 14 -3.62 1.90 11.38
CA GLY A 14 -3.50 1.99 9.94
C GLY A 14 -2.29 1.24 9.40
N CYS A 15 -1.17 1.38 10.09
CA CYS A 15 0.07 0.70 9.69
C CYS A 15 -0.05 -0.81 9.87
N LEU A 16 -0.70 -1.21 10.96
CA LEU A 16 -0.88 -2.63 11.26
C LEU A 16 -1.69 -3.31 10.16
N VAL A 17 -2.80 -2.70 9.78
CA VAL A 17 -3.66 -3.25 8.74
C VAL A 17 -2.99 -3.19 7.37
N PHE A 18 -2.21 -2.14 7.15
CA PHE A 18 -1.51 -1.97 5.88
C PHE A 18 -0.54 -3.11 5.63
N VAL A 19 0.41 -3.29 6.55
CA VAL A 19 1.39 -4.37 6.43
C VAL A 19 0.74 -5.73 6.48
N SER A 20 -0.21 -5.89 7.41
CA SER A 20 -0.92 -7.16 7.57
C SER A 20 -1.59 -7.57 6.27
N ARG A 21 -2.22 -6.61 5.60
CA ARG A 21 -2.89 -6.88 4.33
C ARG A 21 -1.89 -7.19 3.23
N LEU A 22 -0.76 -6.49 3.25
CA LEU A 22 0.28 -6.70 2.24
C LEU A 22 0.79 -8.12 2.28
N TRP A 23 1.06 -8.63 3.47
CA TRP A 23 1.56 -9.99 3.64
C TRP A 23 0.56 -11.00 3.06
N ASP A 24 -0.73 -10.71 3.22
CA ASP A 24 -1.77 -11.59 2.72
C ASP A 24 -1.80 -11.60 1.19
N LEU A 25 -1.95 -10.41 0.61
CA LEU A 25 -1.99 -10.27 -0.84
C LEU A 25 -0.71 -10.82 -1.47
N ASP A 26 0.37 -10.82 -0.71
CA ASP A 26 1.65 -11.32 -1.20
C ASP A 26 1.64 -12.85 -1.27
N LYS A 27 0.98 -13.37 -2.30
CA LYS A 27 0.90 -14.82 -2.50
C LYS A 27 2.26 -15.39 -2.90
N LEU A 28 3.05 -14.57 -3.59
CA LEU A 28 4.37 -14.99 -4.03
C LEU A 28 5.20 -15.50 -2.87
N GLY A 29 4.94 -14.97 -1.69
CA GLY A 29 5.68 -15.38 -0.50
C GLY A 29 6.84 -14.47 -0.20
N MET A 30 7.29 -13.72 -1.21
CA MET A 30 8.41 -12.80 -1.04
C MET A 30 8.25 -11.59 -1.94
N PHE A 31 7.14 -10.86 -1.77
CA PHE A 31 6.87 -9.67 -2.57
C PHE A 31 6.99 -8.41 -1.73
N HIS A 32 7.92 -7.53 -2.11
CA HIS A 32 8.12 -6.28 -1.40
C HIS A 32 9.09 -5.38 -2.15
N HIS A 33 8.90 -5.29 -3.47
CA HIS A 33 9.76 -4.46 -4.31
C HIS A 33 9.00 -3.99 -5.55
N PRO A 34 9.43 -2.84 -6.11
CA PRO A 34 8.80 -2.27 -7.30
C PRO A 34 9.11 -3.09 -8.56
N VAL A 35 8.17 -3.09 -9.49
CA VAL A 35 8.33 -3.83 -10.74
C VAL A 35 9.37 -3.17 -11.64
N SER A 36 10.12 -3.99 -12.37
CA SER A 36 11.15 -3.49 -13.26
C SER A 36 10.54 -2.99 -14.57
N ALA A 37 11.08 -1.89 -15.07
CA ALA A 37 10.59 -1.30 -16.31
C ALA A 37 10.69 -2.29 -17.47
N GLU A 38 11.70 -3.15 -17.41
CA GLU A 38 11.91 -4.15 -18.45
C GLU A 38 10.63 -4.93 -18.72
N GLU A 39 9.89 -5.23 -17.66
CA GLU A 39 8.65 -5.98 -17.78
C GLU A 39 7.46 -5.04 -17.93
N LEU A 40 7.54 -3.88 -17.27
CA LEU A 40 6.47 -2.90 -17.33
C LEU A 40 7.00 -1.54 -17.77
N PRO A 41 7.26 -1.39 -19.07
CA PRO A 41 7.77 -0.14 -19.65
C PRO A 41 6.74 0.98 -19.62
N ASP A 42 5.48 0.61 -19.52
CA ASP A 42 4.39 1.59 -19.48
C ASP A 42 3.81 1.69 -18.08
N TYR A 43 4.55 1.18 -17.09
CA TYR A 43 4.10 1.22 -15.70
C TYR A 43 3.71 2.64 -15.30
N HIS A 44 4.41 3.62 -15.85
CA HIS A 44 4.14 5.02 -15.55
C HIS A 44 2.77 5.44 -16.09
N THR A 45 2.42 4.92 -17.27
CA THR A 45 1.15 5.23 -17.89
C THR A 45 0.05 4.30 -17.39
N VAL A 46 0.44 3.25 -16.68
CA VAL A 46 -0.52 2.28 -16.15
C VAL A 46 -0.89 2.62 -14.71
N ILE A 47 0.12 2.79 -13.87
CA ILE A 47 -0.10 3.11 -12.46
C ILE A 47 0.51 4.47 -12.11
N LYS A 48 1.59 4.82 -12.80
CA LYS A 48 2.26 6.10 -12.56
C LYS A 48 3.05 6.06 -11.25
N ARG A 49 2.34 5.83 -10.14
CA ARG A 49 2.97 5.78 -8.83
C ARG A 49 3.04 4.34 -8.33
N PRO A 50 4.20 3.70 -8.56
CA PRO A 50 4.44 2.31 -8.14
C PRO A 50 4.55 2.18 -6.62
N VAL A 51 4.95 1.00 -6.17
CA VAL A 51 5.10 0.74 -4.74
C VAL A 51 6.43 0.04 -4.44
N ASP A 52 7.14 0.53 -3.43
CA ASP A 52 8.42 -0.05 -3.05
C ASP A 52 8.55 -0.10 -1.53
N LEU A 53 9.38 -1.03 -1.04
CA LEU A 53 9.59 -1.18 0.39
C LEU A 53 10.28 0.04 0.97
N SER A 54 11.28 0.56 0.27
CA SER A 54 12.02 1.73 0.72
C SER A 54 11.08 2.92 0.91
N SER A 55 10.09 3.03 0.03
CA SER A 55 9.13 4.12 0.09
C SER A 55 8.38 4.11 1.43
N ILE A 56 7.97 2.91 1.85
CA ILE A 56 7.24 2.77 3.11
C ILE A 56 8.13 3.10 4.30
N ARG A 57 9.34 2.55 4.31
CA ARG A 57 10.29 2.80 5.38
C ARG A 57 10.68 4.28 5.44
N ASP A 58 10.86 4.87 4.27
CA ASP A 58 11.24 6.28 4.18
C ASP A 58 10.07 7.18 4.56
N GLY A 59 8.87 6.78 4.16
CA GLY A 59 7.68 7.56 4.47
C GLY A 59 7.40 7.63 5.95
N ILE A 60 7.47 6.48 6.61
CA ILE A 60 7.21 6.42 8.05
C ILE A 60 8.29 7.15 8.83
N GLU A 61 9.54 6.98 8.42
CA GLU A 61 10.66 7.62 9.08
C GLU A 61 10.61 9.14 8.91
N LYS A 62 10.08 9.57 7.76
CA LYS A 62 9.97 10.99 7.47
C LYS A 62 8.70 11.57 8.08
N GLY A 63 7.69 10.72 8.27
CA GLY A 63 6.43 11.16 8.84
C GLY A 63 5.43 11.58 7.79
N THR A 64 5.54 10.99 6.60
CA THR A 64 4.63 11.31 5.50
C THR A 64 3.20 11.43 6.00
N TYR A 65 2.78 10.48 6.84
CA TYR A 65 1.43 10.49 7.38
C TYR A 65 1.19 11.72 8.25
N ALA A 66 0.38 12.64 7.74
CA ALA A 66 0.06 13.87 8.46
C ALA A 66 -1.19 13.69 9.32
N THR A 67 -2.14 12.90 8.83
CA THR A 67 -3.38 12.66 9.55
C THR A 67 -4.12 11.45 8.97
N ASP A 68 -5.31 11.20 9.48
CA ASP A 68 -6.13 10.08 9.02
C ASP A 68 -6.42 10.20 7.52
N VAL A 69 -6.63 11.43 7.07
CA VAL A 69 -6.92 11.69 5.66
C VAL A 69 -5.74 11.31 4.78
N ASP A 70 -4.56 11.78 5.14
CA ASP A 70 -3.34 11.49 4.38
C ASP A 70 -3.08 9.98 4.35
N VAL A 71 -3.33 9.32 5.47
CA VAL A 71 -3.12 7.87 5.56
C VAL A 71 -4.09 7.12 4.65
N GLN A 72 -5.35 7.53 4.66
CA GLN A 72 -6.35 6.88 3.82
C GLN A 72 -6.03 7.05 2.34
N ASN A 73 -5.55 8.24 1.97
CA ASN A 73 -5.21 8.53 0.59
C ASN A 73 -3.99 7.73 0.16
N ASP A 74 -3.02 7.58 1.06
CA ASP A 74 -1.80 6.84 0.78
C ASP A 74 -2.12 5.36 0.55
N VAL A 75 -2.86 4.76 1.47
CA VAL A 75 -3.23 3.35 1.37
C VAL A 75 -4.09 3.10 0.13
N ALA A 76 -4.99 4.03 -0.15
CA ALA A 76 -5.88 3.92 -1.31
C ALA A 76 -5.08 3.89 -2.61
N ARG A 77 -4.15 4.84 -2.75
CA ARG A 77 -3.33 4.92 -3.94
C ARG A 77 -2.44 3.69 -4.09
N MET A 78 -1.95 3.18 -2.97
CA MET A 78 -1.09 2.00 -2.97
C MET A 78 -1.87 0.77 -3.44
N ILE A 79 -3.10 0.64 -2.95
CA ILE A 79 -3.95 -0.49 -3.32
C ILE A 79 -4.31 -0.45 -4.80
N THR A 80 -4.57 0.76 -5.30
CA THR A 80 -4.94 0.95 -6.70
C THR A 80 -3.77 0.62 -7.62
N ASN A 81 -2.59 1.14 -7.29
CA ASN A 81 -1.40 0.90 -8.09
C ASN A 81 -1.01 -0.58 -8.06
N ALA A 82 -1.22 -1.21 -6.91
CA ALA A 82 -0.89 -2.62 -6.74
C ALA A 82 -1.86 -3.51 -7.52
N LEU A 83 -3.13 -3.12 -7.53
CA LEU A 83 -4.15 -3.87 -8.23
C LEU A 83 -3.97 -3.78 -9.74
N GLU A 84 -3.57 -2.60 -10.21
CA GLU A 84 -3.35 -2.38 -11.64
C GLU A 84 -2.21 -3.26 -12.15
N TYR A 85 -1.18 -3.42 -11.33
CA TYR A 85 -0.03 -4.23 -11.70
C TYR A 85 -0.26 -5.70 -11.35
N ASN A 86 -1.18 -5.94 -10.42
CA ASN A 86 -1.50 -7.30 -10.00
C ASN A 86 -2.32 -8.03 -11.05
N ALA A 87 -2.92 -7.26 -11.96
CA ALA A 87 -3.72 -7.84 -13.02
C ALA A 87 -2.85 -8.60 -14.03
N LYS A 88 -2.75 -9.91 -13.83
CA LYS A 88 -1.94 -10.75 -14.71
C LYS A 88 -2.47 -12.18 -14.74
N GLY A 89 -3.65 -12.35 -15.34
CA GLY A 89 -4.24 -13.67 -15.43
C GLY A 89 -5.76 -13.64 -15.34
N SER A 90 -6.28 -13.66 -14.13
CA SER A 90 -7.72 -13.63 -13.91
C SER A 90 -8.05 -13.67 -12.42
N THR A 91 -7.64 -14.74 -11.76
CA THR A 91 -7.88 -14.90 -10.32
C THR A 91 -7.15 -13.83 -9.52
N TRP A 92 -6.03 -13.36 -10.05
CA TRP A 92 -5.24 -12.34 -9.38
C TRP A 92 -6.02 -11.03 -9.28
N TYR A 93 -6.74 -10.70 -10.33
CA TYR A 93 -7.53 -9.47 -10.37
C TYR A 93 -8.64 -9.50 -9.34
N GLN A 94 -9.27 -10.66 -9.20
CA GLN A 94 -10.36 -10.83 -8.24
C GLN A 94 -9.83 -10.81 -6.81
N GLU A 95 -8.66 -11.40 -6.62
CA GLU A 95 -8.05 -11.44 -5.28
C GLU A 95 -7.68 -10.05 -4.82
N ALA A 96 -7.04 -9.29 -5.69
CA ALA A 96 -6.62 -7.92 -5.36
C ALA A 96 -7.83 -7.02 -5.17
N MET A 97 -8.82 -7.15 -6.05
CA MET A 97 -10.03 -6.34 -5.98
C MET A 97 -10.86 -6.71 -4.75
N SER A 98 -10.87 -8.00 -4.43
CA SER A 98 -11.63 -8.48 -3.28
C SER A 98 -11.01 -7.99 -1.98
N PHE A 99 -9.69 -8.06 -1.90
CA PHE A 99 -8.98 -7.62 -0.70
C PHE A 99 -9.07 -6.12 -0.52
N ARG A 100 -8.96 -5.39 -1.64
CA ARG A 100 -9.03 -3.93 -1.62
C ARG A 100 -10.33 -3.46 -0.96
N LYS A 101 -11.35 -4.31 -0.99
CA LYS A 101 -12.64 -3.99 -0.40
C LYS A 101 -12.54 -3.93 1.12
N THR A 102 -11.54 -4.60 1.67
CA THR A 102 -11.33 -4.63 3.11
C THR A 102 -10.01 -3.96 3.49
N TYR A 103 -9.20 -3.67 2.48
CA TYR A 103 -7.90 -3.04 2.71
C TYR A 103 -8.06 -1.64 3.28
N LEU A 104 -8.84 -0.81 2.59
CA LEU A 104 -9.08 0.56 3.03
C LEU A 104 -9.98 0.58 4.26
N ASP A 105 -10.93 -0.35 4.31
CA ASP A 105 -11.86 -0.43 5.43
C ASP A 105 -11.11 -0.69 6.74
N LEU A 106 -10.19 -1.65 6.71
CA LEU A 106 -9.40 -1.99 7.88
C LEU A 106 -8.54 -0.81 8.32
N ALA A 107 -8.30 0.11 7.40
CA ALA A 107 -7.48 1.29 7.70
C ALA A 107 -8.34 2.55 7.68
N ARG A 108 -9.50 2.49 8.31
CA ARG A 108 -10.41 3.63 8.36
C ARG A 108 -11.63 3.32 9.23
N GLN A 109 -12.36 2.28 8.86
CA GLN A 109 -13.55 1.87 9.60
C GLN A 109 -13.16 1.24 10.93
N SER A 110 -12.06 0.51 10.94
CA SER A 110 -11.59 -0.16 12.15
C SER A 110 -10.42 0.60 12.76
N GLY A 111 -9.88 1.55 12.01
CA GLY A 111 -8.76 2.34 12.50
C GLY A 111 -8.96 3.83 12.29
N MET A 1 -7.39 21.80 18.89
CA MET A 1 -7.33 20.79 17.85
C MET A 1 -7.24 19.38 18.45
N SER A 2 -6.50 19.26 19.55
CA SER A 2 -6.34 17.98 20.21
C SER A 2 -7.67 17.47 20.75
N LYS A 3 -7.64 16.34 21.45
CA LYS A 3 -8.84 15.75 22.02
C LYS A 3 -8.49 14.58 22.94
N ASN A 4 -7.50 13.78 22.53
CA ASN A 4 -7.07 12.63 23.31
C ASN A 4 -5.60 12.76 23.70
N GLU A 5 -5.06 11.70 24.29
CA GLU A 5 -3.66 11.69 24.72
C GLU A 5 -2.74 11.71 23.51
N ARG A 6 -3.11 10.98 22.47
CA ARG A 6 -2.31 10.90 21.25
C ARG A 6 -2.83 11.89 20.20
N ASP A 7 -1.94 12.30 19.29
CA ASP A 7 -2.30 13.23 18.24
C ASP A 7 -2.15 12.60 16.87
N THR A 8 -2.26 11.27 16.82
CA THR A 8 -2.12 10.54 15.57
C THR A 8 -0.87 10.96 14.81
N SER A 9 0.19 11.27 15.56
CA SER A 9 1.46 11.68 14.96
C SER A 9 1.98 10.63 14.00
N PHE A 10 2.14 9.40 14.50
CA PHE A 10 2.64 8.30 13.70
C PHE A 10 1.66 7.12 13.72
N ASN A 11 1.28 6.65 12.53
CA ASN A 11 0.36 5.52 12.43
C ASN A 11 1.10 4.24 12.06
N LYS A 12 1.75 3.64 13.05
CA LYS A 12 2.49 2.40 12.84
C LYS A 12 1.55 1.25 12.47
N ASN A 13 0.35 1.29 13.02
CA ASN A 13 -0.65 0.25 12.75
C ASN A 13 -0.92 0.15 11.25
N GLY A 14 -0.87 1.29 10.56
CA GLY A 14 -1.10 1.30 9.13
C GLY A 14 -0.07 0.51 8.36
N CYS A 15 1.20 0.70 8.71
CA CYS A 15 2.29 0.00 8.03
C CYS A 15 2.27 -1.49 8.38
N LEU A 16 1.95 -1.79 9.63
CA LEU A 16 1.90 -3.18 10.09
C LEU A 16 0.83 -3.96 9.34
N VAL A 17 -0.36 -3.39 9.25
CA VAL A 17 -1.47 -4.03 8.55
C VAL A 17 -1.23 -4.07 7.05
N PHE A 18 -0.61 -3.02 6.53
CA PHE A 18 -0.32 -2.94 5.10
C PHE A 18 0.58 -4.09 4.67
N VAL A 19 1.73 -4.22 5.32
CA VAL A 19 2.68 -5.29 4.99
C VAL A 19 2.11 -6.65 5.36
N SER A 20 1.38 -6.72 6.46
CA SER A 20 0.79 -7.97 6.92
C SER A 20 -0.12 -8.56 5.84
N ARG A 21 -1.01 -7.72 5.30
CA ARG A 21 -1.94 -8.16 4.26
C ARG A 21 -1.20 -8.47 2.97
N LEU A 22 -0.18 -7.66 2.66
CA LEU A 22 0.61 -7.85 1.45
C LEU A 22 1.25 -9.24 1.43
N TRP A 23 1.72 -9.68 2.58
CA TRP A 23 2.35 -10.99 2.70
C TRP A 23 1.36 -12.11 2.43
N ASP A 24 0.12 -11.91 2.87
CA ASP A 24 -0.93 -12.90 2.68
C ASP A 24 -1.31 -13.02 1.20
N LEU A 25 -1.68 -11.90 0.60
CA LEU A 25 -2.06 -11.87 -0.81
C LEU A 25 -0.92 -12.38 -1.69
N ASP A 26 0.31 -12.04 -1.31
CA ASP A 26 1.48 -12.45 -2.06
C ASP A 26 1.77 -13.94 -1.83
N LYS A 27 1.26 -14.78 -2.73
CA LYS A 27 1.46 -16.22 -2.63
C LYS A 27 2.93 -16.57 -2.80
N LEU A 28 3.65 -15.77 -3.55
CA LEU A 28 5.07 -16.00 -3.80
C LEU A 28 5.86 -15.91 -2.49
N GLY A 29 5.38 -15.08 -1.57
CA GLY A 29 6.06 -14.93 -0.30
C GLY A 29 7.33 -14.11 -0.40
N MET A 30 7.55 -13.51 -1.57
CA MET A 30 8.73 -12.69 -1.80
C MET A 30 8.49 -11.69 -2.91
N PHE A 31 7.34 -11.02 -2.87
CA PHE A 31 6.99 -10.04 -3.88
C PHE A 31 7.04 -8.63 -3.30
N HIS A 32 7.91 -7.79 -3.85
CA HIS A 32 8.05 -6.41 -3.39
C HIS A 32 9.04 -5.65 -4.26
N HIS A 33 8.67 -5.43 -5.52
CA HIS A 33 9.54 -4.71 -6.45
C HIS A 33 8.70 -4.02 -7.54
N PRO A 34 9.27 -2.97 -8.14
CA PRO A 34 8.60 -2.20 -9.20
C PRO A 34 8.48 -3.01 -10.49
N VAL A 35 7.40 -2.75 -11.24
CA VAL A 35 7.16 -3.44 -12.49
C VAL A 35 8.14 -2.99 -13.57
N SER A 36 8.54 -3.92 -14.43
CA SER A 36 9.49 -3.62 -15.50
C SER A 36 8.78 -2.92 -16.67
N ALA A 37 9.44 -1.93 -17.24
CA ALA A 37 8.88 -1.19 -18.36
C ALA A 37 8.73 -2.07 -19.59
N GLU A 38 9.64 -3.03 -19.75
CA GLU A 38 9.60 -3.95 -20.88
C GLU A 38 8.23 -4.59 -21.01
N GLU A 39 7.62 -4.91 -19.88
CA GLU A 39 6.30 -5.54 -19.87
C GLU A 39 5.20 -4.48 -19.77
N LEU A 40 5.49 -3.41 -19.06
CA LEU A 40 4.52 -2.33 -18.89
C LEU A 40 5.11 -0.99 -19.35
N PRO A 41 5.12 -0.77 -20.67
CA PRO A 41 5.66 0.46 -21.27
C PRO A 41 4.77 1.67 -20.98
N ASP A 42 3.53 1.41 -20.60
CA ASP A 42 2.59 2.48 -20.29
C ASP A 42 2.32 2.55 -18.80
N TYR A 43 3.22 1.97 -18.01
CA TYR A 43 3.08 1.96 -16.56
C TYR A 43 2.92 3.38 -16.02
N HIS A 44 3.56 4.34 -16.70
CA HIS A 44 3.49 5.73 -16.29
C HIS A 44 2.04 6.22 -16.28
N THR A 45 1.29 5.85 -17.31
CA THR A 45 -0.10 6.26 -17.43
C THR A 45 -1.03 5.28 -16.70
N VAL A 46 -0.54 4.05 -16.51
CA VAL A 46 -1.32 3.02 -15.83
C VAL A 46 -1.34 3.26 -14.33
N ILE A 47 -0.16 3.41 -13.73
CA ILE A 47 -0.04 3.63 -12.30
C ILE A 47 0.71 4.93 -12.01
N LYS A 48 1.71 5.22 -12.83
CA LYS A 48 2.51 6.43 -12.67
C LYS A 48 3.47 6.30 -11.48
N ARG A 49 2.91 6.09 -10.30
CA ARG A 49 3.71 5.93 -9.09
C ARG A 49 3.74 4.49 -8.63
N PRO A 50 4.79 3.76 -9.04
CA PRO A 50 4.96 2.35 -8.68
C PRO A 50 5.28 2.16 -7.20
N VAL A 51 5.63 0.93 -6.83
CA VAL A 51 5.96 0.62 -5.44
C VAL A 51 7.15 -0.33 -5.36
N ASP A 52 7.99 -0.14 -4.35
CA ASP A 52 9.17 -0.98 -4.15
C ASP A 52 9.45 -1.18 -2.67
N LEU A 53 10.13 -2.27 -2.34
CA LEU A 53 10.47 -2.59 -0.96
C LEU A 53 11.41 -1.54 -0.38
N SER A 54 12.41 -1.16 -1.17
CA SER A 54 13.39 -0.16 -0.73
C SER A 54 12.74 1.21 -0.59
N SER A 55 11.82 1.53 -1.50
CA SER A 55 11.13 2.80 -1.48
C SER A 55 10.36 2.98 -0.18
N ILE A 56 9.57 1.98 0.18
CA ILE A 56 8.77 2.02 1.40
C ILE A 56 9.66 1.91 2.64
N ARG A 57 10.57 0.94 2.61
CA ARG A 57 11.48 0.72 3.73
C ARG A 57 12.22 2.00 4.08
N ASP A 58 12.63 2.74 3.06
CA ASP A 58 13.34 4.00 3.26
C ASP A 58 12.42 5.08 3.79
N GLY A 59 11.18 5.09 3.32
CA GLY A 59 10.21 6.07 3.76
C GLY A 59 9.94 5.99 5.25
N ILE A 60 9.67 4.78 5.73
CA ILE A 60 9.39 4.57 7.15
C ILE A 60 10.64 4.85 8.00
N GLU A 61 11.79 4.42 7.51
CA GLU A 61 13.04 4.62 8.22
C GLU A 61 13.35 6.11 8.38
N LYS A 62 13.01 6.88 7.37
CA LYS A 62 13.24 8.33 7.40
C LYS A 62 12.18 9.03 8.24
N GLY A 63 11.01 8.40 8.36
CA GLY A 63 9.94 8.98 9.15
C GLY A 63 9.01 9.83 8.31
N THR A 64 8.91 9.51 7.02
CA THR A 64 8.04 10.25 6.11
C THR A 64 6.67 10.51 6.73
N TYR A 65 6.14 9.50 7.41
CA TYR A 65 4.84 9.60 8.06
C TYR A 65 4.79 10.81 8.99
N ALA A 66 3.81 11.68 8.79
CA ALA A 66 3.65 12.86 9.62
C ALA A 66 2.39 12.77 10.47
N THR A 67 1.39 12.05 9.97
CA THR A 67 0.13 11.89 10.69
C THR A 67 -0.77 10.87 10.00
N ASP A 68 -1.98 10.70 10.52
CA ASP A 68 -2.93 9.76 9.95
C ASP A 68 -3.25 10.12 8.50
N VAL A 69 -3.10 11.39 8.16
CA VAL A 69 -3.37 11.87 6.80
C VAL A 69 -2.30 11.38 5.84
N ASP A 70 -1.04 11.58 6.20
CA ASP A 70 0.07 11.16 5.35
C ASP A 70 0.10 9.64 5.21
N VAL A 71 -0.15 8.93 6.31
CA VAL A 71 -0.15 7.48 6.30
C VAL A 71 -1.31 6.94 5.46
N GLN A 72 -2.49 7.51 5.65
CA GLN A 72 -3.68 7.08 4.91
C GLN A 72 -3.49 7.31 3.42
N ASN A 73 -2.88 8.44 3.07
CA ASN A 73 -2.65 8.78 1.68
C ASN A 73 -1.62 7.85 1.05
N ASP A 74 -0.59 7.51 1.82
CA ASP A 74 0.47 6.62 1.34
C ASP A 74 -0.08 5.23 1.05
N VAL A 75 -0.80 4.67 2.02
CA VAL A 75 -1.39 3.35 1.88
C VAL A 75 -2.42 3.32 0.74
N ALA A 76 -3.19 4.40 0.64
CA ALA A 76 -4.21 4.49 -0.40
C ALA A 76 -3.58 4.46 -1.79
N ARG A 77 -2.53 5.25 -1.97
CA ARG A 77 -1.84 5.30 -3.26
C ARG A 77 -1.22 3.96 -3.61
N MET A 78 -0.60 3.32 -2.62
CA MET A 78 0.03 2.02 -2.82
C MET A 78 -0.99 0.98 -3.27
N ILE A 79 -2.13 0.94 -2.58
CA ILE A 79 -3.18 -0.01 -2.91
C ILE A 79 -3.71 0.22 -4.33
N THR A 80 -4.00 1.47 -4.65
CA THR A 80 -4.50 1.82 -5.97
C THR A 80 -3.53 1.38 -7.07
N ASN A 81 -2.24 1.62 -6.83
CA ASN A 81 -1.20 1.25 -7.79
C ASN A 81 -1.18 -0.26 -8.00
N ALA A 82 -1.21 -1.00 -6.91
CA ALA A 82 -1.18 -2.47 -6.97
C ALA A 82 -2.39 -3.00 -7.73
N LEU A 83 -3.54 -2.36 -7.54
CA LEU A 83 -4.77 -2.77 -8.21
C LEU A 83 -4.68 -2.51 -9.70
N GLU A 84 -4.11 -1.38 -10.07
CA GLU A 84 -3.96 -1.01 -11.48
C GLU A 84 -3.06 -2.00 -12.20
N TYR A 85 -1.99 -2.41 -11.55
CA TYR A 85 -1.05 -3.36 -12.14
C TYR A 85 -1.57 -4.79 -12.02
N ASN A 86 -2.42 -5.02 -11.03
CA ASN A 86 -3.00 -6.35 -10.80
C ASN A 86 -4.32 -6.50 -11.55
N ALA A 87 -4.70 -5.45 -12.27
CA ALA A 87 -5.95 -5.47 -13.02
C ALA A 87 -5.85 -6.44 -14.20
N LYS A 88 -6.36 -7.65 -14.01
CA LYS A 88 -6.34 -8.67 -15.05
C LYS A 88 -7.71 -9.33 -15.19
N GLY A 89 -8.04 -10.19 -14.24
CA GLY A 89 -9.32 -10.88 -14.28
C GLY A 89 -9.28 -12.23 -13.60
N SER A 90 -8.09 -12.81 -13.52
CA SER A 90 -7.92 -14.12 -12.89
C SER A 90 -8.23 -14.05 -11.40
N THR A 91 -7.92 -15.13 -10.68
CA THR A 91 -8.17 -15.19 -9.25
C THR A 91 -7.36 -14.13 -8.50
N TRP A 92 -6.20 -13.79 -9.04
CA TRP A 92 -5.33 -12.79 -8.42
C TRP A 92 -5.99 -11.43 -8.42
N TYR A 93 -6.70 -11.11 -9.49
CA TYR A 93 -7.39 -9.83 -9.60
C TYR A 93 -8.47 -9.69 -8.53
N GLN A 94 -9.26 -10.74 -8.36
CA GLN A 94 -10.34 -10.73 -7.38
C GLN A 94 -9.77 -10.66 -5.96
N GLU A 95 -8.71 -11.42 -5.71
CA GLU A 95 -8.07 -11.44 -4.40
C GLU A 95 -7.57 -10.05 -4.03
N ALA A 96 -6.87 -9.41 -4.96
CA ALA A 96 -6.33 -8.08 -4.74
C ALA A 96 -7.44 -7.06 -4.52
N MET A 97 -8.48 -7.15 -5.34
CA MET A 97 -9.62 -6.23 -5.24
C MET A 97 -10.34 -6.41 -3.90
N SER A 98 -10.55 -7.65 -3.51
CA SER A 98 -11.24 -7.96 -2.26
C SER A 98 -10.43 -7.44 -1.06
N PHE A 99 -9.12 -7.65 -1.11
CA PHE A 99 -8.24 -7.21 -0.04
C PHE A 99 -8.19 -5.69 0.04
N ARG A 100 -8.24 -5.04 -1.12
CA ARG A 100 -8.19 -3.58 -1.18
C ARG A 100 -9.33 -2.97 -0.36
N LYS A 101 -10.40 -3.74 -0.19
CA LYS A 101 -11.56 -3.27 0.57
C LYS A 101 -11.27 -3.29 2.07
N THR A 102 -10.29 -4.11 2.46
CA THR A 102 -9.92 -4.21 3.86
C THR A 102 -8.55 -3.60 4.13
N TYR A 103 -7.86 -3.24 3.05
CA TYR A 103 -6.53 -2.64 3.16
C TYR A 103 -6.60 -1.27 3.82
N LEU A 104 -7.42 -0.39 3.25
CA LEU A 104 -7.59 0.96 3.78
C LEU A 104 -8.40 0.93 5.08
N ASP A 105 -9.45 0.12 5.09
CA ASP A 105 -10.30 0.00 6.28
C ASP A 105 -9.48 -0.38 7.51
N LEU A 106 -8.66 -1.40 7.36
CA LEU A 106 -7.82 -1.86 8.47
C LEU A 106 -6.59 -0.97 8.62
N ALA A 107 -6.46 0.01 7.74
CA ALA A 107 -5.33 0.93 7.78
C ALA A 107 -5.80 2.38 7.85
N ARG A 108 -6.72 2.66 8.77
CA ARG A 108 -7.25 4.00 8.93
C ARG A 108 -8.27 4.06 10.07
N GLN A 109 -9.26 3.15 10.01
CA GLN A 109 -10.29 3.09 11.03
C GLN A 109 -9.72 2.64 12.36
N SER A 110 -8.73 1.75 12.31
CA SER A 110 -8.10 1.23 13.52
C SER A 110 -7.28 2.31 14.21
N GLY A 111 -6.82 3.28 13.43
CA GLY A 111 -6.01 4.36 13.99
C GLY A 111 -6.81 5.24 14.94
N MET A 1 2.27 -3.10 21.43
CA MET A 1 1.99 -2.62 22.78
C MET A 1 2.28 -1.13 22.90
N SER A 2 1.60 -0.32 22.10
CA SER A 2 1.80 1.12 22.11
C SER A 2 0.46 1.84 22.13
N LYS A 3 0.45 3.02 22.75
CA LYS A 3 -0.76 3.83 22.85
C LYS A 3 -0.45 5.24 23.34
N ASN A 4 -1.33 6.18 23.04
CA ASN A 4 -1.15 7.56 23.45
C ASN A 4 0.19 8.11 22.95
N GLU A 5 0.62 7.63 21.79
CA GLU A 5 1.89 8.06 21.21
C GLU A 5 1.69 9.34 20.39
N ARG A 6 0.54 9.45 19.74
CA ARG A 6 0.24 10.62 18.93
C ARG A 6 -1.27 10.77 18.73
N ASP A 7 -1.69 11.94 18.26
CA ASP A 7 -3.10 12.22 18.04
C ASP A 7 -3.28 13.20 16.89
N THR A 8 -3.94 12.75 15.82
CA THR A 8 -4.18 13.59 14.66
C THR A 8 -2.87 14.06 14.04
N SER A 9 -1.80 13.30 14.27
CA SER A 9 -0.49 13.63 13.74
C SER A 9 0.11 12.44 12.99
N PHE A 10 0.41 11.38 13.72
CA PHE A 10 0.99 10.18 13.13
C PHE A 10 0.14 8.95 13.44
N ASN A 11 -0.29 8.26 12.39
CA ASN A 11 -1.11 7.07 12.56
C ASN A 11 -0.29 5.80 12.32
N LYS A 12 0.29 5.28 13.39
CA LYS A 12 1.10 4.08 13.31
C LYS A 12 0.25 2.88 12.90
N ASN A 13 -1.00 2.86 13.33
CA ASN A 13 -1.92 1.77 13.01
C ASN A 13 -2.04 1.60 11.50
N GLY A 14 -2.14 2.72 10.78
CA GLY A 14 -2.26 2.67 9.34
C GLY A 14 -1.08 1.97 8.68
N CYS A 15 0.11 2.23 9.21
CA CYS A 15 1.33 1.63 8.67
C CYS A 15 1.36 0.13 8.93
N LEU A 16 1.04 -0.25 10.16
CA LEU A 16 1.03 -1.66 10.56
C LEU A 16 0.07 -2.46 9.69
N VAL A 17 -1.14 -1.94 9.52
CA VAL A 17 -2.16 -2.60 8.71
C VAL A 17 -1.77 -2.60 7.23
N PHE A 18 -1.14 -1.52 6.79
CA PHE A 18 -0.72 -1.38 5.41
C PHE A 18 0.23 -2.51 5.02
N VAL A 19 1.30 -2.66 5.80
CA VAL A 19 2.30 -3.70 5.54
C VAL A 19 1.71 -5.09 5.78
N SER A 20 0.89 -5.22 6.81
CA SER A 20 0.27 -6.49 7.14
C SER A 20 -0.54 -7.02 5.96
N ARG A 21 -1.35 -6.15 5.37
CA ARG A 21 -2.18 -6.54 4.22
C ARG A 21 -1.32 -6.90 3.02
N LEU A 22 -0.22 -6.17 2.84
CA LEU A 22 0.69 -6.41 1.73
C LEU A 22 1.26 -7.82 1.79
N TRP A 23 1.72 -8.22 2.98
CA TRP A 23 2.28 -9.55 3.17
C TRP A 23 1.30 -10.63 2.74
N ASP A 24 0.02 -10.39 3.00
CA ASP A 24 -1.03 -11.35 2.62
C ASP A 24 -1.30 -11.30 1.13
N LEU A 25 -1.22 -10.11 0.55
CA LEU A 25 -1.45 -9.93 -0.88
C LEU A 25 -0.44 -10.71 -1.70
N ASP A 26 0.85 -10.51 -1.39
CA ASP A 26 1.91 -11.20 -2.10
C ASP A 26 2.06 -12.63 -1.61
N LYS A 27 1.37 -13.56 -2.29
CA LYS A 27 1.43 -14.97 -1.93
C LYS A 27 2.87 -15.47 -1.88
N LEU A 28 3.72 -14.86 -2.70
CA LEU A 28 5.13 -15.24 -2.75
C LEU A 28 5.83 -14.94 -1.42
N GLY A 29 5.30 -13.96 -0.70
CA GLY A 29 5.88 -13.60 0.58
C GLY A 29 6.88 -12.46 0.46
N MET A 30 8.09 -12.79 -0.01
CA MET A 30 9.13 -11.79 -0.18
C MET A 30 8.84 -10.90 -1.37
N PHE A 31 7.88 -10.00 -1.22
CA PHE A 31 7.51 -9.08 -2.29
C PHE A 31 7.52 -7.64 -1.79
N HIS A 32 8.36 -6.81 -2.41
CA HIS A 32 8.47 -5.42 -2.04
C HIS A 32 9.44 -4.68 -2.98
N HIS A 33 9.15 -4.73 -4.27
CA HIS A 33 9.99 -4.06 -5.27
C HIS A 33 9.18 -3.69 -6.50
N PRO A 34 9.63 -2.64 -7.21
CA PRO A 34 8.96 -2.16 -8.42
C PRO A 34 9.10 -3.14 -9.59
N VAL A 35 8.09 -3.17 -10.45
CA VAL A 35 8.12 -4.05 -11.62
C VAL A 35 9.14 -3.58 -12.64
N SER A 36 9.79 -4.53 -13.32
CA SER A 36 10.78 -4.21 -14.32
C SER A 36 10.12 -3.80 -15.64
N ALA A 37 10.70 -2.81 -16.31
CA ALA A 37 10.16 -2.32 -17.57
C ALA A 37 10.13 -3.44 -18.61
N GLU A 38 11.11 -4.32 -18.56
CA GLU A 38 11.20 -5.43 -19.50
C GLU A 38 9.87 -6.20 -19.56
N GLU A 39 9.25 -6.38 -18.40
CA GLU A 39 7.98 -7.09 -18.32
C GLU A 39 6.80 -6.12 -18.43
N LEU A 40 7.01 -4.90 -17.97
CA LEU A 40 5.97 -3.87 -18.02
C LEU A 40 6.53 -2.56 -18.54
N PRO A 41 6.70 -2.48 -19.87
CA PRO A 41 7.22 -1.27 -20.53
C PRO A 41 6.23 -0.12 -20.50
N ASP A 42 4.97 -0.43 -20.20
CA ASP A 42 3.93 0.58 -20.13
C ASP A 42 3.42 0.75 -18.70
N TYR A 43 4.23 0.32 -17.74
CA TYR A 43 3.87 0.42 -16.34
C TYR A 43 3.46 1.84 -15.98
N HIS A 44 4.11 2.81 -16.61
CA HIS A 44 3.82 4.22 -16.37
C HIS A 44 2.40 4.57 -16.79
N THR A 45 1.97 3.99 -17.92
CA THR A 45 0.63 4.23 -18.44
C THR A 45 -0.38 3.29 -17.81
N VAL A 46 0.10 2.28 -17.10
CA VAL A 46 -0.77 1.31 -16.45
C VAL A 46 -1.07 1.72 -15.01
N ILE A 47 -0.02 2.00 -14.24
CA ILE A 47 -0.17 2.40 -12.85
C ILE A 47 0.43 3.78 -12.61
N LYS A 48 1.47 4.10 -13.38
CA LYS A 48 2.14 5.39 -13.26
C LYS A 48 3.01 5.43 -12.00
N ARG A 49 2.37 5.27 -10.85
CA ARG A 49 3.09 5.29 -9.57
C ARG A 49 3.21 3.88 -9.00
N PRO A 50 4.35 3.24 -9.26
CA PRO A 50 4.61 1.87 -8.78
C PRO A 50 4.82 1.82 -7.27
N VAL A 51 5.28 0.68 -6.77
CA VAL A 51 5.52 0.51 -5.34
C VAL A 51 6.90 -0.09 -5.09
N ASP A 52 7.65 0.52 -4.18
CA ASP A 52 8.98 0.04 -3.84
C ASP A 52 9.22 0.09 -2.34
N LEU A 53 10.12 -0.75 -1.85
CA LEU A 53 10.43 -0.80 -0.43
C LEU A 53 11.23 0.43 -0.01
N SER A 54 12.22 0.80 -0.82
CA SER A 54 13.06 1.96 -0.53
C SER A 54 12.25 3.24 -0.62
N SER A 55 11.33 3.31 -1.58
CA SER A 55 10.50 4.49 -1.77
C SER A 55 9.67 4.77 -0.52
N ILE A 56 8.98 3.74 -0.03
CA ILE A 56 8.15 3.88 1.16
C ILE A 56 9.00 4.06 2.41
N ARG A 57 10.02 3.22 2.56
CA ARG A 57 10.91 3.29 3.71
C ARG A 57 11.48 4.69 3.88
N ASP A 58 11.81 5.32 2.75
CA ASP A 58 12.36 6.68 2.78
C ASP A 58 11.28 7.70 3.13
N GLY A 59 10.07 7.46 2.64
CA GLY A 59 8.97 8.38 2.91
C GLY A 59 8.66 8.48 4.40
N ILE A 60 8.57 7.33 5.06
CA ILE A 60 8.27 7.30 6.49
C ILE A 60 9.42 7.89 7.30
N GLU A 61 10.64 7.57 6.89
CA GLU A 61 11.83 8.07 7.58
C GLU A 61 11.91 9.59 7.50
N LYS A 62 11.48 10.14 6.36
CA LYS A 62 11.51 11.58 6.14
C LYS A 62 10.35 12.25 6.88
N GLY A 63 9.28 11.50 7.11
CA GLY A 63 8.13 12.04 7.79
C GLY A 63 7.09 12.59 6.83
N THR A 64 7.06 12.05 5.62
CA THR A 64 6.11 12.49 4.60
C THR A 64 4.71 12.61 5.18
N TYR A 65 4.33 11.65 6.01
CA TYR A 65 3.01 11.63 6.62
C TYR A 65 2.74 12.95 7.36
N ALA A 66 1.63 13.59 7.01
CA ALA A 66 1.26 14.85 7.64
C ALA A 66 0.07 14.66 8.59
N THR A 67 -0.78 13.69 8.26
CA THR A 67 -1.96 13.42 9.09
C THR A 67 -2.69 12.17 8.59
N ASP A 68 -3.81 11.86 9.23
CA ASP A 68 -4.60 10.69 8.86
C ASP A 68 -5.07 10.80 7.41
N VAL A 69 -5.26 12.02 6.94
CA VAL A 69 -5.70 12.26 5.57
C VAL A 69 -4.61 11.90 4.56
N ASP A 70 -3.40 12.41 4.80
CA ASP A 70 -2.27 12.14 3.92
C ASP A 70 -1.95 10.65 3.89
N VAL A 71 -2.01 10.01 5.06
CA VAL A 71 -1.73 8.58 5.16
C VAL A 71 -2.79 7.75 4.43
N GLN A 72 -4.05 8.12 4.62
CA GLN A 72 -5.15 7.42 3.98
C GLN A 72 -5.06 7.53 2.46
N ASN A 73 -4.67 8.70 1.99
CA ASN A 73 -4.54 8.93 0.55
C ASN A 73 -3.38 8.14 -0.03
N ASP A 74 -2.27 8.11 0.71
CA ASP A 74 -1.08 7.39 0.26
C ASP A 74 -1.38 5.89 0.14
N VAL A 75 -1.95 5.31 1.18
CA VAL A 75 -2.27 3.89 1.18
C VAL A 75 -3.32 3.57 0.12
N ALA A 76 -4.28 4.47 -0.04
CA ALA A 76 -5.34 4.27 -1.02
C ALA A 76 -4.77 4.17 -2.44
N ARG A 77 -3.87 5.10 -2.77
CA ARG A 77 -3.25 5.13 -4.09
C ARG A 77 -2.39 3.89 -4.30
N MET A 78 -1.64 3.51 -3.26
CA MET A 78 -0.78 2.34 -3.34
C MET A 78 -1.59 1.08 -3.61
N ILE A 79 -2.74 0.97 -2.97
CA ILE A 79 -3.61 -0.19 -3.15
C ILE A 79 -4.19 -0.23 -4.55
N THR A 80 -4.67 0.91 -5.03
CA THR A 80 -5.25 1.00 -6.36
C THR A 80 -4.24 0.60 -7.43
N ASN A 81 -3.02 1.11 -7.32
CA ASN A 81 -1.96 0.79 -8.28
C ASN A 81 -1.60 -0.68 -8.20
N ALA A 82 -1.40 -1.18 -6.98
CA ALA A 82 -1.05 -2.58 -6.77
C ALA A 82 -2.05 -3.50 -7.44
N LEU A 83 -3.29 -3.45 -6.97
CA LEU A 83 -4.35 -4.29 -7.53
C LEU A 83 -4.50 -4.08 -9.03
N GLU A 84 -4.25 -2.85 -9.47
CA GLU A 84 -4.36 -2.50 -10.88
C GLU A 84 -3.33 -3.27 -11.70
N TYR A 85 -2.14 -3.47 -11.13
CA TYR A 85 -1.07 -4.18 -11.81
C TYR A 85 -1.18 -5.69 -11.57
N ASN A 86 -1.71 -6.06 -10.41
CA ASN A 86 -1.87 -7.46 -10.05
C ASN A 86 -3.14 -8.04 -10.68
N ALA A 87 -3.91 -7.18 -11.34
CA ALA A 87 -5.14 -7.60 -11.99
C ALA A 87 -4.85 -8.51 -13.18
N LYS A 88 -4.88 -9.81 -12.96
CA LYS A 88 -4.62 -10.77 -14.01
C LYS A 88 -4.69 -12.20 -13.47
N GLY A 89 -5.41 -13.06 -14.18
CA GLY A 89 -5.55 -14.45 -13.75
C GLY A 89 -6.96 -14.79 -13.34
N SER A 90 -7.88 -13.86 -13.54
CA SER A 90 -9.28 -14.07 -13.17
C SER A 90 -9.45 -14.06 -11.66
N THR A 91 -9.01 -15.14 -11.02
CA THR A 91 -9.11 -15.26 -9.56
C THR A 91 -8.25 -14.22 -8.86
N TRP A 92 -7.05 -13.99 -9.40
CA TRP A 92 -6.13 -13.02 -8.82
C TRP A 92 -6.79 -11.65 -8.70
N TYR A 93 -7.41 -11.21 -9.79
CA TYR A 93 -8.08 -9.91 -9.81
C TYR A 93 -9.11 -9.81 -8.68
N GLN A 94 -9.83 -10.90 -8.45
CA GLN A 94 -10.85 -10.94 -7.40
C GLN A 94 -10.21 -10.86 -6.03
N GLU A 95 -9.06 -11.51 -5.87
CA GLU A 95 -8.34 -11.51 -4.59
C GLU A 95 -7.89 -10.11 -4.23
N ALA A 96 -7.30 -9.41 -5.20
CA ALA A 96 -6.80 -8.05 -4.97
C ALA A 96 -7.96 -7.08 -4.73
N MET A 97 -9.02 -7.24 -5.53
CA MET A 97 -10.19 -6.38 -5.41
C MET A 97 -10.93 -6.64 -4.10
N SER A 98 -10.96 -7.90 -3.69
CA SER A 98 -11.64 -8.30 -2.46
C SER A 98 -10.90 -7.76 -1.24
N PHE A 99 -9.57 -7.88 -1.27
CA PHE A 99 -8.74 -7.41 -0.16
C PHE A 99 -8.77 -5.88 -0.07
N ARG A 100 -8.74 -5.22 -1.23
CA ARG A 100 -8.76 -3.78 -1.27
C ARG A 100 -9.98 -3.22 -0.53
N LYS A 101 -11.02 -4.03 -0.43
CA LYS A 101 -12.23 -3.62 0.26
C LYS A 101 -12.00 -3.49 1.77
N THR A 102 -10.98 -4.18 2.26
CA THR A 102 -10.65 -4.14 3.67
C THR A 102 -9.27 -3.52 3.89
N TYR A 103 -8.54 -3.29 2.81
CA TYR A 103 -7.22 -2.70 2.88
C TYR A 103 -7.27 -1.29 3.45
N LEU A 104 -8.10 -0.45 2.84
CA LEU A 104 -8.26 0.93 3.28
C LEU A 104 -9.00 0.99 4.61
N ASP A 105 -9.97 0.10 4.79
CA ASP A 105 -10.75 0.05 6.01
C ASP A 105 -9.85 -0.16 7.22
N LEU A 106 -8.98 -1.16 7.14
CA LEU A 106 -8.06 -1.46 8.23
C LEU A 106 -7.15 -0.28 8.53
N ALA A 107 -6.96 0.58 7.53
CA ALA A 107 -6.12 1.76 7.70
C ALA A 107 -6.96 3.03 7.80
N ARG A 108 -7.96 2.99 8.68
CA ARG A 108 -8.85 4.14 8.88
C ARG A 108 -9.87 3.85 9.97
N GLN A 109 -10.45 2.66 9.93
CA GLN A 109 -11.45 2.27 10.92
C GLN A 109 -10.80 2.03 12.28
N SER A 110 -9.56 1.57 12.27
CA SER A 110 -8.84 1.29 13.51
C SER A 110 -8.12 2.54 14.00
N GLY A 111 -7.81 3.44 13.08
CA GLY A 111 -7.12 4.67 13.44
C GLY A 111 -7.84 5.43 14.53
N MET A 1 9.22 3.83 22.25
CA MET A 1 8.79 5.19 22.55
C MET A 1 7.30 5.24 22.85
N SER A 2 6.53 4.45 22.10
CA SER A 2 5.08 4.41 22.29
C SER A 2 4.43 5.71 21.84
N LYS A 3 4.58 6.75 22.65
CA LYS A 3 4.02 8.06 22.34
C LYS A 3 2.50 7.97 22.14
N ASN A 4 1.81 7.36 23.10
CA ASN A 4 0.37 7.21 23.01
C ASN A 4 -0.03 6.35 21.81
N GLU A 5 -1.32 6.25 21.57
CA GLU A 5 -1.82 5.46 20.44
C GLU A 5 -1.80 6.28 19.15
N ARG A 6 -1.90 7.59 19.29
CA ARG A 6 -1.89 8.49 18.14
C ARG A 6 -1.74 9.94 18.58
N ASP A 7 -1.06 10.73 17.76
CA ASP A 7 -0.85 12.14 18.06
C ASP A 7 -1.10 13.00 16.83
N THR A 8 -1.98 12.54 15.95
CA THR A 8 -2.31 13.27 14.74
C THR A 8 -1.06 13.68 13.99
N SER A 9 -0.05 12.81 13.99
CA SER A 9 1.21 13.09 13.31
C SER A 9 1.76 11.81 12.66
N PHE A 10 1.69 10.71 13.39
CA PHE A 10 2.19 9.44 12.89
C PHE A 10 1.14 8.35 13.01
N ASN A 11 0.73 7.79 11.88
CA ASN A 11 -0.28 6.74 11.85
C ASN A 11 0.36 5.36 11.64
N LYS A 12 0.90 4.79 12.70
CA LYS A 12 1.54 3.48 12.63
C LYS A 12 0.54 2.40 12.25
N ASN A 13 -0.70 2.57 12.73
CA ASN A 13 -1.76 1.61 12.43
C ASN A 13 -1.95 1.44 10.94
N GLY A 14 -1.75 2.52 10.19
CA GLY A 14 -1.90 2.47 8.75
C GLY A 14 -0.87 1.58 8.09
N CYS A 15 0.38 1.70 8.51
CA CYS A 15 1.46 0.90 7.95
C CYS A 15 1.30 -0.57 8.32
N LEU A 16 1.02 -0.82 9.59
CA LEU A 16 0.84 -2.19 10.08
C LEU A 16 -0.30 -2.88 9.35
N VAL A 17 -1.42 -2.17 9.20
CA VAL A 17 -2.58 -2.71 8.51
C VAL A 17 -2.30 -2.92 7.03
N PHE A 18 -1.53 -2.01 6.44
CA PHE A 18 -1.20 -2.08 5.03
C PHE A 18 -0.39 -3.36 4.74
N VAL A 19 0.75 -3.49 5.39
CA VAL A 19 1.61 -4.66 5.20
C VAL A 19 0.88 -5.93 5.57
N SER A 20 0.11 -5.89 6.66
CA SER A 20 -0.63 -7.05 7.12
C SER A 20 -1.60 -7.53 6.05
N ARG A 21 -2.39 -6.61 5.51
CA ARG A 21 -3.35 -6.93 4.47
C ARG A 21 -2.66 -7.32 3.17
N LEU A 22 -1.57 -6.62 2.86
CA LEU A 22 -0.82 -6.88 1.64
C LEU A 22 -0.28 -8.32 1.63
N TRP A 23 0.13 -8.80 2.81
CA TRP A 23 0.64 -10.15 2.94
C TRP A 23 -0.43 -11.19 2.66
N ASP A 24 -1.66 -10.88 3.05
CA ASP A 24 -2.78 -11.78 2.84
C ASP A 24 -3.19 -11.80 1.37
N LEU A 25 -3.56 -10.63 0.84
CA LEU A 25 -3.98 -10.51 -0.55
C LEU A 25 -2.87 -11.00 -1.49
N ASP A 26 -1.63 -10.83 -1.07
CA ASP A 26 -0.49 -11.25 -1.88
C ASP A 26 0.60 -11.87 -0.99
N LYS A 27 0.83 -13.16 -1.17
CA LYS A 27 1.84 -13.88 -0.40
C LYS A 27 3.24 -13.46 -0.81
N LEU A 28 3.51 -13.47 -2.12
CA LEU A 28 4.81 -13.09 -2.64
C LEU A 28 4.86 -13.26 -4.15
N GLY A 29 3.73 -13.02 -4.81
CA GLY A 29 3.67 -13.15 -6.25
C GLY A 29 4.12 -11.90 -6.97
N MET A 30 5.43 -11.77 -7.16
CA MET A 30 6.00 -10.61 -7.84
C MET A 30 5.73 -9.33 -7.04
N PHE A 31 5.70 -9.46 -5.72
CA PHE A 31 5.45 -8.32 -4.85
C PHE A 31 6.68 -8.02 -3.99
N HIS A 32 6.53 -7.06 -3.08
CA HIS A 32 7.62 -6.68 -2.20
C HIS A 32 8.78 -6.05 -2.98
N HIS A 33 8.50 -5.71 -4.23
CA HIS A 33 9.52 -5.11 -5.09
C HIS A 33 8.86 -4.27 -6.20
N PRO A 34 9.61 -3.27 -6.69
CA PRO A 34 9.12 -2.38 -7.76
C PRO A 34 9.00 -3.09 -9.10
N VAL A 35 8.05 -2.65 -9.91
CA VAL A 35 7.83 -3.25 -11.22
C VAL A 35 8.95 -2.87 -12.18
N SER A 36 9.53 -3.89 -12.83
CA SER A 36 10.62 -3.68 -13.77
C SER A 36 10.09 -3.19 -15.11
N ALA A 37 10.79 -2.25 -15.72
CA ALA A 37 10.39 -1.70 -17.01
C ALA A 37 10.48 -2.76 -18.10
N GLU A 38 11.42 -3.68 -17.96
CA GLU A 38 11.61 -4.74 -18.94
C GLU A 38 10.30 -5.46 -19.22
N GLU A 39 9.50 -5.65 -18.17
CA GLU A 39 8.21 -6.33 -18.32
C GLU A 39 7.10 -5.31 -18.56
N LEU A 40 7.16 -4.20 -17.85
CA LEU A 40 6.15 -3.15 -17.98
C LEU A 40 6.80 -1.81 -18.33
N PRO A 41 7.18 -1.65 -19.61
CA PRO A 41 7.81 -0.43 -20.10
C PRO A 41 6.85 0.75 -20.14
N ASP A 42 5.55 0.46 -20.05
CA ASP A 42 4.53 1.49 -20.08
C ASP A 42 3.85 1.61 -18.72
N TYR A 43 4.52 1.12 -17.68
CA TYR A 43 3.98 1.18 -16.33
C TYR A 43 3.68 2.61 -15.92
N HIS A 44 4.48 3.55 -16.40
CA HIS A 44 4.29 4.97 -16.09
C HIS A 44 2.89 5.42 -16.48
N THR A 45 2.43 4.98 -17.64
CA THR A 45 1.10 5.35 -18.12
C THR A 45 0.04 4.42 -17.56
N VAL A 46 0.47 3.32 -16.94
CA VAL A 46 -0.44 2.35 -16.35
C VAL A 46 -0.88 2.78 -14.95
N ILE A 47 0.09 3.11 -14.11
CA ILE A 47 -0.19 3.55 -12.75
C ILE A 47 0.48 4.89 -12.45
N LYS A 48 1.69 5.07 -12.96
CA LYS A 48 2.43 6.30 -12.76
C LYS A 48 2.78 6.48 -11.28
N ARG A 49 2.65 5.41 -10.51
CA ARG A 49 2.94 5.45 -9.09
C ARG A 49 3.93 4.36 -8.70
N PRO A 50 5.22 4.70 -8.66
CA PRO A 50 6.28 3.76 -8.31
C PRO A 50 6.25 3.36 -6.84
N VAL A 51 6.55 2.10 -6.56
CA VAL A 51 6.54 1.59 -5.19
C VAL A 51 7.60 0.52 -5.00
N ASP A 52 8.43 0.68 -3.96
CA ASP A 52 9.48 -0.29 -3.67
C ASP A 52 9.68 -0.42 -2.17
N LEU A 53 10.23 -1.56 -1.74
CA LEU A 53 10.47 -1.81 -0.34
C LEU A 53 11.29 -0.69 0.29
N SER A 54 12.31 -0.24 -0.44
CA SER A 54 13.16 0.84 0.05
C SER A 54 12.39 2.16 0.13
N SER A 55 11.51 2.38 -0.83
CA SER A 55 10.71 3.60 -0.86
C SER A 55 9.84 3.71 0.39
N ILE A 56 9.13 2.64 0.70
CA ILE A 56 8.26 2.62 1.88
C ILE A 56 9.07 2.73 3.16
N ARG A 57 10.13 1.93 3.25
CA ARG A 57 10.99 1.95 4.44
C ARG A 57 11.62 3.33 4.64
N ASP A 58 12.02 3.96 3.54
CA ASP A 58 12.62 5.28 3.60
C ASP A 58 11.58 6.35 3.96
N GLY A 59 10.38 6.18 3.44
CA GLY A 59 9.31 7.14 3.70
C GLY A 59 8.92 7.16 5.16
N ILE A 60 8.74 5.98 5.74
CA ILE A 60 8.36 5.87 7.15
C ILE A 60 9.49 6.33 8.07
N GLU A 61 10.72 5.98 7.71
CA GLU A 61 11.87 6.37 8.50
C GLU A 61 12.05 7.88 8.53
N LYS A 62 11.78 8.52 7.38
CA LYS A 62 11.91 9.96 7.27
C LYS A 62 10.70 10.66 7.90
N GLY A 63 9.58 9.94 7.98
CA GLY A 63 8.37 10.50 8.56
C GLY A 63 7.48 11.16 7.51
N THR A 64 7.56 10.67 6.29
CA THR A 64 6.75 11.22 5.19
C THR A 64 5.32 11.46 5.64
N TYR A 65 4.75 10.48 6.32
CA TYR A 65 3.37 10.58 6.80
C TYR A 65 3.16 11.88 7.57
N ALA A 66 2.18 12.67 7.12
CA ALA A 66 1.87 13.94 7.77
C ALA A 66 0.70 13.79 8.73
N THR A 67 -0.24 12.91 8.41
CA THR A 67 -1.40 12.67 9.25
C THR A 67 -2.23 11.52 8.72
N ASP A 68 -3.36 11.26 9.38
CA ASP A 68 -4.25 10.18 8.98
C ASP A 68 -4.75 10.38 7.55
N VAL A 69 -4.87 11.64 7.15
CA VAL A 69 -5.33 11.98 5.80
C VAL A 69 -4.30 11.58 4.76
N ASP A 70 -3.05 11.98 4.97
CA ASP A 70 -1.97 11.67 4.04
C ASP A 70 -1.76 10.16 3.94
N VAL A 71 -1.81 9.48 5.09
CA VAL A 71 -1.63 8.04 5.12
C VAL A 71 -2.76 7.32 4.41
N GLN A 72 -3.98 7.79 4.62
CA GLN A 72 -5.15 7.19 3.98
C GLN A 72 -5.07 7.31 2.47
N ASN A 73 -4.75 8.51 1.98
CA ASN A 73 -4.65 8.76 0.56
C ASN A 73 -3.54 7.91 -0.07
N ASP A 74 -2.40 7.84 0.61
CA ASP A 74 -1.27 7.06 0.13
C ASP A 74 -1.65 5.59 -0.01
N VAL A 75 -2.25 5.04 1.04
CA VAL A 75 -2.67 3.64 1.03
C VAL A 75 -3.65 3.36 -0.11
N ALA A 76 -4.61 4.26 -0.28
CA ALA A 76 -5.61 4.12 -1.34
C ALA A 76 -4.96 4.04 -2.71
N ARG A 77 -4.02 4.96 -2.97
CA ARG A 77 -3.33 5.00 -4.25
C ARG A 77 -2.54 3.72 -4.47
N MET A 78 -1.91 3.22 -3.42
CA MET A 78 -1.12 2.00 -3.50
C MET A 78 -2.00 0.80 -3.86
N ILE A 79 -3.19 0.76 -3.27
CA ILE A 79 -4.14 -0.32 -3.53
C ILE A 79 -4.65 -0.28 -4.97
N THR A 80 -4.88 0.94 -5.47
CA THR A 80 -5.37 1.12 -6.83
C THR A 80 -4.33 0.67 -7.85
N ASN A 81 -3.09 1.11 -7.66
CA ASN A 81 -2.00 0.76 -8.56
C ASN A 81 -1.68 -0.73 -8.48
N ALA A 82 -1.80 -1.28 -7.27
CA ALA A 82 -1.52 -2.70 -7.05
C ALA A 82 -2.57 -3.58 -7.72
N LEU A 83 -3.83 -3.14 -7.65
CA LEU A 83 -4.93 -3.88 -8.25
C LEU A 83 -4.87 -3.83 -9.78
N GLU A 84 -4.60 -2.64 -10.30
CA GLU A 84 -4.50 -2.45 -11.75
C GLU A 84 -3.31 -3.20 -12.32
N TYR A 85 -2.25 -3.32 -11.53
CA TYR A 85 -1.04 -4.01 -11.96
C TYR A 85 -1.14 -5.50 -11.67
N ASN A 86 -2.01 -5.86 -10.72
CA ASN A 86 -2.19 -7.26 -10.35
C ASN A 86 -3.02 -8.00 -11.41
N ALA A 87 -3.57 -7.24 -12.35
CA ALA A 87 -4.37 -7.81 -13.42
C ALA A 87 -3.51 -8.65 -14.36
N LYS A 88 -3.46 -9.96 -14.12
CA LYS A 88 -2.67 -10.86 -14.95
C LYS A 88 -2.78 -12.29 -14.46
N GLY A 89 -2.74 -12.46 -13.14
CA GLY A 89 -2.85 -13.79 -12.56
C GLY A 89 -4.28 -14.30 -12.53
N SER A 90 -5.21 -13.47 -12.99
CA SER A 90 -6.62 -13.84 -13.00
C SER A 90 -7.18 -13.90 -11.59
N THR A 91 -6.83 -14.96 -10.87
CA THR A 91 -7.31 -15.15 -9.51
C THR A 91 -6.74 -14.07 -8.58
N TRP A 92 -5.44 -13.81 -8.70
CA TRP A 92 -4.79 -12.80 -7.88
C TRP A 92 -5.48 -11.45 -8.02
N TYR A 93 -5.92 -11.13 -9.22
CA TYR A 93 -6.60 -9.86 -9.47
C TYR A 93 -7.86 -9.74 -8.62
N GLN A 94 -8.69 -10.78 -8.65
CA GLN A 94 -9.92 -10.80 -7.87
C GLN A 94 -9.63 -10.72 -6.37
N GLU A 95 -8.58 -11.42 -5.95
CA GLU A 95 -8.19 -11.44 -4.55
C GLU A 95 -7.85 -10.03 -4.06
N ALA A 96 -7.06 -9.32 -4.84
CA ALA A 96 -6.65 -7.96 -4.50
C ALA A 96 -7.85 -7.00 -4.54
N MET A 97 -8.74 -7.22 -5.50
CA MET A 97 -9.92 -6.38 -5.65
C MET A 97 -10.87 -6.57 -4.47
N SER A 98 -11.08 -7.81 -4.08
CA SER A 98 -11.97 -8.12 -2.96
C SER A 98 -11.41 -7.60 -1.65
N PHE A 99 -10.10 -7.77 -1.47
CA PHE A 99 -9.43 -7.32 -0.25
C PHE A 99 -9.42 -5.79 -0.17
N ARG A 100 -9.31 -5.15 -1.33
CA ARG A 100 -9.29 -3.69 -1.38
C ARG A 100 -10.52 -3.11 -0.70
N LYS A 101 -11.58 -3.90 -0.63
CA LYS A 101 -12.82 -3.46 0.00
C LYS A 101 -12.64 -3.29 1.50
N THR A 102 -11.67 -4.01 2.06
CA THR A 102 -11.39 -3.95 3.49
C THR A 102 -10.00 -3.38 3.75
N TYR A 103 -9.23 -3.20 2.68
CA TYR A 103 -7.88 -2.67 2.80
C TYR A 103 -7.90 -1.24 3.34
N LEU A 104 -8.66 -0.37 2.68
CA LEU A 104 -8.77 1.02 3.10
C LEU A 104 -9.58 1.14 4.38
N ASP A 105 -10.64 0.36 4.48
CA ASP A 105 -11.50 0.36 5.67
C ASP A 105 -10.69 0.11 6.93
N LEU A 106 -9.87 -0.94 6.90
CA LEU A 106 -9.04 -1.30 8.04
C LEU A 106 -7.90 -0.29 8.22
N ALA A 107 -7.35 0.17 7.11
CA ALA A 107 -6.25 1.13 7.15
C ALA A 107 -6.78 2.57 7.13
N ARG A 108 -7.75 2.84 8.00
CA ARG A 108 -8.34 4.17 8.08
C ARG A 108 -9.34 4.25 9.23
N GLN A 109 -10.08 3.16 9.45
CA GLN A 109 -11.07 3.12 10.51
C GLN A 109 -10.39 3.05 11.88
N SER A 110 -9.25 2.37 11.93
CA SER A 110 -8.51 2.23 13.18
C SER A 110 -7.68 3.47 13.48
N GLY A 111 -7.37 4.22 12.42
CA GLY A 111 -6.59 5.43 12.59
C GLY A 111 -7.44 6.60 13.08
N MET A 1 4.82 -3.00 26.38
CA MET A 1 5.17 -2.78 24.98
C MET A 1 5.33 -1.29 24.68
N SER A 2 5.98 -0.98 23.57
CA SER A 2 6.20 0.40 23.18
C SER A 2 4.88 1.12 22.92
N LYS A 3 4.96 2.40 22.61
CA LYS A 3 3.77 3.20 22.33
C LYS A 3 3.98 4.10 21.11
N ASN A 4 2.95 4.84 20.74
CA ASN A 4 3.02 5.73 19.60
C ASN A 4 3.16 7.19 20.05
N GLU A 5 4.36 7.74 19.90
CA GLU A 5 4.64 9.11 20.29
C GLU A 5 3.70 10.08 19.57
N ARG A 6 3.48 9.83 18.28
CA ARG A 6 2.61 10.67 17.47
C ARG A 6 1.33 9.94 17.10
N ASP A 7 0.52 10.57 16.26
CA ASP A 7 -0.75 9.97 15.82
C ASP A 7 -1.43 10.84 14.78
N THR A 8 -1.32 12.16 14.95
CA THR A 8 -1.93 13.10 14.03
C THR A 8 -1.13 13.20 12.73
N SER A 9 0.02 13.87 12.81
CA SER A 9 0.89 14.04 11.65
C SER A 9 1.33 12.69 11.10
N PHE A 10 1.37 11.69 11.97
CA PHE A 10 1.79 10.34 11.57
C PHE A 10 0.74 9.31 12.00
N ASN A 11 0.25 8.53 11.04
CA ASN A 11 -0.74 7.50 11.31
C ASN A 11 -0.11 6.12 11.32
N LYS A 12 0.55 5.78 12.42
CA LYS A 12 1.20 4.48 12.56
C LYS A 12 0.22 3.35 12.29
N ASN A 13 -1.05 3.57 12.67
CA ASN A 13 -2.08 2.56 12.47
C ASN A 13 -2.20 2.18 10.99
N GLY A 14 -2.19 3.19 10.13
CA GLY A 14 -2.29 2.95 8.70
C GLY A 14 -1.16 2.10 8.18
N CYS A 15 0.05 2.34 8.69
CA CYS A 15 1.23 1.60 8.26
C CYS A 15 1.16 0.15 8.73
N LEU A 16 0.63 -0.06 9.94
CA LEU A 16 0.51 -1.39 10.49
C LEU A 16 -0.50 -2.22 9.71
N VAL A 17 -1.64 -1.63 9.41
CA VAL A 17 -2.69 -2.31 8.66
C VAL A 17 -2.25 -2.56 7.22
N PHE A 18 -1.53 -1.59 6.66
CA PHE A 18 -1.05 -1.71 5.28
C PHE A 18 -0.06 -2.86 5.14
N VAL A 19 0.90 -2.92 6.05
CA VAL A 19 1.92 -3.96 6.03
C VAL A 19 1.28 -5.34 6.28
N SER A 20 0.44 -5.42 7.30
CA SER A 20 -0.22 -6.67 7.66
C SER A 20 -1.03 -7.20 6.48
N ARG A 21 -1.84 -6.33 5.87
CA ARG A 21 -2.67 -6.71 4.74
C ARG A 21 -1.81 -7.00 3.52
N LEU A 22 -0.76 -6.21 3.34
CA LEU A 22 0.15 -6.38 2.20
C LEU A 22 0.76 -7.78 2.21
N TRP A 23 1.17 -8.24 3.39
CA TRP A 23 1.77 -9.57 3.53
C TRP A 23 0.79 -10.65 3.10
N ASP A 24 -0.49 -10.45 3.42
CA ASP A 24 -1.53 -11.42 3.07
C ASP A 24 -1.75 -11.46 1.57
N LEU A 25 -1.89 -10.29 0.96
CA LEU A 25 -2.11 -10.17 -0.48
C LEU A 25 -0.98 -10.83 -1.25
N ASP A 26 0.25 -10.51 -0.87
CA ASP A 26 1.43 -11.07 -1.52
C ASP A 26 1.62 -12.53 -1.14
N LYS A 27 1.06 -13.43 -1.93
CA LYS A 27 1.18 -14.87 -1.67
C LYS A 27 2.63 -15.32 -1.70
N LEU A 28 3.43 -14.65 -2.53
CA LEU A 28 4.84 -14.98 -2.65
C LEU A 28 5.55 -14.85 -1.31
N GLY A 29 5.05 -13.93 -0.47
CA GLY A 29 5.64 -13.73 0.84
C GLY A 29 6.91 -12.89 0.78
N MET A 30 7.29 -12.47 -0.43
CA MET A 30 8.48 -11.66 -0.62
C MET A 30 8.29 -10.68 -1.78
N PHE A 31 7.05 -10.33 -2.04
CA PHE A 31 6.74 -9.39 -3.11
C PHE A 31 6.45 -7.99 -2.57
N HIS A 32 7.27 -7.03 -2.97
CA HIS A 32 7.10 -5.65 -2.52
C HIS A 32 8.15 -4.75 -3.15
N HIS A 33 8.05 -4.55 -4.46
CA HIS A 33 8.99 -3.71 -5.19
C HIS A 33 8.34 -3.14 -6.45
N PRO A 34 8.92 -2.05 -6.98
CA PRO A 34 8.42 -1.38 -8.18
C PRO A 34 8.64 -2.23 -9.44
N VAL A 35 7.73 -2.09 -10.40
CA VAL A 35 7.82 -2.83 -11.65
C VAL A 35 8.97 -2.32 -12.52
N SER A 36 9.62 -3.23 -13.22
CA SER A 36 10.74 -2.87 -14.08
C SER A 36 10.25 -2.27 -15.40
N ALA A 37 10.95 -1.25 -15.87
CA ALA A 37 10.58 -0.59 -17.13
C ALA A 37 10.73 -1.54 -18.31
N GLU A 38 11.72 -2.42 -18.25
CA GLU A 38 11.97 -3.38 -19.32
C GLU A 38 10.71 -4.17 -19.64
N GLU A 39 9.97 -4.55 -18.60
CA GLU A 39 8.74 -5.31 -18.77
C GLU A 39 7.53 -4.37 -18.87
N LEU A 40 7.64 -3.21 -18.24
CA LEU A 40 6.56 -2.23 -18.26
C LEU A 40 7.09 -0.84 -18.59
N PRO A 41 7.39 -0.61 -19.87
CA PRO A 41 7.91 0.67 -20.34
C PRO A 41 6.86 1.78 -20.29
N ASP A 42 5.60 1.39 -20.16
CA ASP A 42 4.49 2.34 -20.10
C ASP A 42 3.85 2.32 -18.71
N TYR A 43 4.58 1.82 -17.73
CA TYR A 43 4.08 1.76 -16.36
C TYR A 43 3.57 3.12 -15.90
N HIS A 44 4.23 4.18 -16.36
CA HIS A 44 3.84 5.53 -16.00
C HIS A 44 2.46 5.86 -16.53
N THR A 45 2.15 5.38 -17.73
CA THR A 45 0.86 5.63 -18.35
C THR A 45 -0.17 4.59 -17.91
N VAL A 46 0.30 3.53 -17.26
CA VAL A 46 -0.57 2.48 -16.77
C VAL A 46 -1.02 2.73 -15.34
N ILE A 47 -0.06 2.97 -14.46
CA ILE A 47 -0.36 3.24 -13.05
C ILE A 47 0.16 4.61 -12.63
N LYS A 48 1.24 5.04 -13.28
CA LYS A 48 1.84 6.34 -12.96
C LYS A 48 2.59 6.30 -11.64
N ARG A 49 1.87 6.00 -10.57
CA ARG A 49 2.46 5.92 -9.24
C ARG A 49 2.61 4.47 -8.79
N PRO A 50 3.82 3.90 -9.00
CA PRO A 50 4.12 2.52 -8.62
C PRO A 50 4.18 2.33 -7.11
N VAL A 51 4.66 1.16 -6.69
CA VAL A 51 4.77 0.85 -5.27
C VAL A 51 6.12 0.21 -4.96
N ASP A 52 6.72 0.63 -3.84
CA ASP A 52 8.01 0.09 -3.43
C ASP A 52 8.06 -0.11 -1.92
N LEU A 53 8.90 -1.03 -1.47
CA LEU A 53 9.04 -1.31 -0.04
C LEU A 53 9.90 -0.25 0.64
N SER A 54 11.02 0.09 0.00
CA SER A 54 11.94 1.09 0.55
C SER A 54 11.30 2.48 0.51
N SER A 55 10.61 2.78 -0.58
CA SER A 55 9.96 4.08 -0.73
C SER A 55 8.92 4.30 0.36
N ILE A 56 8.05 3.32 0.56
CA ILE A 56 7.02 3.41 1.57
C ILE A 56 7.62 3.41 2.97
N ARG A 57 8.52 2.47 3.22
CA ARG A 57 9.18 2.37 4.52
C ARG A 57 9.85 3.68 4.91
N ASP A 58 10.48 4.32 3.92
CA ASP A 58 11.16 5.58 4.15
C ASP A 58 10.16 6.73 4.34
N GLY A 59 9.04 6.64 3.63
CA GLY A 59 8.01 7.66 3.74
C GLY A 59 7.41 7.74 5.13
N ILE A 60 7.01 6.59 5.66
CA ILE A 60 6.41 6.54 6.99
C ILE A 60 7.44 6.87 8.07
N GLU A 61 8.65 6.35 7.90
CA GLU A 61 9.73 6.61 8.86
C GLU A 61 10.11 8.08 8.88
N LYS A 62 9.97 8.74 7.73
CA LYS A 62 10.31 10.16 7.60
C LYS A 62 9.09 11.03 7.87
N GLY A 63 7.91 10.41 7.85
CA GLY A 63 6.68 11.14 8.09
C GLY A 63 6.24 11.95 6.88
N THR A 64 6.61 11.48 5.69
CA THR A 64 6.26 12.16 4.45
C THR A 64 4.78 12.57 4.46
N TYR A 65 3.95 11.74 5.08
CA TYR A 65 2.52 12.02 5.15
C TYR A 65 2.25 13.36 5.83
N ALA A 66 0.97 13.66 6.04
CA ALA A 66 0.58 14.90 6.68
C ALA A 66 -0.44 14.65 7.80
N THR A 67 -1.34 13.70 7.55
CA THR A 67 -2.37 13.36 8.53
C THR A 67 -3.11 12.10 8.13
N ASP A 68 -4.19 11.80 8.85
CA ASP A 68 -4.99 10.60 8.57
C ASP A 68 -5.50 10.63 7.14
N VAL A 69 -5.96 11.79 6.69
CA VAL A 69 -6.48 11.94 5.34
C VAL A 69 -5.43 11.58 4.30
N ASP A 70 -4.26 12.19 4.43
CA ASP A 70 -3.15 11.93 3.50
C ASP A 70 -2.82 10.45 3.45
N VAL A 71 -2.77 9.81 4.61
CA VAL A 71 -2.46 8.40 4.69
C VAL A 71 -3.50 7.56 3.96
N GLN A 72 -4.77 7.94 4.11
CA GLN A 72 -5.85 7.22 3.45
C GLN A 72 -5.73 7.31 1.94
N ASN A 73 -5.42 8.50 1.44
CA ASN A 73 -5.27 8.72 0.01
C ASN A 73 -4.12 7.89 -0.56
N ASP A 74 -3.00 7.90 0.15
CA ASP A 74 -1.82 7.15 -0.27
C ASP A 74 -2.13 5.66 -0.37
N VAL A 75 -2.73 5.12 0.70
CA VAL A 75 -3.08 3.71 0.73
C VAL A 75 -4.00 3.33 -0.42
N ALA A 76 -5.02 4.16 -0.64
CA ALA A 76 -5.98 3.92 -1.71
C ALA A 76 -5.28 3.83 -3.06
N ARG A 77 -4.40 4.78 -3.33
CA ARG A 77 -3.65 4.82 -4.58
C ARG A 77 -2.79 3.56 -4.74
N MET A 78 -2.23 3.10 -3.63
CA MET A 78 -1.39 1.90 -3.64
C MET A 78 -2.19 0.68 -4.05
N ILE A 79 -3.39 0.54 -3.48
CA ILE A 79 -4.25 -0.59 -3.79
C ILE A 79 -4.74 -0.54 -5.24
N THR A 80 -5.01 0.66 -5.73
CA THR A 80 -5.47 0.84 -7.10
C THR A 80 -4.39 0.46 -8.10
N ASN A 81 -3.18 0.93 -7.87
CA ASN A 81 -2.06 0.64 -8.76
C ASN A 81 -1.68 -0.84 -8.67
N ALA A 82 -1.79 -1.41 -7.47
CA ALA A 82 -1.46 -2.81 -7.27
C ALA A 82 -2.46 -3.72 -7.97
N LEU A 83 -3.73 -3.34 -7.93
CA LEU A 83 -4.78 -4.13 -8.57
C LEU A 83 -4.70 -4.02 -10.10
N GLU A 84 -4.37 -2.82 -10.57
CA GLU A 84 -4.26 -2.58 -12.01
C GLU A 84 -3.12 -3.39 -12.60
N TYR A 85 -2.02 -3.48 -11.86
CA TYR A 85 -0.85 -4.22 -12.32
C TYR A 85 -0.96 -5.70 -11.95
N ASN A 86 -1.89 -6.01 -11.05
CA ASN A 86 -2.10 -7.39 -10.62
C ASN A 86 -2.82 -8.20 -11.69
N ALA A 87 -3.33 -7.50 -12.70
CA ALA A 87 -4.04 -8.16 -13.80
C ALA A 87 -3.08 -8.98 -14.65
N LYS A 88 -3.00 -10.27 -14.35
CA LYS A 88 -2.12 -11.17 -15.10
C LYS A 88 -2.69 -12.59 -15.13
N GLY A 89 -3.22 -13.03 -14.00
CA GLY A 89 -3.80 -14.36 -13.92
C GLY A 89 -5.31 -14.34 -13.94
N SER A 90 -5.93 -14.28 -12.77
CA SER A 90 -7.38 -14.26 -12.66
C SER A 90 -7.81 -14.22 -11.20
N THR A 91 -7.51 -15.29 -10.46
CA THR A 91 -7.87 -15.37 -9.05
C THR A 91 -7.14 -14.32 -8.24
N TRP A 92 -5.96 -13.95 -8.69
CA TRP A 92 -5.15 -12.93 -8.00
C TRP A 92 -5.86 -11.59 -7.98
N TYR A 93 -6.44 -11.22 -9.12
CA TYR A 93 -7.15 -9.95 -9.23
C TYR A 93 -8.35 -9.91 -8.29
N GLN A 94 -9.05 -11.03 -8.18
CA GLN A 94 -10.22 -11.12 -7.31
C GLN A 94 -9.82 -11.02 -5.84
N GLU A 95 -8.73 -11.71 -5.49
CA GLU A 95 -8.24 -11.71 -4.11
C GLU A 95 -7.83 -10.30 -3.69
N ALA A 96 -7.08 -9.63 -4.55
CA ALA A 96 -6.62 -8.27 -4.27
C ALA A 96 -7.80 -7.30 -4.16
N MET A 97 -8.72 -7.39 -5.12
CA MET A 97 -9.89 -6.53 -5.12
C MET A 97 -10.79 -6.81 -3.92
N SER A 98 -10.88 -8.08 -3.55
CA SER A 98 -11.71 -8.49 -2.42
C SER A 98 -11.16 -7.93 -1.12
N PHE A 99 -9.84 -8.01 -0.94
CA PHE A 99 -9.19 -7.51 0.26
C PHE A 99 -9.23 -5.98 0.30
N ARG A 100 -9.18 -5.36 -0.87
CA ARG A 100 -9.20 -3.90 -0.96
C ARG A 100 -10.39 -3.34 -0.22
N LYS A 101 -11.44 -4.15 -0.06
CA LYS A 101 -12.64 -3.72 0.64
C LYS A 101 -12.36 -3.49 2.13
N THR A 102 -11.37 -4.20 2.65
CA THR A 102 -10.99 -4.07 4.05
C THR A 102 -9.64 -3.40 4.21
N TYR A 103 -8.92 -3.27 3.08
CA TYR A 103 -7.60 -2.65 3.10
C TYR A 103 -7.69 -1.19 3.49
N LEU A 104 -8.53 -0.44 2.78
CA LEU A 104 -8.72 0.98 3.05
C LEU A 104 -9.45 1.20 4.38
N ASP A 105 -10.38 0.30 4.68
CA ASP A 105 -11.16 0.38 5.92
C ASP A 105 -10.24 0.32 7.13
N LEU A 106 -9.34 -0.66 7.15
CA LEU A 106 -8.41 -0.83 8.25
C LEU A 106 -7.41 0.33 8.30
N ALA A 107 -7.27 1.02 7.17
CA ALA A 107 -6.35 2.15 7.09
C ALA A 107 -7.09 3.45 6.81
N ARG A 108 -8.02 3.79 7.70
CA ARG A 108 -8.82 5.00 7.54
C ARG A 108 -9.77 5.18 8.72
N GLN A 109 -10.68 4.23 8.87
CA GLN A 109 -11.66 4.27 9.96
C GLN A 109 -11.00 4.02 11.30
N SER A 110 -9.98 3.15 11.30
CA SER A 110 -9.27 2.82 12.53
C SER A 110 -8.32 3.95 12.93
N GLY A 111 -7.88 4.73 11.93
CA GLY A 111 -6.99 5.83 12.21
C GLY A 111 -7.56 6.83 13.20
N MET A 1 4.96 0.48 12.53
CA MET A 1 6.24 1.16 12.65
C MET A 1 6.07 2.55 13.27
N SER A 2 5.99 2.60 14.59
CA SER A 2 5.82 3.87 15.30
C SER A 2 7.02 4.17 16.18
N LYS A 3 7.05 5.37 16.75
CA LYS A 3 8.16 5.78 17.61
C LYS A 3 7.69 6.81 18.63
N ASN A 4 6.42 6.74 19.00
CA ASN A 4 5.84 7.68 19.95
C ASN A 4 5.89 9.11 19.42
N GLU A 5 5.90 9.25 18.10
CA GLU A 5 5.94 10.56 17.47
C GLU A 5 4.56 11.20 17.46
N ARG A 6 3.52 10.37 17.47
CA ARG A 6 2.14 10.86 17.47
C ARG A 6 1.18 9.76 17.87
N ASP A 7 -0.05 10.15 18.20
CA ASP A 7 -1.08 9.19 18.61
C ASP A 7 -2.45 9.63 18.11
N THR A 8 -2.80 10.89 18.37
CA THR A 8 -4.08 11.42 17.96
C THR A 8 -4.15 11.59 16.44
N SER A 9 -3.03 11.99 15.84
CA SER A 9 -2.96 12.19 14.40
C SER A 9 -2.52 10.91 13.70
N PHE A 10 -1.55 10.22 14.28
CA PHE A 10 -1.05 8.98 13.71
C PHE A 10 -1.67 7.77 14.39
N ASN A 11 -2.35 6.94 13.61
CA ASN A 11 -2.99 5.74 14.14
C ASN A 11 -2.19 4.49 13.79
N LYS A 12 -1.62 3.87 14.82
CA LYS A 12 -0.83 2.66 14.63
C LYS A 12 -1.61 1.61 13.85
N ASN A 13 -2.93 1.60 14.03
CA ASN A 13 -3.80 0.65 13.35
C ASN A 13 -3.60 0.73 11.83
N GLY A 14 -3.30 1.93 11.36
CA GLY A 14 -3.10 2.13 9.93
C GLY A 14 -1.91 1.34 9.40
N CYS A 15 -0.78 1.46 10.08
CA CYS A 15 0.44 0.76 9.68
C CYS A 15 0.26 -0.75 9.82
N LEU A 16 -0.31 -1.18 10.94
CA LEU A 16 -0.53 -2.59 11.20
C LEU A 16 -1.39 -3.22 10.11
N VAL A 17 -2.45 -2.54 9.74
CA VAL A 17 -3.36 -3.03 8.70
C VAL A 17 -2.68 -3.01 7.33
N PHE A 18 -1.86 -1.99 7.09
CA PHE A 18 -1.15 -1.85 5.82
C PHE A 18 -0.27 -3.07 5.57
N VAL A 19 0.67 -3.31 6.47
CA VAL A 19 1.58 -4.45 6.34
C VAL A 19 0.83 -5.78 6.43
N SER A 20 -0.17 -5.82 7.30
CA SER A 20 -0.97 -7.04 7.48
C SER A 20 -1.60 -7.47 6.17
N ARG A 21 -2.23 -6.52 5.48
CA ARG A 21 -2.88 -6.81 4.22
C ARG A 21 -1.85 -7.09 3.12
N LEU A 22 -0.74 -6.37 3.18
CA LEU A 22 0.33 -6.55 2.20
C LEU A 22 0.83 -7.99 2.18
N TRP A 23 1.00 -8.56 3.37
CA TRP A 23 1.47 -9.94 3.50
C TRP A 23 0.44 -10.91 2.92
N ASP A 24 -0.83 -10.61 3.11
CA ASP A 24 -1.90 -11.46 2.61
C ASP A 24 -1.90 -11.50 1.08
N LEU A 25 -2.04 -10.33 0.47
CA LEU A 25 -2.05 -10.23 -0.98
C LEU A 25 -0.77 -10.80 -1.58
N ASP A 26 0.35 -10.56 -0.90
CA ASP A 26 1.63 -11.06 -1.37
C ASP A 26 1.76 -12.56 -1.14
N LYS A 27 1.25 -13.34 -2.10
CA LYS A 27 1.30 -14.79 -2.01
C LYS A 27 2.73 -15.30 -2.09
N LEU A 28 3.55 -14.58 -2.85
CA LEU A 28 4.96 -14.96 -3.02
C LEU A 28 5.66 -15.08 -1.66
N GLY A 29 5.20 -14.29 -0.70
CA GLY A 29 5.79 -14.32 0.63
C GLY A 29 6.68 -13.12 0.90
N MET A 30 7.93 -13.20 0.46
CA MET A 30 8.88 -12.11 0.66
C MET A 30 8.76 -11.08 -0.46
N PHE A 31 7.57 -10.50 -0.59
CA PHE A 31 7.32 -9.50 -1.62
C PHE A 31 7.33 -8.09 -1.01
N HIS A 32 8.25 -7.26 -1.47
CA HIS A 32 8.36 -5.88 -0.97
C HIS A 32 9.36 -5.10 -1.80
N HIS A 33 9.14 -5.05 -3.12
CA HIS A 33 10.02 -4.33 -4.02
C HIS A 33 9.27 -3.88 -5.27
N PRO A 34 9.77 -2.80 -5.90
CA PRO A 34 9.15 -2.25 -7.11
C PRO A 34 9.34 -3.15 -8.32
N VAL A 35 8.37 -3.13 -9.23
CA VAL A 35 8.42 -3.96 -10.43
C VAL A 35 9.47 -3.44 -11.40
N SER A 36 10.13 -4.36 -12.09
CA SER A 36 11.17 -4.01 -13.06
C SER A 36 10.56 -3.51 -14.36
N ALA A 37 11.18 -2.50 -14.95
CA ALA A 37 10.70 -1.94 -16.20
C ALA A 37 10.62 -3.00 -17.29
N GLU A 38 11.51 -3.98 -17.22
CA GLU A 38 11.54 -5.06 -18.19
C GLU A 38 10.15 -5.69 -18.35
N GLU A 39 9.44 -5.82 -17.24
CA GLU A 39 8.11 -6.41 -17.25
C GLU A 39 7.04 -5.33 -17.42
N LEU A 40 7.30 -4.15 -16.85
CA LEU A 40 6.36 -3.04 -16.94
C LEU A 40 7.05 -1.79 -17.48
N PRO A 41 7.26 -1.77 -18.81
CA PRO A 41 7.92 -0.64 -19.48
C PRO A 41 7.03 0.60 -19.51
N ASP A 42 5.74 0.41 -19.24
CA ASP A 42 4.79 1.52 -19.23
C ASP A 42 4.20 1.72 -17.85
N TYR A 43 4.91 1.24 -16.83
CA TYR A 43 4.45 1.35 -15.46
C TYR A 43 4.07 2.79 -15.12
N HIS A 44 4.79 3.73 -15.72
CA HIS A 44 4.54 5.16 -15.50
C HIS A 44 3.17 5.56 -16.05
N THR A 45 2.82 5.00 -17.20
CA THR A 45 1.54 5.30 -17.83
C THR A 45 0.44 4.37 -17.32
N VAL A 46 0.84 3.34 -16.59
CA VAL A 46 -0.11 2.38 -16.03
C VAL A 46 -0.52 2.77 -14.62
N ILE A 47 0.47 2.98 -13.76
CA ILE A 47 0.22 3.36 -12.37
C ILE A 47 0.85 4.70 -12.04
N LYS A 48 1.94 5.03 -12.73
CA LYS A 48 2.64 6.29 -12.51
C LYS A 48 3.44 6.26 -11.23
N ARG A 49 2.74 6.02 -10.11
CA ARG A 49 3.39 5.96 -8.81
C ARG A 49 3.50 4.52 -8.31
N PRO A 50 4.65 3.89 -8.57
CA PRO A 50 4.91 2.50 -8.17
C PRO A 50 5.05 2.36 -6.65
N VAL A 51 5.51 1.19 -6.21
CA VAL A 51 5.69 0.93 -4.79
C VAL A 51 7.03 0.25 -4.53
N ASP A 52 7.79 0.80 -3.58
CA ASP A 52 9.09 0.25 -3.23
C ASP A 52 9.33 0.35 -1.72
N LEU A 53 10.19 -0.54 -1.21
CA LEU A 53 10.50 -0.55 0.21
C LEU A 53 11.14 0.76 0.64
N SER A 54 11.94 1.36 -0.24
CA SER A 54 12.60 2.62 0.05
C SER A 54 11.60 3.75 0.17
N SER A 55 10.58 3.72 -0.68
CA SER A 55 9.54 4.75 -0.68
C SER A 55 8.81 4.77 0.66
N ILE A 56 8.34 3.60 1.10
CA ILE A 56 7.62 3.49 2.35
C ILE A 56 8.53 3.78 3.53
N ARG A 57 9.78 3.32 3.46
CA ARG A 57 10.75 3.54 4.52
C ARG A 57 11.09 5.02 4.66
N ASP A 58 11.31 5.68 3.52
CA ASP A 58 11.63 7.10 3.51
C ASP A 58 10.41 7.95 3.86
N GLY A 59 9.25 7.51 3.38
CA GLY A 59 8.02 8.24 3.66
C GLY A 59 7.68 8.27 5.14
N ILE A 60 7.76 7.11 5.78
CA ILE A 60 7.45 7.00 7.21
C ILE A 60 8.48 7.76 8.04
N GLU A 61 9.76 7.64 7.66
CA GLU A 61 10.83 8.31 8.37
C GLU A 61 10.70 9.83 8.27
N LYS A 62 10.19 10.30 7.13
CA LYS A 62 10.01 11.73 6.90
C LYS A 62 8.74 12.22 7.58
N GLY A 63 7.76 11.33 7.72
CA GLY A 63 6.51 11.70 8.35
C GLY A 63 5.47 12.18 7.35
N THR A 64 5.60 11.73 6.10
CA THR A 64 4.67 12.11 5.05
C THR A 64 3.22 11.90 5.48
N TYR A 65 3.01 10.88 6.32
CA TYR A 65 1.67 10.56 6.81
C TYR A 65 1.57 10.82 8.31
N ALA A 66 0.92 11.91 8.67
CA ALA A 66 0.73 12.27 10.07
C ALA A 66 -0.74 12.28 10.45
N THR A 67 -1.60 12.53 9.47
CA THR A 67 -3.03 12.57 9.70
C THR A 67 -3.74 11.42 9.01
N ASP A 68 -4.95 11.10 9.47
CA ASP A 68 -5.73 10.02 8.89
C ASP A 68 -5.99 10.26 7.41
N VAL A 69 -5.95 11.53 7.00
CA VAL A 69 -6.18 11.90 5.62
C VAL A 69 -5.02 11.47 4.73
N ASP A 70 -3.81 11.83 5.15
CA ASP A 70 -2.61 11.49 4.39
C ASP A 70 -2.40 9.98 4.35
N VAL A 71 -2.69 9.32 5.47
CA VAL A 71 -2.54 7.88 5.57
C VAL A 71 -3.55 7.16 4.69
N GLN A 72 -4.80 7.60 4.74
CA GLN A 72 -5.86 6.99 3.94
C GLN A 72 -5.59 7.18 2.46
N ASN A 73 -5.10 8.35 2.08
CA ASN A 73 -4.79 8.66 0.69
C ASN A 73 -3.60 7.83 0.20
N ASP A 74 -2.62 7.66 1.07
CA ASP A 74 -1.42 6.90 0.72
C ASP A 74 -1.77 5.42 0.50
N VAL A 75 -2.49 4.84 1.45
CA VAL A 75 -2.90 3.44 1.34
C VAL A 75 -3.83 3.21 0.16
N ALA A 76 -4.72 4.17 -0.07
CA ALA A 76 -5.67 4.08 -1.17
C ALA A 76 -4.95 4.14 -2.52
N ARG A 77 -3.91 4.97 -2.60
CA ARG A 77 -3.15 5.11 -3.83
C ARG A 77 -2.29 3.88 -4.09
N MET A 78 -1.76 3.30 -3.02
CA MET A 78 -0.93 2.11 -3.13
C MET A 78 -1.73 0.92 -3.61
N ILE A 79 -2.87 0.69 -2.96
CA ILE A 79 -3.75 -0.42 -3.32
C ILE A 79 -4.36 -0.22 -4.70
N THR A 80 -4.71 1.03 -5.02
CA THR A 80 -5.30 1.35 -6.30
C THR A 80 -4.32 1.10 -7.44
N ASN A 81 -3.09 1.55 -7.27
CA ASN A 81 -2.05 1.37 -8.27
C ASN A 81 -1.69 -0.10 -8.44
N ALA A 82 -1.57 -0.80 -7.31
CA ALA A 82 -1.22 -2.21 -7.31
C ALA A 82 -2.25 -3.02 -8.09
N LEU A 83 -3.52 -2.90 -7.69
CA LEU A 83 -4.61 -3.61 -8.35
C LEU A 83 -4.77 -3.14 -9.79
N GLU A 84 -4.40 -1.90 -10.05
CA GLU A 84 -4.51 -1.33 -11.39
C GLU A 84 -3.60 -2.06 -12.37
N TYR A 85 -2.34 -2.25 -11.98
CA TYR A 85 -1.38 -2.94 -12.83
C TYR A 85 -1.49 -4.45 -12.65
N ASN A 86 -2.06 -4.87 -11.52
CA ASN A 86 -2.21 -6.29 -11.24
C ASN A 86 -3.57 -6.80 -11.73
N ALA A 87 -4.34 -5.90 -12.33
CA ALA A 87 -5.67 -6.25 -12.84
C ALA A 87 -5.55 -7.19 -14.04
N LYS A 88 -5.65 -8.49 -13.78
CA LYS A 88 -5.56 -9.50 -14.83
C LYS A 88 -6.89 -10.24 -14.99
N GLY A 89 -7.22 -11.06 -13.99
CA GLY A 89 -8.46 -11.82 -14.04
C GLY A 89 -8.37 -13.12 -13.28
N SER A 90 -7.14 -13.56 -13.00
CA SER A 90 -6.92 -14.81 -12.29
C SER A 90 -7.39 -14.70 -10.85
N THR A 91 -7.06 -15.70 -10.04
CA THR A 91 -7.44 -15.71 -8.63
C THR A 91 -6.76 -14.58 -7.86
N TRP A 92 -5.60 -14.16 -8.34
CA TRP A 92 -4.85 -13.09 -7.70
C TRP A 92 -5.61 -11.77 -7.79
N TYR A 93 -6.28 -11.54 -8.92
CA TYR A 93 -7.04 -10.32 -9.13
C TYR A 93 -8.26 -10.27 -8.22
N GLN A 94 -8.91 -11.42 -8.04
CA GLN A 94 -10.08 -11.51 -7.18
C GLN A 94 -9.71 -11.30 -5.72
N GLU A 95 -8.66 -11.99 -5.28
CA GLU A 95 -8.21 -11.89 -3.89
C GLU A 95 -7.68 -10.47 -3.60
N ALA A 96 -7.04 -9.87 -4.60
CA ALA A 96 -6.50 -8.53 -4.45
C ALA A 96 -7.62 -7.49 -4.32
N MET A 97 -8.63 -7.59 -5.19
CA MET A 97 -9.75 -6.67 -5.17
C MET A 97 -10.60 -6.87 -3.92
N SER A 98 -10.74 -8.13 -3.49
CA SER A 98 -11.53 -8.47 -2.32
C SER A 98 -10.86 -7.93 -1.05
N PHE A 99 -9.54 -8.09 -0.96
CA PHE A 99 -8.79 -7.63 0.19
C PHE A 99 -8.76 -6.10 0.24
N ARG A 100 -8.59 -5.48 -0.92
CA ARG A 100 -8.54 -4.02 -1.01
C ARG A 100 -9.92 -3.42 -0.73
N LYS A 101 -10.96 -4.19 -0.98
CA LYS A 101 -12.33 -3.74 -0.76
C LYS A 101 -12.63 -3.62 0.73
N THR A 102 -11.85 -4.34 1.54
CA THR A 102 -12.04 -4.31 2.98
C THR A 102 -10.83 -3.70 3.69
N TYR A 103 -9.75 -3.52 2.94
CA TYR A 103 -8.53 -2.94 3.49
C TYR A 103 -8.72 -1.47 3.83
N LEU A 104 -9.19 -0.70 2.85
CA LEU A 104 -9.42 0.72 3.05
C LEU A 104 -10.62 0.96 3.97
N ASP A 105 -11.63 0.09 3.84
CA ASP A 105 -12.83 0.21 4.66
C ASP A 105 -12.50 -0.02 6.13
N LEU A 106 -11.64 -0.99 6.40
CA LEU A 106 -11.24 -1.32 7.77
C LEU A 106 -10.12 -0.39 8.25
N ALA A 107 -9.39 0.18 7.29
CA ALA A 107 -8.29 1.08 7.62
C ALA A 107 -8.75 2.53 7.53
N ARG A 108 -9.66 2.93 8.41
CA ARG A 108 -10.18 4.29 8.43
C ARG A 108 -11.12 4.49 9.61
N GLN A 109 -12.28 3.84 9.56
CA GLN A 109 -13.27 3.96 10.63
C GLN A 109 -12.79 3.23 11.88
N SER A 110 -12.09 2.13 11.70
CA SER A 110 -11.58 1.34 12.81
C SER A 110 -10.29 1.94 13.36
N GLY A 111 -9.85 3.05 12.75
CA GLY A 111 -8.63 3.69 13.19
C GLY A 111 -8.27 4.88 12.32
N MET A 1 6.79 -1.65 20.59
CA MET A 1 5.49 -1.19 21.10
C MET A 1 5.51 0.32 21.34
N SER A 2 4.35 0.94 21.18
CA SER A 2 4.23 2.39 21.37
C SER A 2 2.79 2.77 21.74
N LYS A 3 2.58 4.05 22.00
CA LYS A 3 1.26 4.55 22.36
C LYS A 3 0.85 5.71 21.47
N ASN A 4 -0.24 6.36 21.83
CA ASN A 4 -0.74 7.50 21.05
C ASN A 4 -0.76 8.77 21.89
N GLU A 5 0.25 9.61 21.70
CA GLU A 5 0.34 10.86 22.44
C GLU A 5 -0.51 11.95 21.79
N ARG A 6 -0.36 12.11 20.48
CA ARG A 6 -1.11 13.11 19.74
C ARG A 6 -2.14 12.46 18.83
N ASP A 7 -1.72 11.43 18.09
CA ASP A 7 -2.60 10.72 17.19
C ASP A 7 -3.12 11.64 16.08
N THR A 8 -2.35 12.69 15.80
CA THR A 8 -2.72 13.64 14.75
C THR A 8 -1.50 14.09 13.95
N SER A 9 -0.47 13.24 13.92
CA SER A 9 0.74 13.55 13.19
C SER A 9 1.27 12.32 12.46
N PHE A 10 1.25 11.18 13.16
CA PHE A 10 1.72 9.92 12.58
C PHE A 10 0.66 8.83 12.71
N ASN A 11 0.37 8.16 11.61
CA ASN A 11 -0.63 7.09 11.61
C ASN A 11 0.06 5.72 11.60
N LYS A 12 0.50 5.28 12.77
CA LYS A 12 1.17 3.99 12.91
C LYS A 12 0.21 2.85 12.55
N ASN A 13 -1.07 3.03 12.88
CA ASN A 13 -2.07 2.02 12.60
C ASN A 13 -2.12 1.69 11.12
N GLY A 14 -2.07 2.73 10.29
CA GLY A 14 -2.11 2.54 8.84
C GLY A 14 -0.92 1.76 8.34
N CYS A 15 0.25 2.02 8.92
CA CYS A 15 1.47 1.34 8.52
C CYS A 15 1.41 -0.15 8.86
N LEU A 16 1.00 -0.45 10.09
CA LEU A 16 0.90 -1.83 10.56
C LEU A 16 -0.12 -2.60 9.74
N VAL A 17 -1.25 -1.95 9.44
CA VAL A 17 -2.31 -2.57 8.66
C VAL A 17 -1.87 -2.81 7.23
N PHE A 18 -1.11 -1.87 6.68
CA PHE A 18 -0.62 -1.98 5.31
C PHE A 18 0.34 -3.17 5.16
N VAL A 19 1.38 -3.18 5.99
CA VAL A 19 2.36 -4.25 5.96
C VAL A 19 1.72 -5.60 6.28
N SER A 20 0.79 -5.59 7.22
CA SER A 20 0.10 -6.81 7.62
C SER A 20 -0.70 -7.39 6.46
N ARG A 21 -1.50 -6.56 5.82
CA ARG A 21 -2.32 -6.99 4.69
C ARG A 21 -1.44 -7.31 3.47
N LEU A 22 -0.40 -6.52 3.28
CA LEU A 22 0.52 -6.72 2.16
C LEU A 22 1.16 -8.09 2.23
N TRP A 23 1.59 -8.48 3.43
CA TRP A 23 2.24 -9.77 3.63
C TRP A 23 1.29 -10.91 3.25
N ASP A 24 0.00 -10.72 3.55
CA ASP A 24 -1.01 -11.73 3.23
C ASP A 24 -1.22 -11.85 1.73
N LEU A 25 -1.57 -10.74 1.10
CA LEU A 25 -1.80 -10.70 -0.34
C LEU A 25 -0.57 -11.17 -1.10
N ASP A 26 0.60 -11.00 -0.49
CA ASP A 26 1.86 -11.41 -1.11
C ASP A 26 2.00 -12.93 -1.09
N LYS A 27 1.27 -13.60 -1.97
CA LYS A 27 1.31 -15.05 -2.06
C LYS A 27 2.62 -15.52 -2.67
N LEU A 28 3.18 -14.70 -3.56
CA LEU A 28 4.43 -15.03 -4.22
C LEU A 28 5.51 -15.39 -3.20
N GLY A 29 5.42 -14.79 -2.03
CA GLY A 29 6.39 -15.06 -0.98
C GLY A 29 7.22 -13.84 -0.62
N MET A 30 7.97 -13.33 -1.60
CA MET A 30 8.81 -12.16 -1.37
C MET A 30 8.52 -11.08 -2.42
N PHE A 31 7.34 -10.48 -2.33
CA PHE A 31 6.94 -9.43 -3.26
C PHE A 31 6.91 -8.08 -2.58
N HIS A 32 7.73 -7.15 -3.06
CA HIS A 32 7.80 -5.81 -2.49
C HIS A 32 8.81 -4.95 -3.26
N HIS A 33 8.59 -4.80 -4.56
CA HIS A 33 9.47 -4.01 -5.41
C HIS A 33 8.72 -3.47 -6.62
N PRO A 34 9.28 -2.40 -7.23
CA PRO A 34 8.68 -1.76 -8.40
C PRO A 34 8.76 -2.65 -9.65
N VAL A 35 7.77 -2.52 -10.53
CA VAL A 35 7.73 -3.30 -11.75
C VAL A 35 8.80 -2.84 -12.74
N SER A 36 9.36 -3.79 -13.47
CA SER A 36 10.40 -3.48 -14.45
C SER A 36 9.79 -2.92 -15.73
N ALA A 37 10.45 -1.92 -16.31
CA ALA A 37 9.97 -1.30 -17.54
C ALA A 37 9.93 -2.31 -18.68
N GLU A 38 10.88 -3.24 -18.68
CA GLU A 38 10.94 -4.26 -19.72
C GLU A 38 9.60 -4.96 -19.88
N GLU A 39 8.94 -5.22 -18.75
CA GLU A 39 7.64 -5.90 -18.76
C GLU A 39 6.51 -4.88 -18.80
N LEU A 40 6.76 -3.69 -18.27
CA LEU A 40 5.77 -2.63 -18.25
C LEU A 40 6.36 -1.31 -18.70
N PRO A 41 6.51 -1.14 -20.02
CA PRO A 41 7.06 0.09 -20.61
C PRO A 41 6.12 1.28 -20.46
N ASP A 42 4.87 1.01 -20.15
CA ASP A 42 3.88 2.06 -19.97
C ASP A 42 3.45 2.17 -18.51
N TYR A 43 4.25 1.59 -17.63
CA TYR A 43 3.96 1.61 -16.19
C TYR A 43 3.75 3.05 -15.71
N HIS A 44 4.49 3.97 -16.30
CA HIS A 44 4.40 5.38 -15.93
C HIS A 44 3.01 5.93 -16.26
N THR A 45 2.44 5.47 -17.36
CA THR A 45 1.12 5.93 -17.78
C THR A 45 0.02 5.09 -17.12
N VAL A 46 0.40 3.94 -16.58
CA VAL A 46 -0.55 3.05 -15.93
C VAL A 46 -0.70 3.42 -14.45
N ILE A 47 0.42 3.49 -13.75
CA ILE A 47 0.41 3.83 -12.33
C ILE A 47 1.09 5.17 -12.08
N LYS A 48 2.18 5.41 -12.79
CA LYS A 48 2.93 6.66 -12.65
C LYS A 48 3.76 6.64 -11.38
N ARG A 49 3.12 6.37 -10.25
CA ARG A 49 3.81 6.33 -8.96
C ARG A 49 3.99 4.90 -8.49
N PRO A 50 5.18 4.33 -8.79
CA PRO A 50 5.51 2.95 -8.41
C PRO A 50 5.70 2.80 -6.90
N VAL A 51 5.63 1.56 -6.42
CA VAL A 51 5.80 1.27 -5.01
C VAL A 51 6.98 0.35 -4.76
N ASP A 52 7.85 0.75 -3.84
CA ASP A 52 9.04 -0.04 -3.51
C ASP A 52 9.16 -0.23 -2.00
N LEU A 53 9.84 -1.29 -1.59
CA LEU A 53 10.03 -1.58 -0.17
C LEU A 53 10.88 -0.50 0.50
N SER A 54 11.80 0.07 -0.27
CA SER A 54 12.68 1.12 0.25
C SER A 54 11.87 2.38 0.58
N SER A 55 10.88 2.68 -0.24
CA SER A 55 10.04 3.85 -0.04
C SER A 55 9.34 3.80 1.31
N ILE A 56 8.96 2.59 1.72
CA ILE A 56 8.29 2.40 2.99
C ILE A 56 9.17 2.82 4.16
N ARG A 57 10.42 2.37 4.14
CA ARG A 57 11.37 2.70 5.20
C ARG A 57 11.52 4.20 5.34
N ASP A 58 11.54 4.90 4.21
CA ASP A 58 11.68 6.35 4.22
C ASP A 58 10.40 7.03 4.70
N GLY A 59 9.26 6.49 4.28
CA GLY A 59 7.98 7.05 4.68
C GLY A 59 7.78 7.00 6.18
N ILE A 60 8.20 5.92 6.81
CA ILE A 60 8.07 5.76 8.25
C ILE A 60 8.95 6.76 9.00
N GLU A 61 10.20 6.88 8.56
CA GLU A 61 11.15 7.80 9.19
C GLU A 61 10.71 9.25 8.96
N LYS A 62 9.96 9.48 7.90
CA LYS A 62 9.48 10.81 7.56
C LYS A 62 8.33 11.22 8.47
N GLY A 63 7.91 10.30 9.35
CA GLY A 63 6.82 10.58 10.26
C GLY A 63 5.49 10.14 9.72
N THR A 64 5.49 9.11 8.89
CA THR A 64 4.27 8.57 8.30
C THR A 64 3.68 9.56 7.29
N TYR A 65 4.47 9.97 6.32
CA TYR A 65 4.03 10.90 5.30
C TYR A 65 3.80 12.29 5.90
N ALA A 66 2.68 12.45 6.58
CA ALA A 66 2.34 13.74 7.20
C ALA A 66 1.14 13.59 8.13
N THR A 67 0.11 12.89 7.66
CA THR A 67 -1.09 12.68 8.45
C THR A 67 -1.94 11.55 7.86
N ASP A 68 -3.11 11.33 8.45
CA ASP A 68 -4.01 10.28 7.99
C ASP A 68 -4.44 10.54 6.55
N VAL A 69 -4.38 11.80 6.13
CA VAL A 69 -4.76 12.16 4.77
C VAL A 69 -3.73 11.66 3.75
N ASP A 70 -2.47 11.97 3.99
CA ASP A 70 -1.40 11.54 3.11
C ASP A 70 -1.27 10.02 3.10
N VAL A 71 -1.39 9.41 4.28
CA VAL A 71 -1.29 7.97 4.41
C VAL A 71 -2.45 7.27 3.71
N GLN A 72 -3.65 7.81 3.88
CA GLN A 72 -4.84 7.24 3.26
C GLN A 72 -4.74 7.27 1.73
N ASN A 73 -4.36 8.43 1.20
CA ASN A 73 -4.22 8.58 -0.25
C ASN A 73 -3.14 7.65 -0.79
N ASP A 74 -2.00 7.61 -0.11
CA ASP A 74 -0.89 6.75 -0.52
C ASP A 74 -1.33 5.29 -0.60
N VAL A 75 -1.95 4.81 0.47
CA VAL A 75 -2.41 3.43 0.54
C VAL A 75 -3.38 3.13 -0.61
N ALA A 76 -4.33 4.04 -0.81
CA ALA A 76 -5.32 3.87 -1.87
C ALA A 76 -4.65 3.69 -3.24
N ARG A 77 -3.62 4.48 -3.49
CA ARG A 77 -2.89 4.41 -4.75
C ARG A 77 -2.15 3.08 -4.88
N MET A 78 -1.61 2.60 -3.76
CA MET A 78 -0.88 1.34 -3.75
C MET A 78 -1.80 0.18 -4.12
N ILE A 79 -2.97 0.14 -3.52
CA ILE A 79 -3.94 -0.91 -3.79
C ILE A 79 -4.47 -0.82 -5.21
N THR A 80 -4.70 0.40 -5.67
CA THR A 80 -5.21 0.64 -7.03
C THR A 80 -4.23 0.12 -8.08
N ASN A 81 -2.96 0.44 -7.90
CA ASN A 81 -1.92 0.01 -8.84
C ASN A 81 -1.68 -1.49 -8.72
N ALA A 82 -1.77 -2.01 -7.50
CA ALA A 82 -1.57 -3.43 -7.26
C ALA A 82 -2.60 -4.26 -7.99
N LEU A 83 -3.86 -3.85 -7.91
CA LEU A 83 -4.95 -4.57 -8.56
C LEU A 83 -4.98 -4.26 -10.07
N GLU A 84 -4.52 -3.07 -10.43
CA GLU A 84 -4.50 -2.64 -11.82
C GLU A 84 -3.42 -3.38 -12.59
N TYR A 85 -2.20 -3.39 -12.05
CA TYR A 85 -1.08 -4.06 -12.69
C TYR A 85 -1.22 -5.57 -12.60
N ASN A 86 -2.04 -6.02 -11.66
CA ASN A 86 -2.26 -7.45 -11.46
C ASN A 86 -3.62 -7.86 -12.03
N ALA A 87 -4.34 -6.90 -12.60
CA ALA A 87 -5.65 -7.17 -13.17
C ALA A 87 -5.53 -8.04 -14.42
N LYS A 88 -5.70 -9.34 -14.23
CA LYS A 88 -5.62 -10.29 -15.34
C LYS A 88 -6.97 -10.96 -15.59
N GLY A 89 -7.47 -11.68 -14.58
CA GLY A 89 -8.74 -12.35 -14.70
C GLY A 89 -8.73 -13.74 -14.09
N SER A 90 -8.05 -13.86 -12.95
CA SER A 90 -7.97 -15.15 -12.26
C SER A 90 -8.27 -14.99 -10.77
N THR A 91 -8.01 -16.04 -10.01
CA THR A 91 -8.26 -16.02 -8.57
C THR A 91 -7.51 -14.88 -7.90
N TRP A 92 -6.39 -14.49 -8.49
CA TRP A 92 -5.58 -13.41 -7.95
C TRP A 92 -6.33 -12.07 -8.02
N TYR A 93 -7.11 -11.90 -9.08
CA TYR A 93 -7.87 -10.68 -9.28
C TYR A 93 -8.93 -10.52 -8.19
N GLN A 94 -9.72 -11.58 -7.99
CA GLN A 94 -10.78 -11.57 -6.99
C GLN A 94 -10.20 -11.43 -5.58
N GLU A 95 -9.09 -12.12 -5.33
CA GLU A 95 -8.42 -12.07 -4.04
C GLU A 95 -7.96 -10.65 -3.71
N ALA A 96 -7.33 -10.01 -4.68
CA ALA A 96 -6.83 -8.65 -4.50
C ALA A 96 -7.98 -7.67 -4.29
N MET A 97 -9.03 -7.82 -5.09
CA MET A 97 -10.19 -6.95 -4.99
C MET A 97 -10.93 -7.17 -3.68
N SER A 98 -10.98 -8.43 -3.24
CA SER A 98 -11.66 -8.78 -1.99
C SER A 98 -10.92 -8.18 -0.79
N PHE A 99 -9.60 -8.29 -0.80
CA PHE A 99 -8.79 -7.76 0.28
C PHE A 99 -8.83 -6.23 0.31
N ARG A 100 -8.81 -5.63 -0.88
CA ARG A 100 -8.83 -4.18 -0.98
C ARG A 100 -10.05 -3.60 -0.27
N LYS A 101 -11.10 -4.41 -0.12
CA LYS A 101 -12.31 -3.99 0.55
C LYS A 101 -12.07 -3.78 2.04
N THR A 102 -11.03 -4.43 2.57
CA THR A 102 -10.69 -4.32 3.98
C THR A 102 -9.32 -3.66 4.16
N TYR A 103 -8.60 -3.50 3.06
CA TYR A 103 -7.27 -2.89 3.10
C TYR A 103 -7.36 -1.42 3.48
N LEU A 104 -8.18 -0.67 2.76
CA LEU A 104 -8.36 0.76 3.02
C LEU A 104 -9.14 0.97 4.31
N ASP A 105 -10.21 0.21 4.48
CA ASP A 105 -11.04 0.32 5.67
C ASP A 105 -10.21 0.13 6.94
N LEU A 106 -9.42 -0.95 6.95
CA LEU A 106 -8.57 -1.24 8.11
C LEU A 106 -7.46 -0.21 8.26
N ALA A 107 -7.13 0.46 7.16
CA ALA A 107 -6.09 1.48 7.16
C ALA A 107 -6.70 2.88 7.05
N ARG A 108 -7.51 3.25 8.03
CA ARG A 108 -8.16 4.56 8.03
C ARG A 108 -9.02 4.73 9.27
N GLN A 109 -9.97 3.81 9.46
CA GLN A 109 -10.86 3.86 10.60
C GLN A 109 -10.12 3.52 11.89
N SER A 110 -9.12 2.67 11.79
CA SER A 110 -8.33 2.26 12.95
C SER A 110 -7.50 3.43 13.48
N GLY A 111 -7.18 4.36 12.58
CA GLY A 111 -6.38 5.51 12.97
C GLY A 111 -7.23 6.65 13.51
N MET A 1 12.41 -0.54 15.58
CA MET A 1 11.41 -1.42 16.16
C MET A 1 10.06 -0.73 16.26
N SER A 2 10.00 0.30 17.09
CA SER A 2 8.76 1.05 17.29
C SER A 2 8.98 2.54 17.06
N LYS A 3 7.97 3.34 17.40
CA LYS A 3 8.06 4.79 17.24
C LYS A 3 6.96 5.49 18.04
N ASN A 4 6.93 6.81 17.93
CA ASN A 4 5.92 7.60 18.64
C ASN A 4 4.51 7.11 18.32
N GLU A 5 3.68 7.01 19.35
CA GLU A 5 2.30 6.55 19.19
C GLU A 5 1.56 7.42 18.18
N ARG A 6 1.73 8.74 18.31
CA ARG A 6 1.08 9.68 17.41
C ARG A 6 1.58 11.10 17.65
N ASP A 7 1.04 12.05 16.89
CA ASP A 7 1.44 13.45 17.03
C ASP A 7 0.60 14.34 16.11
N THR A 8 -0.72 14.14 16.15
CA THR A 8 -1.63 14.93 15.32
C THR A 8 -1.02 15.20 13.94
N SER A 9 -0.41 14.17 13.36
CA SER A 9 0.21 14.29 12.04
C SER A 9 0.39 12.93 11.40
N PHE A 10 0.87 11.97 12.17
CA PHE A 10 1.10 10.62 11.67
C PHE A 10 0.43 9.59 12.57
N ASN A 11 -0.43 8.76 11.98
CA ASN A 11 -1.13 7.73 12.73
C ASN A 11 -0.44 6.37 12.58
N LYS A 12 0.20 5.93 13.65
CA LYS A 12 0.90 4.65 13.64
C LYS A 12 -0.03 3.52 13.16
N ASN A 13 -1.31 3.64 13.49
CA ASN A 13 -2.29 2.64 13.10
C ASN A 13 -2.33 2.47 11.59
N GLY A 14 -2.09 3.56 10.87
CA GLY A 14 -2.09 3.52 9.42
C GLY A 14 -0.99 2.64 8.87
N CYS A 15 0.22 2.82 9.38
CA CYS A 15 1.38 2.04 8.93
C CYS A 15 1.22 0.58 9.32
N LEU A 16 0.79 0.34 10.54
CA LEU A 16 0.59 -1.02 11.04
C LEU A 16 -0.42 -1.78 10.18
N VAL A 17 -1.52 -1.11 9.87
CA VAL A 17 -2.57 -1.72 9.05
C VAL A 17 -2.09 -1.94 7.62
N PHE A 18 -1.31 -1.00 7.11
CA PHE A 18 -0.78 -1.09 5.75
C PHE A 18 0.12 -2.31 5.60
N VAL A 19 1.00 -2.53 6.59
CA VAL A 19 1.91 -3.65 6.56
C VAL A 19 1.17 -4.98 6.77
N SER A 20 0.28 -4.99 7.76
CA SER A 20 -0.49 -6.19 8.05
C SER A 20 -1.29 -6.65 6.84
N ARG A 21 -2.02 -5.72 6.23
CA ARG A 21 -2.82 -6.02 5.06
C ARG A 21 -1.94 -6.34 3.85
N LEU A 22 -0.81 -5.64 3.76
CA LEU A 22 0.13 -5.85 2.66
C LEU A 22 0.62 -7.28 2.63
N TRP A 23 0.97 -7.82 3.79
CA TRP A 23 1.45 -9.18 3.91
C TRP A 23 0.40 -10.18 3.42
N ASP A 24 -0.86 -9.88 3.70
CA ASP A 24 -1.96 -10.75 3.29
C ASP A 24 -2.13 -10.74 1.77
N LEU A 25 -2.25 -9.54 1.21
CA LEU A 25 -2.42 -9.40 -0.24
C LEU A 25 -1.23 -10.02 -0.99
N ASP A 26 -0.06 -9.96 -0.37
CA ASP A 26 1.14 -10.52 -0.97
C ASP A 26 1.13 -12.05 -0.92
N LYS A 27 0.32 -12.65 -1.80
CA LYS A 27 0.21 -14.10 -1.86
C LYS A 27 1.55 -14.74 -2.24
N LEU A 28 2.33 -14.03 -3.04
CA LEU A 28 3.63 -14.52 -3.48
C LEU A 28 4.49 -14.93 -2.29
N GLY A 29 4.26 -14.26 -1.16
CA GLY A 29 5.02 -14.57 0.05
C GLY A 29 6.42 -14.01 0.00
N MET A 30 6.65 -13.07 -0.91
CA MET A 30 7.96 -12.44 -1.05
C MET A 30 7.88 -11.22 -1.96
N PHE A 31 6.77 -10.50 -1.87
CA PHE A 31 6.57 -9.30 -2.69
C PHE A 31 6.68 -8.04 -1.84
N HIS A 32 7.64 -7.19 -2.16
CA HIS A 32 7.85 -5.95 -1.43
C HIS A 32 8.96 -5.12 -2.07
N HIS A 33 8.84 -4.86 -3.37
CA HIS A 33 9.83 -4.09 -4.10
C HIS A 33 9.21 -3.40 -5.31
N PRO A 34 9.87 -2.34 -5.79
CA PRO A 34 9.39 -1.57 -6.95
C PRO A 34 9.50 -2.36 -8.25
N VAL A 35 8.59 -2.11 -9.18
CA VAL A 35 8.58 -2.79 -10.47
C VAL A 35 9.74 -2.32 -11.34
N SER A 36 10.30 -3.25 -12.12
CA SER A 36 11.41 -2.93 -13.00
C SER A 36 10.91 -2.26 -14.29
N ALA A 37 11.46 -1.08 -14.58
CA ALA A 37 11.06 -0.34 -15.77
C ALA A 37 11.48 -1.08 -17.04
N GLU A 38 12.61 -1.79 -16.96
CA GLU A 38 13.11 -2.54 -18.10
C GLU A 38 12.03 -3.46 -18.67
N GLU A 39 11.23 -4.04 -17.78
CA GLU A 39 10.16 -4.94 -18.18
C GLU A 39 8.85 -4.18 -18.39
N LEU A 40 8.61 -3.20 -17.52
CA LEU A 40 7.39 -2.39 -17.59
C LEU A 40 7.73 -0.95 -17.96
N PRO A 41 8.04 -0.72 -19.25
CA PRO A 41 8.37 0.62 -19.75
C PRO A 41 7.17 1.55 -19.78
N ASP A 42 5.97 0.97 -19.67
CA ASP A 42 4.74 1.74 -19.67
C ASP A 42 4.07 1.72 -18.30
N TYR A 43 4.85 1.40 -17.28
CA TYR A 43 4.34 1.33 -15.92
C TYR A 43 3.61 2.61 -15.56
N HIS A 44 4.09 3.74 -16.07
CA HIS A 44 3.48 5.03 -15.81
C HIS A 44 2.06 5.09 -16.35
N THR A 45 1.85 4.48 -17.51
CA THR A 45 0.53 4.46 -18.13
C THR A 45 -0.31 3.30 -17.62
N VAL A 46 0.33 2.39 -16.89
CA VAL A 46 -0.36 1.22 -16.34
C VAL A 46 -0.87 1.51 -14.94
N ILE A 47 0.02 1.99 -14.07
CA ILE A 47 -0.34 2.30 -12.70
C ILE A 47 0.01 3.74 -12.34
N LYS A 48 1.20 4.17 -12.76
CA LYS A 48 1.66 5.52 -12.50
C LYS A 48 1.85 5.75 -11.00
N ARG A 49 1.87 4.66 -10.24
CA ARG A 49 2.06 4.74 -8.80
C ARG A 49 3.19 3.83 -8.34
N PRO A 50 4.40 4.40 -8.21
CA PRO A 50 5.58 3.65 -7.78
C PRO A 50 5.51 3.23 -6.31
N VAL A 51 5.99 2.03 -6.02
CA VAL A 51 5.98 1.50 -4.66
C VAL A 51 7.33 0.91 -4.29
N ASP A 52 7.77 1.18 -3.06
CA ASP A 52 9.05 0.67 -2.58
C ASP A 52 8.98 0.35 -1.09
N LEU A 53 9.84 -0.56 -0.65
CA LEU A 53 9.88 -0.96 0.76
C LEU A 53 10.61 0.09 1.59
N SER A 54 11.74 0.56 1.09
CA SER A 54 12.53 1.56 1.79
C SER A 54 11.80 2.90 1.84
N SER A 55 11.11 3.23 0.75
CA SER A 55 10.36 4.49 0.67
C SER A 55 9.30 4.56 1.76
N ILE A 56 8.62 3.45 1.99
CA ILE A 56 7.58 3.38 3.00
C ILE A 56 8.16 3.56 4.40
N ARG A 57 9.23 2.82 4.69
CA ARG A 57 9.89 2.91 5.99
C ARG A 57 10.46 4.29 6.23
N ASP A 58 11.02 4.89 5.18
CA ASP A 58 11.61 6.23 5.29
C ASP A 58 10.52 7.28 5.39
N GLY A 59 9.43 7.08 4.66
CA GLY A 59 8.33 8.03 4.69
C GLY A 59 7.66 8.11 6.04
N ILE A 60 7.47 6.95 6.67
CA ILE A 60 6.83 6.90 7.98
C ILE A 60 7.72 7.53 9.05
N GLU A 61 9.00 7.17 9.04
CA GLU A 61 9.95 7.70 10.01
C GLU A 61 10.16 9.20 9.80
N LYS A 62 9.97 9.64 8.56
CA LYS A 62 10.13 11.06 8.22
C LYS A 62 8.82 11.81 8.38
N GLY A 63 7.72 11.06 8.46
CA GLY A 63 6.41 11.67 8.61
C GLY A 63 5.94 12.34 7.33
N THR A 64 6.40 11.83 6.19
CA THR A 64 6.02 12.38 4.90
C THR A 64 4.52 12.63 4.83
N TYR A 65 3.75 11.74 5.44
CA TYR A 65 2.29 11.86 5.44
C TYR A 65 1.86 13.17 6.10
N ALA A 66 0.56 13.34 6.28
CA ALA A 66 0.02 14.53 6.91
C ALA A 66 -0.94 14.18 8.04
N THR A 67 -1.73 13.14 7.85
CA THR A 67 -2.69 12.69 8.85
C THR A 67 -3.29 11.34 8.49
N ASP A 68 -4.29 10.92 9.26
CA ASP A 68 -4.95 9.65 9.01
C ASP A 68 -5.57 9.61 7.61
N VAL A 69 -6.04 10.76 7.15
CA VAL A 69 -6.66 10.87 5.84
C VAL A 69 -5.63 10.64 4.73
N ASP A 70 -4.51 11.35 4.82
CA ASP A 70 -3.46 11.22 3.83
C ASP A 70 -2.91 9.79 3.79
N VAL A 71 -2.82 9.17 4.96
CA VAL A 71 -2.31 7.81 5.07
C VAL A 71 -3.28 6.82 4.43
N GLN A 72 -4.57 6.99 4.71
CA GLN A 72 -5.59 6.10 4.16
C GLN A 72 -5.63 6.19 2.64
N ASN A 73 -5.48 7.41 2.12
CA ASN A 73 -5.50 7.64 0.68
C ASN A 73 -4.25 7.07 0.03
N ASP A 74 -3.11 7.22 0.69
CA ASP A 74 -1.84 6.71 0.18
C ASP A 74 -1.88 5.19 0.04
N VAL A 75 -2.27 4.52 1.13
CA VAL A 75 -2.35 3.07 1.13
C VAL A 75 -3.39 2.56 0.13
N ALA A 76 -4.54 3.24 0.10
CA ALA A 76 -5.61 2.86 -0.81
C ALA A 76 -5.14 2.87 -2.26
N ARG A 77 -4.45 3.94 -2.65
CA ARG A 77 -3.95 4.07 -4.01
C ARG A 77 -2.85 3.04 -4.28
N MET A 78 -2.03 2.77 -3.27
CA MET A 78 -0.95 1.81 -3.41
C MET A 78 -1.49 0.43 -3.76
N ILE A 79 -2.51 0.00 -3.02
CA ILE A 79 -3.11 -1.31 -3.26
C ILE A 79 -3.84 -1.34 -4.61
N THR A 80 -4.54 -0.27 -4.92
CA THR A 80 -5.28 -0.18 -6.18
C THR A 80 -4.35 -0.38 -7.38
N ASN A 81 -3.22 0.31 -7.35
CA ASN A 81 -2.24 0.21 -8.43
C ASN A 81 -1.56 -1.15 -8.42
N ALA A 82 -1.30 -1.67 -7.23
CA ALA A 82 -0.65 -2.97 -7.08
C ALA A 82 -1.45 -4.06 -7.80
N LEU A 83 -2.73 -4.17 -7.45
CA LEU A 83 -3.60 -5.17 -8.07
C LEU A 83 -3.86 -4.84 -9.54
N GLU A 84 -3.94 -3.54 -9.84
CA GLU A 84 -4.19 -3.10 -11.20
C GLU A 84 -3.05 -3.52 -12.13
N TYR A 85 -1.86 -3.64 -11.58
CA TYR A 85 -0.68 -4.03 -12.36
C TYR A 85 -0.56 -5.55 -12.43
N ASN A 86 -0.85 -6.21 -11.31
CA ASN A 86 -0.77 -7.66 -11.24
C ASN A 86 -1.98 -8.31 -11.92
N ALA A 87 -2.92 -7.47 -12.36
CA ALA A 87 -4.13 -7.95 -13.02
C ALA A 87 -3.80 -8.55 -14.38
N LYS A 88 -3.64 -9.88 -14.42
CA LYS A 88 -3.33 -10.57 -15.66
C LYS A 88 -3.65 -12.05 -15.55
N GLY A 89 -4.58 -12.39 -14.66
CA GLY A 89 -4.97 -13.77 -14.47
C GLY A 89 -6.48 -13.95 -14.46
N SER A 90 -7.06 -13.98 -13.26
CA SER A 90 -8.50 -14.15 -13.11
C SER A 90 -8.90 -14.13 -11.65
N THR A 91 -8.61 -15.22 -10.95
CA THR A 91 -8.94 -15.34 -9.53
C THR A 91 -8.15 -14.33 -8.70
N TRP A 92 -6.90 -14.11 -9.08
CA TRP A 92 -6.04 -13.17 -8.37
C TRP A 92 -6.64 -11.76 -8.39
N TYR A 93 -7.28 -11.42 -9.49
CA TYR A 93 -7.89 -10.10 -9.64
C TYR A 93 -9.04 -9.92 -8.66
N GLN A 94 -9.85 -10.97 -8.50
CA GLN A 94 -10.99 -10.92 -7.60
C GLN A 94 -10.52 -10.89 -6.15
N GLU A 95 -9.45 -11.63 -5.86
CA GLU A 95 -8.90 -11.68 -4.50
C GLU A 95 -8.36 -10.32 -4.09
N ALA A 96 -7.58 -9.70 -4.97
CA ALA A 96 -7.00 -8.39 -4.68
C ALA A 96 -8.08 -7.31 -4.63
N MET A 97 -9.08 -7.44 -5.49
CA MET A 97 -10.17 -6.47 -5.54
C MET A 97 -11.08 -6.62 -4.32
N SER A 98 -11.39 -7.85 -3.97
CA SER A 98 -12.25 -8.14 -2.82
C SER A 98 -11.59 -7.70 -1.53
N PHE A 99 -10.30 -7.98 -1.41
CA PHE A 99 -9.54 -7.61 -0.21
C PHE A 99 -9.37 -6.10 -0.11
N ARG A 100 -9.02 -5.49 -1.24
CA ARG A 100 -8.82 -4.04 -1.28
C ARG A 100 -10.07 -3.30 -0.83
N LYS A 101 -11.21 -3.96 -0.95
CA LYS A 101 -12.48 -3.37 -0.55
C LYS A 101 -12.61 -3.30 0.97
N THR A 102 -11.82 -4.14 1.65
CA THR A 102 -11.84 -4.19 3.11
C THR A 102 -10.51 -3.68 3.69
N TYR A 103 -9.51 -3.53 2.83
CA TYR A 103 -8.20 -3.07 3.25
C TYR A 103 -8.26 -1.61 3.69
N LEU A 104 -8.77 -0.75 2.82
CA LEU A 104 -8.89 0.67 3.13
C LEU A 104 -9.99 0.92 4.15
N ASP A 105 -11.06 0.13 4.08
CA ASP A 105 -12.17 0.26 5.01
C ASP A 105 -11.72 0.01 6.44
N LEU A 106 -10.99 -1.08 6.65
CA LEU A 106 -10.50 -1.43 7.97
C LEU A 106 -9.55 -0.35 8.50
N ALA A 107 -9.02 0.46 7.60
CA ALA A 107 -8.09 1.52 7.97
C ALA A 107 -8.77 2.89 7.87
N ARG A 108 -10.10 2.89 7.93
CA ARG A 108 -10.86 4.13 7.85
C ARG A 108 -11.76 4.31 9.06
N GLN A 109 -12.54 3.27 9.37
CA GLN A 109 -13.45 3.31 10.51
C GLN A 109 -12.67 3.25 11.83
N SER A 110 -11.57 2.51 11.82
CA SER A 110 -10.74 2.36 13.01
C SER A 110 -9.50 3.24 12.92
N GLY A 111 -9.19 3.70 11.71
CA GLY A 111 -8.03 4.54 11.51
C GLY A 111 -8.40 5.95 11.11
N MET A 1 3.91 -3.09 23.31
CA MET A 1 2.48 -3.36 23.41
C MET A 1 1.67 -2.11 23.05
N SER A 2 1.10 -2.11 21.85
CA SER A 2 0.31 -0.98 21.38
C SER A 2 1.17 0.28 21.27
N LYS A 3 0.62 1.32 20.64
CA LYS A 3 1.33 2.58 20.47
C LYS A 3 0.41 3.64 19.87
N ASN A 4 0.95 4.84 19.69
CA ASN A 4 0.19 5.94 19.11
C ASN A 4 -0.36 5.58 17.73
N GLU A 5 -1.66 5.28 17.68
CA GLU A 5 -2.29 4.92 16.42
C GLU A 5 -2.57 6.15 15.56
N ARG A 6 -2.76 7.28 16.23
CA ARG A 6 -3.04 8.54 15.53
C ARG A 6 -2.99 9.71 16.50
N ASP A 7 -2.31 10.78 16.09
CA ASP A 7 -2.19 11.98 16.92
C ASP A 7 -2.14 13.24 16.06
N THR A 8 -2.90 13.24 14.97
CA THR A 8 -2.95 14.37 14.06
C THR A 8 -1.54 14.82 13.67
N SER A 9 -0.68 13.86 13.38
CA SER A 9 0.70 14.15 13.01
C SER A 9 1.42 12.89 12.55
N PHE A 10 1.31 11.83 13.33
CA PHE A 10 1.94 10.57 13.01
C PHE A 10 0.94 9.42 13.04
N ASN A 11 0.74 8.77 11.90
CA ASN A 11 -0.20 7.66 11.80
C ASN A 11 0.54 6.33 11.74
N LYS A 12 1.00 5.86 12.90
CA LYS A 12 1.72 4.59 12.99
C LYS A 12 0.81 3.43 12.60
N ASN A 13 -0.47 3.54 12.92
CA ASN A 13 -1.43 2.49 12.60
C ASN A 13 -1.45 2.21 11.10
N GLY A 14 -1.23 3.25 10.31
CA GLY A 14 -1.23 3.10 8.86
C GLY A 14 -0.04 2.30 8.37
N CYS A 15 1.11 2.53 8.99
CA CYS A 15 2.34 1.83 8.60
C CYS A 15 2.27 0.36 9.00
N LEU A 16 1.79 0.09 10.20
CA LEU A 16 1.68 -1.27 10.70
C LEU A 16 0.65 -2.06 9.88
N VAL A 17 -0.49 -1.45 9.64
CA VAL A 17 -1.55 -2.09 8.86
C VAL A 17 -1.14 -2.28 7.41
N PHE A 18 -0.38 -1.32 6.89
CA PHE A 18 0.09 -1.37 5.52
C PHE A 18 1.03 -2.56 5.30
N VAL A 19 2.13 -2.58 6.06
CA VAL A 19 3.10 -3.66 5.95
C VAL A 19 2.46 -5.01 6.27
N SER A 20 1.65 -5.05 7.32
CA SER A 20 0.98 -6.27 7.74
C SER A 20 0.10 -6.81 6.61
N ARG A 21 -0.71 -5.94 6.04
CA ARG A 21 -1.60 -6.33 4.95
C ARG A 21 -0.81 -6.70 3.70
N LEU A 22 0.27 -5.98 3.46
CA LEU A 22 1.12 -6.23 2.29
C LEU A 22 1.67 -7.66 2.32
N TRP A 23 2.17 -8.07 3.47
CA TRP A 23 2.72 -9.42 3.63
C TRP A 23 1.69 -10.47 3.24
N ASP A 24 0.45 -10.26 3.67
CA ASP A 24 -0.63 -11.20 3.36
C ASP A 24 -0.94 -11.21 1.87
N LEU A 25 -1.11 -10.02 1.30
CA LEU A 25 -1.40 -9.90 -0.13
C LEU A 25 -0.31 -10.53 -0.97
N ASP A 26 0.90 -10.56 -0.44
CA ASP A 26 2.04 -11.14 -1.14
C ASP A 26 1.94 -12.66 -1.16
N LYS A 27 1.26 -13.20 -2.17
CA LYS A 27 1.10 -14.64 -2.30
C LYS A 27 2.24 -15.25 -3.11
N LEU A 28 2.80 -14.46 -4.02
CA LEU A 28 3.90 -14.92 -4.86
C LEU A 28 5.08 -15.37 -4.01
N GLY A 29 5.20 -14.80 -2.81
CA GLY A 29 6.28 -15.15 -1.92
C GLY A 29 6.96 -13.93 -1.33
N MET A 30 7.18 -12.91 -2.16
CA MET A 30 7.83 -11.69 -1.72
C MET A 30 7.61 -10.56 -2.72
N PHE A 31 6.62 -9.72 -2.45
CA PHE A 31 6.29 -8.60 -3.32
C PHE A 31 6.50 -7.27 -2.60
N HIS A 32 7.40 -6.46 -3.13
CA HIS A 32 7.70 -5.16 -2.54
C HIS A 32 8.78 -4.43 -3.33
N HIS A 33 8.57 -4.31 -4.65
CA HIS A 33 9.53 -3.64 -5.52
C HIS A 33 8.84 -3.06 -6.74
N PRO A 34 9.46 -2.04 -7.35
CA PRO A 34 8.92 -1.37 -8.53
C PRO A 34 8.98 -2.26 -9.77
N VAL A 35 8.00 -2.09 -10.67
CA VAL A 35 7.94 -2.88 -11.89
C VAL A 35 8.93 -2.35 -12.93
N SER A 36 9.52 -3.27 -13.70
CA SER A 36 10.48 -2.90 -14.73
C SER A 36 9.78 -2.38 -15.97
N ALA A 37 10.30 -1.30 -16.53
CA ALA A 37 9.73 -0.70 -17.72
C ALA A 37 9.85 -1.63 -18.92
N GLU A 38 10.95 -2.38 -18.97
CA GLU A 38 11.18 -3.32 -20.06
C GLU A 38 9.98 -4.23 -20.27
N GLU A 39 9.37 -4.66 -19.17
CA GLU A 39 8.21 -5.54 -19.23
C GLU A 39 6.91 -4.73 -19.24
N LEU A 40 6.94 -3.57 -18.59
CA LEU A 40 5.78 -2.70 -18.51
C LEU A 40 6.07 -1.35 -19.14
N PRO A 41 6.05 -1.30 -20.48
CA PRO A 41 6.30 -0.07 -21.24
C PRO A 41 5.18 0.95 -21.09
N ASP A 42 4.03 0.49 -20.61
CA ASP A 42 2.87 1.35 -20.42
C ASP A 42 2.58 1.54 -18.94
N TYR A 43 3.58 1.29 -18.11
CA TYR A 43 3.42 1.44 -16.66
C TYR A 43 3.07 2.87 -16.29
N HIS A 44 3.62 3.83 -17.03
CA HIS A 44 3.35 5.23 -16.79
C HIS A 44 1.86 5.52 -16.82
N THR A 45 1.15 4.88 -17.75
CA THR A 45 -0.29 5.06 -17.88
C THR A 45 -1.05 4.13 -16.94
N VAL A 46 -0.41 3.03 -16.56
CA VAL A 46 -1.03 2.07 -15.66
C VAL A 46 -1.09 2.60 -14.24
N ILE A 47 0.04 3.04 -13.72
CA ILE A 47 0.12 3.58 -12.37
C ILE A 47 0.76 4.96 -12.36
N LYS A 48 1.79 5.14 -13.18
CA LYS A 48 2.49 6.41 -13.27
C LYS A 48 3.39 6.63 -12.06
N ARG A 49 2.80 6.63 -10.88
CA ARG A 49 3.55 6.82 -9.64
C ARG A 49 4.24 5.53 -9.23
N PRO A 50 5.59 5.53 -9.26
CA PRO A 50 6.40 4.37 -8.88
C PRO A 50 6.33 4.08 -7.38
N VAL A 51 6.14 2.81 -7.04
CA VAL A 51 6.07 2.41 -5.65
C VAL A 51 7.28 1.58 -5.25
N ASP A 52 7.93 1.97 -4.15
CA ASP A 52 9.11 1.27 -3.66
C ASP A 52 8.94 0.90 -2.19
N LEU A 53 9.66 -0.13 -1.77
CA LEU A 53 9.61 -0.59 -0.38
C LEU A 53 10.43 0.31 0.53
N SER A 54 11.63 0.66 0.07
CA SER A 54 12.52 1.52 0.84
C SER A 54 11.94 2.93 0.98
N SER A 55 11.31 3.40 -0.10
CA SER A 55 10.71 4.74 -0.10
C SER A 55 9.65 4.87 0.98
N ILE A 56 8.93 3.77 1.22
CA ILE A 56 7.88 3.76 2.24
C ILE A 56 8.48 3.82 3.64
N ARG A 57 9.48 2.98 3.89
CA ARG A 57 10.14 2.94 5.19
C ARG A 57 10.88 4.24 5.46
N ASP A 58 11.55 4.76 4.44
CA ASP A 58 12.30 6.00 4.58
C ASP A 58 11.36 7.20 4.69
N GLY A 59 10.27 7.17 3.92
CA GLY A 59 9.31 8.25 3.93
C GLY A 59 8.62 8.39 5.27
N ILE A 60 8.15 7.27 5.81
CA ILE A 60 7.45 7.27 7.09
C ILE A 60 8.41 7.64 8.23
N GLU A 61 9.63 7.11 8.17
CA GLU A 61 10.63 7.38 9.19
C GLU A 61 11.04 8.85 9.17
N LYS A 62 11.05 9.44 7.98
CA LYS A 62 11.43 10.84 7.83
C LYS A 62 10.22 11.75 8.06
N GLY A 63 9.02 11.21 7.89
CA GLY A 63 7.81 11.99 8.09
C GLY A 63 7.36 12.69 6.82
N THR A 64 7.70 12.11 5.67
CA THR A 64 7.32 12.69 4.38
C THR A 64 5.84 13.05 4.36
N TYR A 65 5.04 12.29 5.09
CA TYR A 65 3.60 12.53 5.15
C TYR A 65 3.30 13.89 5.75
N ALA A 66 2.02 14.18 5.96
CA ALA A 66 1.60 15.44 6.54
C ALA A 66 0.54 15.23 7.62
N THR A 67 -0.35 14.28 7.39
CA THR A 67 -1.40 13.97 8.35
C THR A 67 -2.13 12.68 7.98
N ASP A 68 -3.22 12.39 8.67
CA ASP A 68 -4.01 11.19 8.41
C ASP A 68 -4.50 11.16 6.97
N VAL A 69 -4.75 12.34 6.42
CA VAL A 69 -5.23 12.46 5.05
C VAL A 69 -4.16 12.04 4.05
N ASP A 70 -2.95 12.59 4.22
CA ASP A 70 -1.84 12.28 3.33
C ASP A 70 -1.51 10.79 3.39
N VAL A 71 -1.52 10.22 4.59
CA VAL A 71 -1.22 8.82 4.78
C VAL A 71 -2.27 7.94 4.11
N GLN A 72 -3.54 8.26 4.34
CA GLN A 72 -4.64 7.49 3.76
C GLN A 72 -4.56 7.52 2.23
N ASN A 73 -4.22 8.68 1.69
CA ASN A 73 -4.11 8.84 0.24
C ASN A 73 -2.95 8.02 -0.32
N ASP A 74 -1.84 8.02 0.40
CA ASP A 74 -0.65 7.28 -0.03
C ASP A 74 -0.95 5.78 -0.08
N VAL A 75 -1.48 5.24 1.01
CA VAL A 75 -1.81 3.83 1.09
C VAL A 75 -2.85 3.45 0.05
N ALA A 76 -3.83 4.34 -0.15
CA ALA A 76 -4.89 4.10 -1.12
C ALA A 76 -4.32 3.95 -2.53
N ARG A 77 -3.40 4.83 -2.89
CA ARG A 77 -2.77 4.79 -4.21
C ARG A 77 -1.97 3.51 -4.40
N MET A 78 -1.18 3.15 -3.39
CA MET A 78 -0.37 1.96 -3.44
C MET A 78 -1.23 0.71 -3.64
N ILE A 79 -2.36 0.66 -2.93
CA ILE A 79 -3.27 -0.47 -3.03
C ILE A 79 -3.92 -0.53 -4.41
N THR A 80 -4.28 0.64 -4.93
CA THR A 80 -4.92 0.72 -6.24
C THR A 80 -4.00 0.19 -7.33
N ASN A 81 -2.74 0.61 -7.30
CA ASN A 81 -1.75 0.18 -8.29
C ASN A 81 -1.40 -1.29 -8.09
N ALA A 82 -1.37 -1.73 -6.84
CA ALA A 82 -1.04 -3.11 -6.52
C ALA A 82 -2.09 -4.07 -7.11
N LEU A 83 -3.35 -3.71 -6.98
CA LEU A 83 -4.44 -4.54 -7.50
C LEU A 83 -4.58 -4.36 -9.02
N GLU A 84 -4.26 -3.17 -9.50
CA GLU A 84 -4.35 -2.87 -10.92
C GLU A 84 -3.26 -3.61 -11.70
N TYR A 85 -2.03 -3.52 -11.22
CA TYR A 85 -0.90 -4.17 -11.87
C TYR A 85 -0.97 -5.69 -11.68
N ASN A 86 -1.72 -6.12 -10.67
CA ASN A 86 -1.87 -7.54 -10.39
C ASN A 86 -3.15 -8.09 -11.03
N ALA A 87 -3.87 -7.22 -11.74
CA ALA A 87 -5.10 -7.62 -12.41
C ALA A 87 -4.81 -8.56 -13.58
N LYS A 88 -4.96 -9.86 -13.34
CA LYS A 88 -4.72 -10.85 -14.38
C LYS A 88 -6.01 -11.55 -14.79
N GLY A 89 -6.51 -12.42 -13.93
CA GLY A 89 -7.74 -13.14 -14.21
C GLY A 89 -7.78 -14.50 -13.55
N SER A 90 -8.03 -14.52 -12.24
CA SER A 90 -8.10 -15.77 -11.50
C SER A 90 -8.41 -15.50 -10.02
N THR A 91 -8.29 -16.54 -9.20
CA THR A 91 -8.56 -16.42 -7.78
C THR A 91 -7.77 -15.27 -7.16
N TRP A 92 -6.58 -15.01 -7.71
CA TRP A 92 -5.73 -13.94 -7.21
C TRP A 92 -6.42 -12.59 -7.36
N TYR A 93 -7.10 -12.40 -8.48
CA TYR A 93 -7.80 -11.14 -8.76
C TYR A 93 -8.87 -10.88 -7.69
N GLN A 94 -9.66 -11.90 -7.40
CA GLN A 94 -10.72 -11.79 -6.41
C GLN A 94 -10.14 -11.53 -5.02
N GLU A 95 -9.04 -12.21 -4.71
CA GLU A 95 -8.39 -12.06 -3.42
C GLU A 95 -7.93 -10.62 -3.20
N ALA A 96 -7.30 -10.04 -4.21
CA ALA A 96 -6.81 -8.67 -4.13
C ALA A 96 -7.97 -7.68 -4.08
N MET A 97 -9.03 -7.99 -4.82
CA MET A 97 -10.21 -7.13 -4.86
C MET A 97 -10.96 -7.16 -3.53
N SER A 98 -11.08 -8.35 -2.96
CA SER A 98 -11.78 -8.51 -1.69
C SER A 98 -11.00 -7.86 -0.56
N PHE A 99 -9.68 -8.03 -0.57
CA PHE A 99 -8.82 -7.46 0.46
C PHE A 99 -8.77 -5.93 0.33
N ARG A 100 -8.80 -5.45 -0.91
CA ARG A 100 -8.75 -4.02 -1.16
C ARG A 100 -9.89 -3.30 -0.45
N LYS A 101 -10.96 -4.03 -0.18
CA LYS A 101 -12.13 -3.46 0.50
C LYS A 101 -11.83 -3.25 1.98
N THR A 102 -10.85 -3.97 2.50
CA THR A 102 -10.47 -3.87 3.91
C THR A 102 -9.08 -3.26 4.06
N TYR A 103 -8.38 -3.09 2.94
CA TYR A 103 -7.05 -2.51 2.95
C TYR A 103 -7.08 -1.05 3.40
N LEU A 104 -7.90 -0.26 2.73
CA LEU A 104 -8.03 1.16 3.05
C LEU A 104 -8.77 1.34 4.38
N ASP A 105 -9.81 0.54 4.59
CA ASP A 105 -10.60 0.61 5.81
C ASP A 105 -9.71 0.41 7.04
N LEU A 106 -8.90 -0.64 7.02
CA LEU A 106 -8.01 -0.95 8.13
C LEU A 106 -6.94 0.13 8.28
N ALA A 107 -6.69 0.85 7.19
CA ALA A 107 -5.68 1.91 7.19
C ALA A 107 -6.34 3.28 7.05
N ARG A 108 -7.36 3.53 7.86
CA ARG A 108 -8.07 4.80 7.82
C ARG A 108 -9.12 4.87 8.92
N GLN A 109 -9.88 3.78 9.09
CA GLN A 109 -10.91 3.73 10.11
C GLN A 109 -10.30 3.64 11.51
N SER A 110 -9.17 2.97 11.62
CA SER A 110 -8.48 2.81 12.89
C SER A 110 -7.29 3.76 12.99
N GLY A 111 -6.90 4.32 11.86
CA GLY A 111 -5.78 5.24 11.84
C GLY A 111 -6.08 6.54 12.57
#